data_2XLL
#
_entry.id   2XLL
#
_cell.length_a   52.793
_cell.length_b   83.602
_cell.length_c   143.148
_cell.angle_alpha   89.98
_cell.angle_beta   89.89
_cell.angle_gamma   89.90
#
_symmetry.space_group_name_H-M   'P 1'
#
loop_
_entity.id
_entity.type
_entity.pdbx_description
1 polymer 'BILIRUBIN OXIDASE'
2 branched 2-acetamido-2-deoxy-beta-D-glucopyranose-(1-4)-2-acetamido-2-deoxy-beta-D-glucopyranose
3 non-polymer 'COPPER (II) ION'
4 water water
#
_entity_poly.entity_id   1
_entity_poly.type   'polypeptide(L)'
_entity_poly.pdbx_seq_one_letter_code
;VAQISPQYPMFTVPLPIPPVKQPRLTVTNPVNGQEIWYYEVEIKPFTHQVYPDLGSADLVGYDGMSPGPTFQVPRGVETV
VRFINNAEAPNSVHLHGSFSRAAFDGWAEDITEPGSFKDYYYPNRQSARTLWYHDHAMHITAENAYRGQAGLYMLTDPAE
DALNLPSGYGEFDIPMILTSKQYTANGNLVTTNGELNSFWGDVIHVNGQPWPFKNVEPRKYRFRFLDAAVSRSFGLYFAD
TDAIDTRLPFKVIASDSGLLEHPADTSLLYISMAERYEVVFDFSDYAGKTIELRNLGGSIGGIGTDTDYDNTDKVMRFVV
ADDTTQPDTSVVPANLRDVPFPSPTTNTPRQFRFGRTGPTWTINGVAFADVQNRLLANVPVGTVERWELINAGNGWTHPI
HIHLVDFKVISRTSGNNARTVMPYESGLKDVVWLGRRETVVVEAHYAPFPGVYMFHCHNLIHEDHDMMAAFNATVLPDYG
YNATVFVDPMEELWQARPYELGEFQAQSGQFSVQAVTERIQTMAEYRPYAAADE
;
_entity_poly.pdbx_strand_id   A,B,C,D
#
loop_
_chem_comp.id
_chem_comp.type
_chem_comp.name
_chem_comp.formula
CU non-polymer 'COPPER (II) ION' 'Cu 2'
NAG D-saccharide, beta linking 2-acetamido-2-deoxy-beta-D-glucopyranose 'C8 H15 N O6'
#
# COMPACT_ATOMS: atom_id res chain seq x y z
N VAL A 1 29.34 -1.52 25.20
CA VAL A 1 29.87 -1.44 26.56
C VAL A 1 28.98 -2.26 27.50
N ALA A 2 29.60 -2.95 28.46
CA ALA A 2 28.87 -3.87 29.33
C ALA A 2 27.86 -3.14 30.20
N GLN A 3 26.62 -3.62 30.20
CA GLN A 3 25.57 -3.00 30.99
C GLN A 3 26.00 -2.95 32.46
N ILE A 4 25.75 -1.84 33.15
CA ILE A 4 26.15 -1.73 34.55
C ILE A 4 24.97 -2.03 35.49
N SER A 5 23.80 -1.50 35.14
CA SER A 5 22.59 -1.83 35.87
C SER A 5 22.33 -3.33 35.84
N PRO A 6 21.67 -3.85 36.86
CA PRO A 6 21.40 -5.30 36.85
C PRO A 6 20.46 -5.71 35.73
N GLN A 7 20.49 -6.98 35.35
CA GLN A 7 19.70 -7.50 34.23
C GLN A 7 18.22 -7.36 34.51
N TYR A 8 17.46 -6.92 33.49
CA TYR A 8 16.02 -6.74 33.62
C TYR A 8 15.31 -7.81 32.78
N PRO A 9 14.08 -8.22 33.18
CA PRO A 9 13.22 -9.11 32.36
C PRO A 9 12.55 -8.42 31.16
N MET A 10 13.34 -8.20 30.11
CA MET A 10 12.93 -7.46 28.91
C MET A 10 11.52 -7.73 28.43
N PHE A 11 10.81 -6.66 28.10
CA PHE A 11 9.56 -6.75 27.37
C PHE A 11 8.49 -7.61 28.04
N THR A 12 8.46 -7.63 29.38
CA THR A 12 7.45 -8.37 30.15
C THR A 12 6.40 -7.50 30.85
N VAL A 13 6.67 -6.20 30.99
CA VAL A 13 5.70 -5.27 31.61
C VAL A 13 5.01 -4.41 30.56
N PRO A 14 3.68 -4.35 30.60
CA PRO A 14 2.97 -3.54 29.59
C PRO A 14 3.32 -2.06 29.72
N LEU A 15 3.25 -1.33 28.62
CA LEU A 15 3.50 0.11 28.63
C LEU A 15 2.43 0.79 29.47
N PRO A 16 2.84 1.53 30.51
CA PRO A 16 1.90 2.33 31.30
C PRO A 16 1.52 3.61 30.58
N ILE A 17 0.33 4.12 30.86
CA ILE A 17 -0.09 5.42 30.33
C ILE A 17 -0.33 6.33 31.51
N PRO A 18 0.37 7.49 31.56
CA PRO A 18 0.12 8.44 32.64
C PRO A 18 -1.33 8.92 32.56
N PRO A 19 -2.00 9.03 33.72
CA PRO A 19 -3.41 9.41 33.78
C PRO A 19 -3.62 10.88 33.46
N VAL A 20 -4.79 11.24 32.93
CA VAL A 20 -5.09 12.62 32.64
C VAL A 20 -5.25 13.40 33.93
N LYS A 21 -4.64 14.58 33.96
CA LYS A 21 -4.75 15.45 35.12
C LYS A 21 -6.00 16.31 34.96
N GLN A 22 -6.92 16.20 35.91
CA GLN A 22 -8.11 17.02 35.85
C GLN A 22 -8.00 18.25 36.77
N PRO A 23 -8.58 19.37 36.32
CA PRO A 23 -8.57 20.59 37.12
C PRO A 23 -9.47 20.43 38.34
N ARG A 24 -9.19 21.17 39.40
CA ARG A 24 -10.02 21.15 40.59
C ARG A 24 -11.31 21.92 40.36
N LEU A 25 -11.20 23.06 39.68
CA LEU A 25 -12.33 23.96 39.49
C LEU A 25 -12.01 25.01 38.43
N THR A 26 -12.98 25.85 38.14
CA THR A 26 -12.78 26.96 37.20
C THR A 26 -13.19 28.28 37.86
N VAL A 27 -12.43 29.33 37.58
CA VAL A 27 -12.73 30.66 38.09
C VAL A 27 -13.10 31.52 36.92
N THR A 28 -14.15 32.31 37.06
CA THR A 28 -14.50 33.21 35.97
C THR A 28 -13.60 34.45 35.96
N ASN A 29 -12.93 34.65 34.83
CA ASN A 29 -12.09 35.83 34.61
C ASN A 29 -12.96 37.06 34.60
N PRO A 30 -12.77 37.96 35.58
CA PRO A 30 -13.59 39.15 35.73
C PRO A 30 -13.51 40.06 34.51
N VAL A 31 -12.41 40.00 33.77
CA VAL A 31 -12.19 40.92 32.65
C VAL A 31 -13.03 40.61 31.41
N ASN A 32 -13.12 39.33 31.06
CA ASN A 32 -13.84 38.92 29.85
C ASN A 32 -14.96 37.91 30.12
N GLY A 33 -15.11 37.49 31.37
CA GLY A 33 -16.18 36.59 31.76
C GLY A 33 -15.99 35.12 31.44
N GLN A 34 -14.78 34.75 31.00
CA GLN A 34 -14.51 33.36 30.59
C GLN A 34 -13.94 32.55 31.73
N GLU A 35 -14.09 31.23 31.64
CA GLU A 35 -13.63 30.31 32.67
C GLU A 35 -12.14 29.97 32.59
N ILE A 36 -11.44 30.18 33.70
CA ILE A 36 -10.04 29.79 33.78
C ILE A 36 -9.93 28.52 34.60
N TRP A 37 -9.31 27.49 34.02
CA TRP A 37 -9.18 26.20 34.70
C TRP A 37 -8.06 26.25 35.74
N TYR A 38 -8.37 25.80 36.95
CA TYR A 38 -7.41 25.82 38.05
C TYR A 38 -7.03 24.40 38.50
N TYR A 39 -5.72 24.13 38.60
CA TYR A 39 -5.23 22.80 38.96
C TYR A 39 -4.30 22.91 40.13
N GLU A 40 -4.16 21.81 40.88
CA GLU A 40 -3.21 21.71 42.00
C GLU A 40 -2.37 20.46 41.84
N VAL A 41 -1.07 20.67 41.79
CA VAL A 41 -0.12 19.58 41.69
C VAL A 41 0.76 19.59 42.92
N GLU A 42 0.97 18.43 43.51
CA GLU A 42 1.77 18.34 44.72
C GLU A 42 3.09 17.67 44.41
N ILE A 43 4.19 18.40 44.49
CA ILE A 43 5.49 17.75 44.27
C ILE A 43 5.87 16.97 45.54
N LYS A 44 6.08 15.66 45.40
CA LYS A 44 6.36 14.82 46.57
C LYS A 44 7.07 13.53 46.22
N PRO A 45 7.89 13.02 47.17
CA PRO A 45 8.67 11.78 46.99
C PRO A 45 7.76 10.57 47.02
N PHE A 46 8.16 9.50 46.32
CA PHE A 46 7.40 8.25 46.30
C PHE A 46 8.34 7.08 45.94
N THR A 47 7.88 5.88 46.23
CA THR A 47 8.68 4.67 46.03
C THR A 47 8.20 3.96 44.79
N HIS A 48 9.11 3.43 43.99
CA HIS A 48 8.68 2.70 42.81
C HIS A 48 9.45 1.40 42.68
N GLN A 49 8.71 0.30 42.57
CA GLN A 49 9.29 -1.02 42.42
C GLN A 49 9.62 -1.25 40.95
N VAL A 50 10.87 -1.00 40.57
CA VAL A 50 11.26 -1.11 39.15
C VAL A 50 11.71 -2.52 38.80
N TYR A 51 12.65 -3.08 39.57
CA TYR A 51 13.06 -4.47 39.38
C TYR A 51 12.23 -5.38 40.28
N PRO A 52 11.40 -6.24 39.68
CA PRO A 52 10.48 -7.10 40.44
C PRO A 52 11.10 -7.87 41.61
N ASP A 53 12.39 -8.20 41.55
CA ASP A 53 12.96 -9.03 42.59
C ASP A 53 13.96 -8.31 43.51
N LEU A 54 14.23 -7.05 43.21
CA LEU A 54 15.18 -6.28 44.02
C LEU A 54 14.45 -5.27 44.90
N GLY A 55 15.19 -4.31 45.47
CA GLY A 55 14.60 -3.25 46.26
C GLY A 55 13.84 -2.26 45.39
N SER A 56 13.37 -1.18 46.00
CA SER A 56 12.62 -0.18 45.26
C SER A 56 13.48 1.02 44.89
N ALA A 57 12.95 1.89 44.05
CA ALA A 57 13.63 3.12 43.66
C ALA A 57 12.97 4.34 44.31
N ASP A 58 13.79 5.33 44.67
CA ASP A 58 13.33 6.56 45.33
C ASP A 58 13.17 7.71 44.33
N LEU A 59 11.93 8.04 43.99
CA LEU A 59 11.67 9.11 43.05
C LEU A 59 10.96 10.30 43.70
N VAL A 60 10.93 11.40 42.96
CA VAL A 60 10.19 12.58 43.36
C VAL A 60 9.49 13.10 42.12
N GLY A 61 8.16 13.20 42.18
CA GLY A 61 7.41 13.60 41.01
C GLY A 61 6.12 14.38 41.26
N TYR A 62 5.61 14.97 40.17
CA TYR A 62 4.36 15.69 40.24
C TYR A 62 3.27 14.69 40.61
N ASP A 63 2.50 15.01 41.65
CA ASP A 63 1.45 14.12 42.16
C ASP A 63 1.96 12.73 42.50
N GLY A 64 3.24 12.63 42.86
CA GLY A 64 3.79 11.36 43.31
C GLY A 64 3.87 10.28 42.23
N MET A 65 3.98 10.71 40.99
CA MET A 65 4.13 9.78 39.88
C MET A 65 5.16 10.29 38.88
N SER A 66 5.62 9.38 38.03
CA SER A 66 6.59 9.73 37.01
C SER A 66 6.32 8.78 35.85
N PRO A 67 6.04 9.34 34.67
CA PRO A 67 5.88 10.78 34.42
C PRO A 67 4.75 11.39 35.25
N GLY A 68 4.70 12.72 35.32
CA GLY A 68 3.58 13.39 35.94
C GLY A 68 2.32 13.21 35.11
N PRO A 69 1.15 13.50 35.69
CA PRO A 69 -0.07 13.25 34.93
C PRO A 69 -0.10 14.13 33.69
N THR A 70 -0.83 13.70 32.67
CA THR A 70 -0.94 14.42 31.39
C THR A 70 -2.03 15.47 31.39
N PHE A 71 -1.66 16.72 31.08
CA PHE A 71 -2.65 17.78 30.96
C PHE A 71 -3.24 17.74 29.57
N GLN A 72 -4.52 18.08 29.45
CA GLN A 72 -5.21 18.18 28.17
C GLN A 72 -6.05 19.43 28.17
N VAL A 73 -5.57 20.46 27.51
CA VAL A 73 -6.16 21.78 27.56
C VAL A 73 -6.45 22.27 26.15
N PRO A 74 -7.70 22.63 25.85
CA PRO A 74 -8.07 23.18 24.54
C PRO A 74 -7.54 24.60 24.33
N ARG A 75 -7.04 24.94 23.14
CA ARG A 75 -6.67 26.32 22.85
C ARG A 75 -7.80 27.26 23.24
N GLY A 76 -7.43 28.45 23.72
CA GLY A 76 -8.42 29.46 24.07
C GLY A 76 -8.81 29.46 25.53
N VAL A 77 -8.46 28.40 26.26
CA VAL A 77 -8.77 28.25 27.70
C VAL A 77 -7.56 28.57 28.57
N GLU A 78 -7.56 29.69 29.28
CA GLU A 78 -6.42 29.99 30.14
C GLU A 78 -6.43 29.05 31.34
N THR A 79 -5.24 28.66 31.80
CA THR A 79 -5.14 27.77 32.95
C THR A 79 -4.24 28.37 34.00
N VAL A 80 -4.53 28.05 35.26
CA VAL A 80 -3.66 28.39 36.35
C VAL A 80 -3.34 27.09 37.10
N VAL A 81 -2.05 26.82 37.27
CA VAL A 81 -1.61 25.58 37.89
C VAL A 81 -0.75 25.93 39.12
N ARG A 82 -1.21 25.48 40.27
CA ARG A 82 -0.53 25.74 41.52
C ARG A 82 0.34 24.54 41.83
N PHE A 83 1.65 24.70 41.68
CA PHE A 83 2.59 23.62 41.99
C PHE A 83 3.04 23.74 43.45
N ILE A 84 2.68 22.75 44.25
CA ILE A 84 2.94 22.77 45.67
C ILE A 84 4.16 21.93 45.95
N ASN A 85 5.23 22.54 46.48
CA ASN A 85 6.43 21.78 46.80
C ASN A 85 6.30 21.10 48.15
N ASN A 86 6.20 19.78 48.14
CA ASN A 86 6.18 19.00 49.38
C ASN A 86 7.30 17.97 49.33
N ALA A 87 8.42 18.38 48.74
CA ALA A 87 9.60 17.53 48.63
C ALA A 87 10.73 18.06 49.50
N GLU A 88 11.96 17.76 49.13
CA GLU A 88 13.09 18.05 50.00
C GLU A 88 14.18 18.84 49.30
N ALA A 89 13.86 19.36 48.13
CA ALA A 89 14.76 20.26 47.43
C ALA A 89 13.91 21.26 46.67
N PRO A 90 14.49 22.40 46.30
CA PRO A 90 13.76 23.47 45.58
C PRO A 90 13.28 23.05 44.20
N ASN A 91 12.26 23.72 43.66
CA ASN A 91 11.79 23.44 42.32
C ASN A 91 11.51 24.71 41.50
N SER A 92 11.47 24.58 40.19
CA SER A 92 11.04 25.68 39.33
C SER A 92 10.41 25.08 38.10
N VAL A 93 9.10 25.28 37.93
CA VAL A 93 8.38 24.57 36.90
C VAL A 93 8.39 25.30 35.58
N HIS A 94 8.82 24.60 34.53
CA HIS A 94 8.85 25.18 33.21
C HIS A 94 7.95 24.41 32.27
N LEU A 95 7.00 25.11 31.67
CA LEU A 95 6.15 24.50 30.66
C LEU A 95 6.81 24.78 29.31
N HIS A 96 7.50 23.77 28.79
CA HIS A 96 8.29 23.88 27.58
C HIS A 96 7.43 23.82 26.32
N GLY A 97 7.53 24.86 25.49
CA GLY A 97 6.71 24.95 24.30
C GLY A 97 5.61 26.00 24.40
N SER A 98 5.55 26.72 25.51
CA SER A 98 4.51 27.73 25.76
C SER A 98 5.10 29.13 25.95
N PHE A 99 4.52 30.13 25.26
CA PHE A 99 5.04 31.51 25.37
C PHE A 99 4.59 32.25 26.63
N SER A 100 4.87 31.63 27.78
CA SER A 100 4.43 32.16 29.07
C SER A 100 5.17 33.45 29.41
N ARG A 101 4.58 34.28 30.27
CA ARG A 101 5.29 35.48 30.72
C ARG A 101 6.54 35.04 31.51
N ALA A 102 7.56 35.88 31.56
CA ALA A 102 8.83 35.57 32.20
C ALA A 102 8.69 34.95 33.60
N ALA A 103 7.79 35.50 34.41
CA ALA A 103 7.64 35.03 35.78
C ALA A 103 6.83 33.73 35.90
N PHE A 104 6.33 33.24 34.77
CA PHE A 104 5.56 31.99 34.75
C PHE A 104 6.27 30.96 33.88
N ASP A 105 7.52 31.23 33.52
CA ASP A 105 8.21 30.44 32.50
C ASP A 105 9.19 29.45 33.11
N GLY A 106 9.38 29.54 34.41
CA GLY A 106 10.32 28.66 35.09
C GLY A 106 11.75 29.15 35.06
N TRP A 107 11.93 30.46 35.14
CA TRP A 107 13.26 31.02 35.23
C TRP A 107 14.03 30.26 36.29
N ALA A 108 15.27 29.89 35.96
CA ALA A 108 16.07 29.01 36.80
C ALA A 108 16.20 29.42 38.26
N GLU A 109 16.20 30.73 38.53
CA GLU A 109 16.34 31.21 39.91
C GLU A 109 14.99 31.45 40.56
N ASP A 110 13.93 31.35 39.78
CA ASP A 110 12.59 31.60 40.29
C ASP A 110 12.08 30.35 41.01
N ILE A 111 12.58 30.16 42.21
CA ILE A 111 12.49 28.91 42.94
C ILE A 111 11.31 28.85 43.91
N THR A 112 10.75 27.67 44.08
CA THR A 112 9.82 27.40 45.17
C THR A 112 10.50 26.44 46.14
N GLU A 113 10.63 26.82 47.41
CA GLU A 113 11.22 25.92 48.41
C GLU A 113 10.19 24.94 48.95
N PRO A 114 10.64 23.84 49.57
CA PRO A 114 9.74 22.94 50.28
C PRO A 114 8.92 23.75 51.28
N GLY A 115 7.64 23.44 51.45
CA GLY A 115 6.81 24.22 52.35
C GLY A 115 6.21 25.45 51.69
N SER A 116 6.38 25.56 50.38
CA SER A 116 5.83 26.68 49.60
C SER A 116 5.16 26.19 48.32
N PHE A 117 4.41 27.08 47.68
CA PHE A 117 3.83 26.80 46.37
C PHE A 117 3.97 28.02 45.45
N LYS A 118 3.84 27.81 44.15
CA LYS A 118 3.76 28.92 43.20
C LYS A 118 2.63 28.70 42.20
N ASP A 119 1.86 29.75 41.93
CA ASP A 119 0.80 29.72 40.92
C ASP A 119 1.31 30.14 39.54
N TYR A 120 1.11 29.27 38.56
CA TYR A 120 1.53 29.53 37.20
C TYR A 120 0.33 29.84 36.30
N TYR A 121 0.44 30.94 35.56
CA TYR A 121 -0.66 31.42 34.74
C TYR A 121 -0.28 31.17 33.30
N TYR A 122 -0.92 30.18 32.68
CA TYR A 122 -0.61 29.73 31.33
C TYR A 122 -1.62 30.24 30.30
N PRO A 123 -1.14 30.67 29.12
CA PRO A 123 -1.97 31.31 28.10
C PRO A 123 -2.72 30.35 27.17
N ASN A 124 -2.07 29.25 26.77
CA ASN A 124 -2.70 28.27 25.88
C ASN A 124 -3.42 28.87 24.67
N ARG A 125 -2.77 29.85 24.04
CA ARG A 125 -3.31 30.49 22.84
C ARG A 125 -2.63 30.02 21.55
N GLN A 126 -1.60 29.20 21.71
CA GLN A 126 -0.72 28.80 20.61
C GLN A 126 -1.23 27.58 19.86
N SER A 127 -0.58 27.26 18.74
CA SER A 127 -1.01 26.12 17.92
C SER A 127 -0.96 24.82 18.70
N ALA A 128 -1.91 23.92 18.42
CA ALA A 128 -1.95 22.59 19.03
C ALA A 128 -0.58 21.93 18.93
N ARG A 129 -0.17 21.27 19.99
CA ARG A 129 1.17 20.72 20.05
C ARG A 129 1.29 19.95 21.34
N THR A 130 2.34 19.16 21.43
CA THR A 130 2.64 18.43 22.63
C THR A 130 3.66 19.22 23.41
N LEU A 131 3.21 19.85 24.49
CA LEU A 131 4.12 20.50 25.41
C LEU A 131 4.51 19.50 26.47
N TRP A 132 5.48 19.87 27.30
CA TRP A 132 5.77 19.09 28.49
C TRP A 132 6.25 20.01 29.57
N TYR A 133 5.88 19.71 30.81
CA TYR A 133 6.32 20.50 31.92
C TYR A 133 7.36 19.75 32.74
N HIS A 134 8.35 20.47 33.26
CA HIS A 134 9.42 19.83 33.98
C HIS A 134 10.23 20.85 34.77
N ASP A 135 11.04 20.35 35.70
CA ASP A 135 11.78 21.21 36.60
C ASP A 135 12.90 21.97 35.91
N HIS A 136 13.25 23.12 36.47
CA HIS A 136 14.29 23.96 35.89
C HIS A 136 15.10 24.65 37.00
N ALA A 137 14.97 24.20 38.24
CA ALA A 137 15.71 24.85 39.35
C ALA A 137 17.21 24.92 39.05
N MET A 138 17.81 26.10 39.24
CA MET A 138 19.21 26.29 38.86
C MET A 138 20.19 25.29 39.54
N HIS A 139 21.07 24.70 38.73
CA HIS A 139 22.14 23.78 39.17
C HIS A 139 21.71 22.40 39.67
N ILE A 140 20.42 22.13 39.71
CA ILE A 140 19.93 20.85 40.16
C ILE A 140 18.81 20.36 39.26
N THR A 141 18.73 20.92 38.05
CA THR A 141 17.72 20.52 37.07
C THR A 141 17.89 19.05 36.66
N ALA A 142 19.14 18.63 36.46
CA ALA A 142 19.40 17.24 36.11
C ALA A 142 18.80 16.25 37.11
N GLU A 143 19.18 16.34 38.37
CA GLU A 143 18.69 15.37 39.35
C GLU A 143 17.17 15.45 39.53
N ASN A 144 16.63 16.66 39.59
CA ASN A 144 15.18 16.87 39.73
C ASN A 144 14.34 16.22 38.62
N ALA A 145 14.72 16.44 37.37
CA ALA A 145 14.02 15.84 36.25
C ALA A 145 14.21 14.31 36.26
N TYR A 146 15.45 13.91 36.48
CA TYR A 146 15.83 12.51 36.53
C TYR A 146 15.04 11.72 37.59
N ARG A 147 14.87 12.31 38.77
CA ARG A 147 14.16 11.61 39.83
C ARG A 147 12.64 11.63 39.57
N GLY A 148 12.20 12.29 38.50
CA GLY A 148 10.84 12.11 38.04
C GLY A 148 10.02 13.34 37.67
N GLN A 149 10.51 14.55 37.95
CA GLN A 149 9.70 15.73 37.65
C GLN A 149 9.67 16.09 36.16
N ALA A 150 8.86 15.36 35.41
CA ALA A 150 8.55 15.73 34.03
C ALA A 150 7.19 15.16 33.73
N GLY A 151 6.46 15.79 32.81
CA GLY A 151 5.14 15.33 32.41
C GLY A 151 4.64 15.96 31.11
N LEU A 152 3.60 15.39 30.53
CA LEU A 152 3.06 15.88 29.25
C LEU A 152 1.95 16.91 29.41
N TYR A 153 1.92 17.86 28.48
CA TYR A 153 0.89 18.88 28.47
C TYR A 153 0.42 19.05 27.04
N MET A 154 -0.75 18.48 26.74
CA MET A 154 -1.24 18.45 25.39
C MET A 154 -2.15 19.63 25.12
N LEU A 155 -1.70 20.53 24.24
CA LEU A 155 -2.53 21.65 23.84
C LEU A 155 -3.35 21.15 22.66
N THR A 156 -4.67 21.24 22.74
CA THR A 156 -5.49 20.68 21.67
C THR A 156 -6.29 21.72 20.92
N ASP A 157 -6.85 21.32 19.81
CA ASP A 157 -7.55 22.22 18.90
C ASP A 157 -8.56 21.45 18.05
N PRO A 158 -9.85 21.77 18.18
CA PRO A 158 -10.94 21.10 17.47
C PRO A 158 -10.80 21.10 15.93
N ALA A 159 -10.29 22.18 15.36
CA ALA A 159 -10.07 22.22 13.91
C ALA A 159 -9.11 21.10 13.50
N GLU A 160 -8.25 20.69 14.42
CA GLU A 160 -7.28 19.63 14.17
C GLU A 160 -7.91 18.24 14.26
N ASP A 161 -8.95 18.11 15.07
CA ASP A 161 -9.70 16.86 15.15
C ASP A 161 -10.38 16.55 13.83
N ALA A 162 -10.71 17.59 13.07
CA ALA A 162 -11.30 17.38 11.75
C ALA A 162 -10.39 16.63 10.75
N LEU A 163 -9.09 16.54 11.04
CA LEU A 163 -8.17 15.80 10.17
C LEU A 163 -8.41 14.29 10.31
N ASN A 164 -8.90 13.87 11.47
CA ASN A 164 -9.23 12.47 11.68
C ASN A 164 -7.98 11.60 11.77
N LEU A 165 -6.91 12.14 12.37
CA LEU A 165 -5.74 11.34 12.73
C LEU A 165 -6.19 10.23 13.70
N PRO A 166 -5.39 9.15 13.84
CA PRO A 166 -5.73 8.15 14.86
C PRO A 166 -5.94 8.89 16.16
N SER A 167 -6.86 8.45 17.01
CA SER A 167 -7.21 9.25 18.18
C SER A 167 -7.55 8.45 19.42
N GLY A 168 -7.82 9.16 20.50
CA GLY A 168 -8.13 8.56 21.79
C GLY A 168 -6.86 8.42 22.62
N TYR A 169 -6.68 9.34 23.56
CA TYR A 169 -5.56 9.25 24.49
C TYR A 169 -5.52 7.87 25.17
N GLY A 170 -4.44 7.12 24.96
CA GLY A 170 -4.27 5.82 25.60
C GLY A 170 -4.93 4.70 24.81
N GLU A 171 -5.55 5.06 23.69
CA GLU A 171 -6.19 4.08 22.82
C GLU A 171 -5.37 3.95 21.55
N PHE A 172 -5.56 4.88 20.60
CA PHE A 172 -4.74 4.90 19.41
C PHE A 172 -3.84 6.15 19.31
N ASP A 173 -3.85 6.95 20.37
CA ASP A 173 -3.05 8.17 20.47
C ASP A 173 -2.22 7.99 21.74
N ILE A 174 -0.97 7.55 21.58
CA ILE A 174 -0.18 7.07 22.70
C ILE A 174 1.07 7.93 22.95
N PRO A 175 1.22 8.41 24.18
CA PRO A 175 2.44 9.17 24.50
C PRO A 175 3.65 8.24 24.67
N MET A 176 4.81 8.67 24.18
CA MET A 176 6.03 7.87 24.28
C MET A 176 7.14 8.70 24.84
N ILE A 177 7.22 8.74 26.16
CA ILE A 177 8.23 9.53 26.86
C ILE A 177 9.44 8.64 27.10
N LEU A 178 10.53 8.91 26.39
CA LEU A 178 11.75 8.12 26.54
C LEU A 178 12.63 8.72 27.63
N THR A 179 13.13 7.89 28.54
CA THR A 179 14.22 8.31 29.42
C THR A 179 15.30 7.25 29.39
N SER A 180 16.41 7.52 30.06
CA SER A 180 17.57 6.62 30.04
C SER A 180 18.27 6.71 31.38
N LYS A 181 18.10 5.68 32.22
CA LYS A 181 18.57 5.74 33.59
C LYS A 181 19.58 4.65 33.93
N GLN A 182 20.09 4.68 35.16
CA GLN A 182 20.99 3.64 35.65
C GLN A 182 20.49 3.21 37.03
N TYR A 183 20.63 1.92 37.36
CA TYR A 183 20.18 1.43 38.65
C TYR A 183 21.32 0.74 39.43
N THR A 184 21.21 0.72 40.76
CA THR A 184 22.15 -0.02 41.59
C THR A 184 21.75 -1.47 41.72
N ALA A 185 22.65 -2.28 42.30
CA ALA A 185 22.46 -3.71 42.45
C ALA A 185 21.19 -4.07 43.24
N ASN A 186 20.77 -3.20 44.13
CA ASN A 186 19.53 -3.42 44.86
C ASN A 186 18.31 -2.72 44.25
N GLY A 187 18.41 -2.35 42.97
CA GLY A 187 17.28 -1.83 42.22
C GLY A 187 16.85 -0.39 42.47
N ASN A 188 17.69 0.38 43.18
CA ASN A 188 17.42 1.81 43.36
C ASN A 188 18.07 2.61 42.23
N LEU A 189 17.78 3.90 42.14
CA LEU A 189 18.35 4.74 41.08
C LEU A 189 19.80 5.15 41.37
N VAL A 190 20.61 5.21 40.32
CA VAL A 190 21.94 5.80 40.45
C VAL A 190 21.79 7.29 40.25
N THR A 191 22.27 8.06 41.22
CA THR A 191 22.15 9.52 41.18
C THR A 191 22.99 10.12 40.05
N THR A 192 22.60 11.30 39.59
CA THR A 192 23.39 12.03 38.61
C THR A 192 24.43 12.90 39.30
N ASN A 193 24.24 13.17 40.60
CA ASN A 193 25.22 13.98 41.33
C ASN A 193 26.63 13.43 41.20
N GLY A 194 27.49 14.20 40.53
CA GLY A 194 28.89 13.84 40.39
C GLY A 194 29.27 13.79 38.93
N GLU A 195 28.25 13.66 38.08
CA GLU A 195 28.46 13.57 36.64
C GLU A 195 28.54 14.96 35.99
N LEU A 196 29.65 15.28 35.36
CA LEU A 196 29.86 16.64 34.88
C LEU A 196 30.12 16.70 33.37
N ASN A 197 30.07 15.52 32.75
CA ASN A 197 30.27 15.36 31.32
C ASN A 197 28.94 15.06 30.62
N SER A 198 28.39 13.88 30.88
CA SER A 198 27.04 13.51 30.43
C SER A 198 26.58 12.26 31.17
N PHE A 199 25.29 12.16 31.43
CA PHE A 199 24.77 10.98 32.08
C PHE A 199 23.98 10.15 31.09
N TRP A 200 24.63 9.16 30.46
CA TRP A 200 24.02 8.41 29.39
C TRP A 200 22.89 7.49 29.84
N GLY A 201 23.14 6.69 30.86
CA GLY A 201 22.16 5.71 31.32
C GLY A 201 22.17 4.47 30.45
N ASP A 202 21.92 3.32 31.03
CA ASP A 202 22.04 2.07 30.27
C ASP A 202 20.73 1.29 30.29
N VAL A 203 19.69 1.86 30.88
CA VAL A 203 18.38 1.23 30.90
C VAL A 203 17.36 2.18 30.27
N ILE A 204 16.84 1.82 29.09
CA ILE A 204 15.88 2.66 28.38
C ILE A 204 14.45 2.50 28.93
N HIS A 205 13.77 3.61 29.18
CA HIS A 205 12.37 3.58 29.64
C HIS A 205 11.43 4.23 28.64
N VAL A 206 10.23 3.68 28.51
CA VAL A 206 9.13 4.41 27.92
C VAL A 206 8.09 4.65 29.01
N ASN A 207 7.65 5.90 29.16
CA ASN A 207 6.64 6.25 30.16
C ASN A 207 6.96 5.70 31.54
N GLY A 208 8.23 5.80 31.92
CA GLY A 208 8.68 5.45 33.27
C GLY A 208 9.08 4.00 33.45
N GLN A 209 8.84 3.19 32.43
CA GLN A 209 9.04 1.74 32.49
C GLN A 209 10.13 1.23 31.55
N PRO A 210 11.09 0.51 32.09
CA PRO A 210 12.19 -0.01 31.27
C PRO A 210 11.74 -1.09 30.30
N TRP A 211 12.11 -0.95 29.03
CA TRP A 211 11.90 -1.98 28.01
C TRP A 211 10.51 -2.62 28.02
N PRO A 212 9.48 -1.81 27.89
CA PRO A 212 8.11 -2.30 27.92
C PRO A 212 7.67 -2.97 26.61
N PHE A 213 6.50 -3.57 26.68
CA PHE A 213 5.85 -4.17 25.53
C PHE A 213 4.44 -3.62 25.48
N LYS A 214 3.83 -3.63 24.31
CA LYS A 214 2.43 -3.24 24.21
C LYS A 214 1.73 -4.10 23.18
N ASN A 215 0.54 -4.58 23.54
CA ASN A 215 -0.31 -5.27 22.58
C ASN A 215 -1.00 -4.25 21.69
N VAL A 216 -0.82 -4.38 20.38
CA VAL A 216 -1.48 -3.44 19.47
C VAL A 216 -2.26 -4.17 18.40
N GLU A 217 -3.17 -3.44 17.78
CA GLU A 217 -3.99 -3.98 16.70
C GLU A 217 -3.34 -3.66 15.35
N PRO A 218 -3.66 -4.46 14.33
CA PRO A 218 -3.09 -4.21 13.00
C PRO A 218 -3.75 -3.02 12.31
N ARG A 219 -3.53 -1.82 12.85
CA ARG A 219 -4.03 -0.58 12.25
C ARG A 219 -3.10 0.58 12.56
N LYS A 220 -3.55 1.79 12.25
CA LYS A 220 -2.76 2.99 12.50
C LYS A 220 -2.81 3.47 13.95
N TYR A 221 -1.63 3.81 14.48
CA TYR A 221 -1.48 4.45 15.78
C TYR A 221 -0.72 5.76 15.65
N ARG A 222 -1.10 6.75 16.45
CA ARG A 222 -0.39 8.00 16.58
C ARG A 222 0.52 7.96 17.83
N PHE A 223 1.83 8.13 17.62
CA PHE A 223 2.77 8.11 18.73
C PHE A 223 3.36 9.50 18.97
N ARG A 224 3.32 9.95 20.21
CA ARG A 224 3.90 11.24 20.58
C ARG A 224 5.23 11.04 21.28
N PHE A 225 6.31 11.06 20.51
CA PHE A 225 7.61 10.83 21.10
C PHE A 225 8.13 12.07 21.77
N LEU A 226 8.77 11.88 22.91
CA LEU A 226 9.42 12.98 23.61
C LEU A 226 10.69 12.42 24.21
N ASP A 227 11.84 12.97 23.83
CA ASP A 227 13.07 12.50 24.46
C ASP A 227 13.25 13.26 25.75
N ALA A 228 12.95 12.59 26.86
CA ALA A 228 13.01 13.26 28.18
C ALA A 228 14.28 12.91 28.96
N ALA A 229 15.23 12.26 28.31
CA ALA A 229 16.40 11.77 29.02
C ALA A 229 17.35 12.88 29.45
N VAL A 230 18.17 12.59 30.44
CA VAL A 230 19.17 13.54 30.87
C VAL A 230 20.16 13.89 29.75
N SER A 231 20.74 12.88 29.10
CA SER A 231 21.80 13.13 28.13
C SER A 231 21.67 12.32 26.85
N ARG A 232 20.81 11.30 26.84
CA ARG A 232 20.78 10.41 25.68
C ARG A 232 19.97 10.96 24.53
N SER A 233 20.56 10.95 23.35
CA SER A 233 19.87 11.25 22.10
C SER A 233 19.55 9.91 21.45
N PHE A 234 18.54 9.88 20.60
CA PHE A 234 18.09 8.65 19.98
C PHE A 234 18.02 8.70 18.46
N GLY A 235 18.28 7.56 17.83
CA GLY A 235 18.00 7.37 16.42
C GLY A 235 16.95 6.27 16.32
N LEU A 236 15.71 6.64 16.07
CA LEU A 236 14.64 5.67 16.15
C LEU A 236 14.20 5.00 14.86
N TYR A 237 14.10 3.68 14.91
CA TYR A 237 13.56 2.87 13.83
C TYR A 237 12.72 1.69 14.32
N PHE A 238 11.82 1.23 13.46
CA PHE A 238 10.96 0.11 13.73
C PHE A 238 11.47 -1.06 12.91
N ALA A 239 11.41 -2.26 13.47
CA ALA A 239 11.84 -3.46 12.76
C ALA A 239 11.15 -4.69 13.32
N ASP A 240 10.75 -5.59 12.43
CA ASP A 240 10.21 -6.89 12.79
C ASP A 240 11.31 -7.66 13.52
N THR A 241 10.96 -8.32 14.63
CA THR A 241 11.93 -9.14 15.39
C THR A 241 12.59 -10.23 14.56
N ASP A 242 11.92 -10.66 13.49
CA ASP A 242 12.47 -11.66 12.58
C ASP A 242 13.42 -11.05 11.54
N ALA A 243 13.39 -9.73 11.38
CA ALA A 243 14.26 -9.07 10.43
C ALA A 243 14.66 -7.70 10.92
N ILE A 244 15.46 -7.66 11.97
CA ILE A 244 15.83 -6.40 12.57
C ILE A 244 16.73 -5.59 11.64
N ASP A 245 17.20 -6.23 10.58
CA ASP A 245 18.06 -5.57 9.62
C ASP A 245 17.29 -4.59 8.75
N THR A 246 15.96 -4.70 8.71
CA THR A 246 15.15 -3.89 7.81
C THR A 246 14.19 -2.90 8.49
N ARG A 247 14.35 -1.62 8.16
CA ARG A 247 13.56 -0.54 8.76
C ARG A 247 12.19 -0.39 8.13
N LEU A 248 11.16 -0.40 8.96
CA LEU A 248 9.78 -0.28 8.50
C LEU A 248 9.43 1.21 8.38
N PRO A 249 8.98 1.63 7.20
CA PRO A 249 8.69 3.06 7.05
C PRO A 249 7.47 3.52 7.88
N PHE A 250 7.47 4.80 8.21
CA PHE A 250 6.35 5.40 8.94
C PHE A 250 6.23 6.88 8.54
N LYS A 251 5.29 7.59 9.15
CA LYS A 251 5.11 9.01 8.83
C LYS A 251 5.26 9.89 10.07
N VAL A 252 6.03 10.97 9.91
CA VAL A 252 6.11 12.01 10.92
C VAL A 252 5.06 13.09 10.61
N ILE A 253 4.21 13.41 11.58
CA ILE A 253 3.19 14.44 11.38
C ILE A 253 3.37 15.73 12.19
N ALA A 254 4.20 15.70 13.22
CA ALA A 254 4.42 16.91 14.02
C ALA A 254 5.82 17.06 14.61
N SER A 255 6.22 18.30 14.81
CA SER A 255 7.49 18.61 15.51
C SER A 255 7.17 19.39 16.78
N ASP A 256 8.18 19.98 17.40
CA ASP A 256 7.99 20.68 18.70
C ASP A 256 6.74 21.56 18.75
N SER A 257 6.53 22.32 17.68
CA SER A 257 5.56 23.42 17.69
C SER A 257 4.27 23.09 17.00
N GLY A 258 4.09 21.83 16.61
CA GLY A 258 2.84 21.40 16.04
C GLY A 258 3.02 20.69 14.71
N LEU A 259 1.90 20.52 14.01
CA LEU A 259 1.88 19.76 12.78
C LEU A 259 2.87 20.30 11.75
N LEU A 260 3.42 19.39 10.94
CA LEU A 260 4.12 19.77 9.73
C LEU A 260 3.08 20.14 8.68
N GLU A 261 3.54 20.70 7.58
CA GLU A 261 2.63 21.07 6.51
C GLU A 261 2.13 19.82 5.79
N HIS A 262 3.00 18.82 5.64
CA HIS A 262 2.70 17.56 4.97
C HIS A 262 3.40 16.43 5.74
N PRO A 263 2.78 15.23 5.80
CA PRO A 263 3.44 14.13 6.52
C PRO A 263 4.78 13.80 5.87
N ALA A 264 5.81 13.53 6.67
CA ALA A 264 7.11 13.23 6.09
C ALA A 264 7.45 11.75 6.26
N ASP A 265 7.60 11.06 5.12
CA ASP A 265 7.89 9.64 5.11
C ASP A 265 9.32 9.41 5.59
N THR A 266 9.43 8.71 6.69
CA THR A 266 10.70 8.50 7.36
C THR A 266 10.82 7.05 7.77
N SER A 267 12.04 6.57 7.89
CA SER A 267 12.27 5.24 8.40
C SER A 267 13.27 5.31 9.56
N LEU A 268 13.86 6.48 9.72
CA LEU A 268 14.78 6.76 10.80
C LEU A 268 14.51 8.15 11.36
N LEU A 269 14.30 8.24 12.65
CA LEU A 269 14.00 9.52 13.29
C LEU A 269 15.07 9.88 14.31
N TYR A 270 15.85 10.91 14.03
CA TYR A 270 16.73 11.49 15.04
C TYR A 270 15.89 12.29 16.03
N ILE A 271 16.05 12.00 17.33
CA ILE A 271 15.39 12.81 18.35
C ILE A 271 16.34 13.01 19.53
N SER A 272 16.46 14.26 19.97
CA SER A 272 17.38 14.67 21.03
C SER A 272 16.62 15.21 22.25
N MET A 273 17.35 15.52 23.31
CA MET A 273 16.72 15.95 24.54
C MET A 273 15.81 17.17 24.32
N ALA A 274 14.59 17.05 24.84
CA ALA A 274 13.52 18.07 24.83
C ALA A 274 12.72 18.11 23.53
N GLU A 275 13.15 17.31 22.56
CA GLU A 275 12.50 17.23 21.26
C GLU A 275 11.25 16.38 21.24
N ARG A 276 10.25 16.87 20.55
CA ARG A 276 9.02 16.14 20.40
C ARG A 276 8.67 15.94 18.93
N TYR A 277 8.42 14.69 18.56
CA TYR A 277 7.88 14.41 17.23
C TYR A 277 6.69 13.48 17.39
N GLU A 278 5.63 13.73 16.65
CA GLU A 278 4.52 12.78 16.59
C GLU A 278 4.56 11.98 15.29
N VAL A 279 4.38 10.67 15.44
CA VAL A 279 4.54 9.70 14.36
C VAL A 279 3.26 8.89 14.22
N VAL A 280 2.84 8.61 13.00
CA VAL A 280 1.77 7.64 12.80
C VAL A 280 2.39 6.37 12.24
N PHE A 281 2.17 5.25 12.92
CA PHE A 281 2.73 3.99 12.45
C PHE A 281 1.61 3.04 12.09
N ASP A 282 1.75 2.36 10.96
CA ASP A 282 0.69 1.51 10.45
C ASP A 282 1.00 0.03 10.63
N PHE A 283 0.39 -0.58 11.64
CA PHE A 283 0.65 -2.00 11.91
C PHE A 283 -0.15 -2.92 11.01
N SER A 284 -1.03 -2.35 10.16
CA SER A 284 -1.79 -3.14 9.19
C SER A 284 -0.96 -4.21 8.50
N ASP A 285 0.19 -3.80 7.97
CA ASP A 285 1.01 -4.72 7.18
C ASP A 285 1.77 -5.76 8.00
N TYR A 286 1.56 -5.79 9.31
CA TYR A 286 2.34 -6.70 10.17
C TYR A 286 1.51 -7.55 11.13
N ALA A 287 0.25 -7.77 10.77
CA ALA A 287 -0.64 -8.60 11.59
C ALA A 287 0.09 -9.88 12.03
N GLY A 288 0.00 -10.20 13.31
CA GLY A 288 0.59 -11.43 13.82
C GLY A 288 2.06 -11.32 14.17
N LYS A 289 2.70 -10.23 13.77
CA LYS A 289 4.13 -10.04 14.00
C LYS A 289 4.43 -9.35 15.33
N THR A 290 5.70 -9.38 15.73
CA THR A 290 6.18 -8.54 16.82
C THR A 290 7.16 -7.51 16.25
N ILE A 291 6.84 -6.23 16.45
CA ILE A 291 7.68 -5.14 15.99
C ILE A 291 8.48 -4.56 17.14
N GLU A 292 9.78 -4.40 16.94
CA GLU A 292 10.65 -3.84 17.96
C GLU A 292 11.00 -2.40 17.61
N LEU A 293 10.82 -1.50 18.57
CA LEU A 293 11.25 -0.13 18.38
C LEU A 293 12.69 -0.09 18.84
N ARG A 294 13.60 0.30 17.96
CA ARG A 294 15.02 0.17 18.27
C ARG A 294 15.74 1.50 18.23
N ASN A 295 16.99 1.50 18.67
CA ASN A 295 17.80 2.71 18.75
C ASN A 295 19.13 2.54 18.03
N LEU A 296 19.37 3.38 17.03
CA LEU A 296 20.57 3.30 16.20
C LEU A 296 21.86 3.32 17.04
N GLY A 297 22.76 2.39 16.74
CA GLY A 297 24.02 2.26 17.48
C GLY A 297 25.12 3.20 17.01
N GLY A 298 26.31 3.06 17.57
CA GLY A 298 27.45 3.84 17.11
C GLY A 298 27.29 5.30 17.47
N SER A 299 26.74 5.56 18.66
CA SER A 299 26.38 6.91 19.08
C SER A 299 25.51 7.58 18.01
N ILE A 300 24.29 7.07 17.82
CA ILE A 300 23.36 7.58 16.80
C ILE A 300 24.05 7.80 15.46
N GLY A 301 24.58 6.70 14.90
CA GLY A 301 25.14 6.71 13.56
C GLY A 301 26.27 7.70 13.37
N GLY A 302 26.85 8.17 14.48
CA GLY A 302 27.96 9.11 14.41
C GLY A 302 27.54 10.57 14.51
N ILE A 303 26.25 10.82 14.71
CA ILE A 303 25.77 12.19 14.91
C ILE A 303 26.10 12.63 16.33
N GLY A 304 26.04 11.68 17.27
CA GLY A 304 26.24 11.98 18.67
C GLY A 304 27.55 11.45 19.20
N THR A 305 27.70 11.44 20.53
CA THR A 305 28.87 10.80 21.16
C THR A 305 28.43 9.90 22.30
N ASP A 306 27.11 9.72 22.44
CA ASP A 306 26.57 8.90 23.51
C ASP A 306 27.24 7.54 23.56
N THR A 307 27.50 7.05 24.76
CA THR A 307 27.97 5.68 24.97
C THR A 307 26.83 4.69 24.72
N ASP A 308 27.12 3.60 24.03
CA ASP A 308 26.12 2.56 23.80
C ASP A 308 26.41 1.38 24.71
N TYR A 309 25.37 0.83 25.33
CA TYR A 309 25.53 -0.33 26.20
C TYR A 309 24.78 -1.53 25.66
N ASP A 310 25.05 -2.69 26.25
CA ASP A 310 24.42 -3.95 25.88
C ASP A 310 22.99 -3.82 25.36
N ASN A 311 22.16 -3.05 26.04
CA ASN A 311 20.74 -3.06 25.70
C ASN A 311 20.14 -1.72 25.30
N THR A 312 20.96 -0.69 25.17
CA THR A 312 20.44 0.63 24.81
C THR A 312 20.12 0.72 23.32
N ASP A 313 20.24 -0.41 22.63
CA ASP A 313 19.83 -0.47 21.23
C ASP A 313 18.36 -0.83 21.13
N LYS A 314 17.78 -1.21 22.26
CA LYS A 314 16.37 -1.62 22.29
C LYS A 314 15.50 -0.67 23.12
N VAL A 315 14.28 -0.41 22.66
CA VAL A 315 13.38 0.53 23.33
C VAL A 315 12.17 -0.20 23.90
N MET A 316 11.35 -0.77 23.01
CA MET A 316 10.20 -1.56 23.44
C MET A 316 9.70 -2.44 22.32
N ARG A 317 8.69 -3.24 22.61
CA ARG A 317 8.11 -4.12 21.60
C ARG A 317 6.62 -3.96 21.48
N PHE A 318 6.14 -4.03 20.23
CA PHE A 318 4.71 -4.00 19.93
C PHE A 318 4.29 -5.39 19.44
N VAL A 319 3.38 -6.04 20.15
CA VAL A 319 2.88 -7.33 19.70
C VAL A 319 1.59 -7.10 18.90
N VAL A 320 1.60 -7.41 17.61
CA VAL A 320 0.48 -7.04 16.75
C VAL A 320 -0.55 -8.17 16.66
N ALA A 321 -1.79 -7.88 17.02
CA ALA A 321 -2.85 -8.90 16.95
C ALA A 321 -3.08 -9.33 15.51
N ASP A 322 -3.83 -10.42 15.35
CA ASP A 322 -4.17 -10.94 14.05
C ASP A 322 -5.20 -10.05 13.37
N ASP A 323 -6.12 -9.50 14.15
CA ASP A 323 -7.16 -8.63 13.62
C ASP A 323 -7.46 -7.44 14.53
N THR A 324 -8.21 -6.48 14.01
CA THR A 324 -8.68 -5.37 14.83
C THR A 324 -10.05 -5.74 15.34
N THR A 325 -10.51 -5.01 16.35
CA THR A 325 -11.82 -5.23 16.91
C THR A 325 -12.79 -4.52 15.99
N GLN A 326 -12.50 -3.25 15.72
CA GLN A 326 -13.30 -2.42 14.86
C GLN A 326 -12.46 -1.94 13.71
N PRO A 327 -13.11 -1.57 12.62
CA PRO A 327 -12.42 -1.07 11.42
C PRO A 327 -11.72 0.28 11.63
N ASP A 328 -10.46 0.37 11.23
CA ASP A 328 -9.68 1.61 11.31
C ASP A 328 -10.25 2.64 10.35
N THR A 329 -10.89 3.67 10.90
CA THR A 329 -11.54 4.71 10.12
C THR A 329 -10.62 5.92 9.91
N SER A 330 -9.52 5.96 10.65
CA SER A 330 -8.63 7.11 10.68
C SER A 330 -7.85 7.26 9.39
N VAL A 331 -7.26 8.44 9.20
CA VAL A 331 -6.46 8.69 8.01
C VAL A 331 -5.25 9.55 8.36
N VAL A 332 -4.27 9.60 7.45
CA VAL A 332 -3.18 10.58 7.57
C VAL A 332 -3.21 11.44 6.31
N PRO A 333 -3.80 12.64 6.39
CA PRO A 333 -3.99 13.45 5.18
C PRO A 333 -2.66 13.99 4.62
N ALA A 334 -2.64 14.28 3.33
CA ALA A 334 -1.43 14.77 2.68
C ALA A 334 -1.19 16.20 3.07
N ASN A 335 -2.27 16.90 3.46
CA ASN A 335 -2.19 18.28 3.89
C ASN A 335 -2.62 18.38 5.34
N LEU A 336 -1.71 18.84 6.21
CA LEU A 336 -1.98 18.85 7.64
C LEU A 336 -2.41 20.24 8.14
N ARG A 337 -1.61 21.26 7.85
CA ARG A 337 -1.95 22.64 8.15
C ARG A 337 -1.03 23.62 7.40
N ASP A 338 -1.42 24.89 7.34
CA ASP A 338 -0.50 25.92 6.89
C ASP A 338 0.39 26.28 8.07
N VAL A 339 1.69 26.10 7.91
CA VAL A 339 2.62 26.40 8.99
C VAL A 339 2.93 27.89 9.04
N PRO A 340 2.59 28.55 10.16
CA PRO A 340 2.75 30.00 10.32
C PRO A 340 4.23 30.40 10.48
N PHE A 341 5.01 30.33 9.40
CA PHE A 341 6.45 30.60 9.50
C PHE A 341 6.70 32.06 9.84
N PRO A 342 7.83 32.35 10.51
CA PRO A 342 8.20 33.75 10.75
C PRO A 342 8.37 34.45 9.41
N SER A 343 8.03 35.73 9.34
CA SER A 343 8.36 36.52 8.15
C SER A 343 9.88 36.53 8.02
N PRO A 344 10.40 36.01 6.89
CA PRO A 344 11.84 35.76 6.74
C PRO A 344 12.70 37.01 6.81
N THR A 345 13.96 36.83 7.21
CA THR A 345 14.94 37.91 7.28
C THR A 345 16.26 37.45 6.70
N THR A 346 17.09 38.41 6.32
CA THR A 346 18.44 38.09 5.83
C THR A 346 19.48 38.96 6.53
N ASN A 347 19.09 39.55 7.66
CA ASN A 347 20.07 40.19 8.52
C ASN A 347 21.04 39.14 9.07
N THR A 348 22.33 39.50 9.08
CA THR A 348 23.38 38.60 9.57
C THR A 348 22.96 37.97 10.89
N PRO A 349 23.06 36.66 10.97
CA PRO A 349 22.67 35.94 12.19
C PRO A 349 23.60 36.20 13.36
N ARG A 350 23.01 36.22 14.54
CA ARG A 350 23.70 36.38 15.79
C ARG A 350 24.38 35.05 16.11
N GLN A 351 25.67 35.09 16.42
CA GLN A 351 26.43 33.86 16.66
C GLN A 351 26.53 33.41 18.12
N PHE A 352 26.26 32.13 18.35
CA PHE A 352 26.45 31.53 19.66
C PHE A 352 27.28 30.28 19.52
N ARG A 353 28.27 30.17 20.39
CA ARG A 353 29.20 29.06 20.41
C ARG A 353 28.99 28.26 21.70
N PHE A 354 28.76 26.95 21.52
CA PHE A 354 28.50 26.05 22.63
C PHE A 354 29.70 25.16 22.82
N GLY A 355 30.40 25.36 23.93
CA GLY A 355 31.66 24.66 24.12
C GLY A 355 32.14 24.67 25.55
N ARG A 356 33.46 24.65 25.69
CA ARG A 356 34.12 24.51 26.97
C ARG A 356 34.97 25.73 27.30
N THR A 357 34.86 26.18 28.54
CA THR A 357 35.76 27.17 29.08
C THR A 357 36.31 26.56 30.36
N GLY A 358 37.54 26.07 30.31
CA GLY A 358 38.08 25.30 31.42
C GLY A 358 37.22 24.06 31.62
N PRO A 359 36.80 23.81 32.87
CA PRO A 359 35.99 22.64 33.18
C PRO A 359 34.49 22.89 33.03
N THR A 360 34.10 24.06 32.54
CA THR A 360 32.69 24.44 32.51
C THR A 360 32.11 24.49 31.10
N TRP A 361 30.92 23.90 30.93
CA TRP A 361 30.18 24.01 29.69
C TRP A 361 29.63 25.41 29.58
N THR A 362 29.91 26.07 28.47
CA THR A 362 29.62 27.51 28.33
C THR A 362 28.96 27.88 27.00
N ILE A 363 28.35 29.07 26.99
CA ILE A 363 27.82 29.67 25.76
C ILE A 363 28.55 30.97 25.49
N ASN A 364 29.31 31.04 24.39
CA ASN A 364 30.22 32.16 24.18
C ASN A 364 31.07 32.44 25.43
N GLY A 365 31.53 31.38 26.08
CA GLY A 365 32.45 31.52 27.19
C GLY A 365 31.87 31.95 28.53
N VAL A 366 30.55 32.02 28.62
CA VAL A 366 29.92 32.39 29.89
C VAL A 366 29.08 31.25 30.45
N ALA A 367 28.98 31.24 31.76
CA ALA A 367 28.23 30.24 32.51
C ALA A 367 27.06 30.99 33.10
N PHE A 368 25.94 30.30 33.32
CA PHE A 368 24.74 30.96 33.83
C PHE A 368 24.92 31.57 35.21
N ALA A 369 25.74 30.93 36.03
CA ALA A 369 25.98 31.41 37.40
C ALA A 369 26.52 32.83 37.39
N ASP A 370 27.12 33.23 36.26
CA ASP A 370 27.68 34.57 36.12
C ASP A 370 26.60 35.63 35.84
N VAL A 371 26.01 36.15 36.91
CA VAL A 371 24.86 37.05 36.82
C VAL A 371 25.15 38.28 35.97
N GLN A 372 26.39 38.73 35.98
CA GLN A 372 26.75 39.99 35.34
C GLN A 372 26.90 39.87 33.83
N ASN A 373 27.16 38.65 33.35
CA ASN A 373 27.40 38.44 31.92
C ASN A 373 26.45 37.51 31.16
N ARG A 374 25.48 36.89 31.83
CA ARG A 374 24.65 35.85 31.17
C ARG A 374 23.61 36.40 30.19
N LEU A 375 23.31 37.69 30.29
CA LEU A 375 22.39 38.33 29.36
C LEU A 375 23.05 38.62 28.04
N LEU A 376 22.93 37.69 27.10
CA LEU A 376 23.74 37.68 25.88
C LEU A 376 23.09 38.35 24.67
N ALA A 377 21.88 38.85 24.82
CA ALA A 377 21.16 39.40 23.68
C ALA A 377 19.98 40.25 24.08
N ASN A 378 19.84 41.39 23.41
CA ASN A 378 18.66 42.22 23.52
C ASN A 378 17.96 42.22 22.18
N VAL A 379 16.70 41.79 22.16
CA VAL A 379 15.93 41.78 20.95
C VAL A 379 14.60 42.50 21.12
N PRO A 380 14.40 43.55 20.35
CA PRO A 380 13.12 44.28 20.45
C PRO A 380 11.97 43.35 20.13
N VAL A 381 10.98 43.30 21.00
CA VAL A 381 9.76 42.53 20.74
C VAL A 381 9.19 42.81 19.36
N GLY A 382 8.87 41.75 18.61
CA GLY A 382 8.30 41.89 17.27
C GLY A 382 9.33 41.68 16.18
N THR A 383 10.60 41.53 16.60
CA THR A 383 11.70 41.36 15.66
C THR A 383 11.88 39.88 15.28
N VAL A 384 12.24 39.64 14.02
CA VAL A 384 12.63 38.33 13.55
C VAL A 384 14.15 38.30 13.45
N GLU A 385 14.80 37.36 14.12
CA GLU A 385 16.25 37.27 14.00
C GLU A 385 16.65 35.86 13.69
N ARG A 386 17.67 35.71 12.84
CA ARG A 386 18.31 34.43 12.65
C ARG A 386 19.43 34.29 13.67
N TRP A 387 19.52 33.11 14.29
CA TRP A 387 20.63 32.82 15.20
C TRP A 387 21.43 31.65 14.64
N GLU A 388 22.74 31.78 14.72
CA GLU A 388 23.64 30.77 14.20
C GLU A 388 24.23 30.02 15.39
N LEU A 389 23.82 28.77 15.54
CA LEU A 389 24.20 27.98 16.70
C LEU A 389 25.37 27.10 16.31
N ILE A 390 26.46 27.23 17.07
CA ILE A 390 27.72 26.65 16.65
C ILE A 390 28.29 25.65 17.64
N ASN A 391 28.49 24.43 17.16
CA ASN A 391 29.24 23.42 17.89
C ASN A 391 30.45 23.04 17.06
N ALA A 392 31.64 23.47 17.48
CA ALA A 392 32.84 23.18 16.68
C ALA A 392 33.53 21.90 17.14
N GLY A 393 33.01 21.28 18.18
CA GLY A 393 33.63 20.09 18.72
C GLY A 393 33.18 18.76 18.10
N ASN A 394 34.05 17.76 18.21
CA ASN A 394 33.67 16.41 17.88
C ASN A 394 33.35 15.64 19.15
N GLY A 395 33.73 16.20 20.30
CA GLY A 395 33.61 15.51 21.57
C GLY A 395 32.31 15.69 22.36
N TRP A 396 31.41 16.53 21.84
CA TRP A 396 30.12 16.76 22.48
C TRP A 396 29.02 17.16 21.45
N THR A 397 27.75 16.92 21.78
CA THR A 397 26.66 17.43 20.96
C THR A 397 25.70 18.16 21.86
N HIS A 398 24.89 19.05 21.28
CA HIS A 398 24.05 19.93 22.07
C HIS A 398 22.72 20.25 21.43
N PRO A 399 21.63 19.73 22.01
CA PRO A 399 20.29 20.09 21.58
C PRO A 399 19.96 21.46 22.19
N ILE A 400 19.91 22.50 21.36
CA ILE A 400 19.76 23.86 21.87
C ILE A 400 18.33 24.29 21.95
N HIS A 401 17.97 24.84 23.10
CA HIS A 401 16.59 25.27 23.35
C HIS A 401 16.47 26.76 23.61
N ILE A 402 15.56 27.40 22.90
CA ILE A 402 15.32 28.82 23.08
C ILE A 402 13.90 28.99 23.60
N HIS A 403 13.76 29.65 24.75
CA HIS A 403 12.45 29.86 25.37
C HIS A 403 11.64 30.89 24.61
N LEU A 404 10.35 30.96 24.90
CA LEU A 404 9.43 31.94 24.29
C LEU A 404 9.08 31.65 22.84
N VAL A 405 10.11 31.43 22.02
CA VAL A 405 9.93 31.41 20.56
C VAL A 405 9.61 30.04 19.98
N ASP A 406 8.96 30.04 18.83
CA ASP A 406 9.04 28.92 17.89
C ASP A 406 10.00 29.35 16.77
N PHE A 407 10.77 28.43 16.22
CA PHE A 407 11.69 28.78 15.15
C PHE A 407 11.70 27.80 13.97
N LYS A 408 12.11 28.29 12.80
CA LYS A 408 12.30 27.46 11.63
C LYS A 408 13.78 27.10 11.46
N VAL A 409 14.08 25.84 11.17
CA VAL A 409 15.46 25.45 10.94
C VAL A 409 15.86 25.83 9.52
N ILE A 410 16.83 26.73 9.41
CA ILE A 410 17.26 27.28 8.13
C ILE A 410 18.31 26.41 7.46
N SER A 411 19.29 25.95 8.22
CA SER A 411 20.35 25.15 7.64
C SER A 411 21.20 24.44 8.68
N ARG A 412 21.81 23.35 8.25
CA ARG A 412 22.76 22.62 9.06
C ARG A 412 23.93 22.23 8.17
N THR A 413 25.14 22.56 8.62
CA THR A 413 26.33 22.06 7.98
C THR A 413 27.06 21.19 8.97
N SER A 414 27.42 19.98 8.56
CA SER A 414 28.22 19.10 9.39
C SER A 414 29.69 19.06 8.97
N GLY A 415 30.59 19.29 9.92
CA GLY A 415 32.02 19.16 9.68
C GLY A 415 32.43 17.75 9.30
N ASN A 416 31.60 16.78 9.68
CA ASN A 416 31.82 15.39 9.32
C ASN A 416 31.03 14.99 8.07
N ASN A 417 30.47 15.99 7.39
CA ASN A 417 29.61 15.76 6.22
C ASN A 417 28.46 14.77 6.45
N ALA A 418 28.09 14.61 7.71
CA ALA A 418 27.06 13.67 8.12
C ALA A 418 25.61 13.94 7.68
N ARG A 419 25.20 15.20 7.71
CA ARG A 419 23.84 15.57 7.34
C ARG A 419 23.55 17.07 7.19
N THR A 420 22.40 17.39 6.62
CA THR A 420 21.90 18.76 6.50
C THR A 420 20.59 18.81 7.27
N VAL A 421 19.65 19.63 6.81
CA VAL A 421 18.35 19.71 7.45
C VAL A 421 17.48 18.51 7.07
N MET A 422 16.83 17.91 8.07
CA MET A 422 15.94 16.77 7.88
C MET A 422 14.53 17.16 7.45
N PRO A 423 13.80 16.23 6.82
CA PRO A 423 12.43 16.51 6.38
C PRO A 423 11.45 16.75 7.53
N TYR A 424 11.63 16.07 8.66
CA TYR A 424 10.82 16.33 9.84
C TYR A 424 11.22 17.64 10.58
N GLU A 425 12.26 18.32 10.12
CA GLU A 425 12.56 19.65 10.61
C GLU A 425 12.02 20.73 9.66
N SER A 426 11.02 20.39 8.86
CA SER A 426 10.47 21.33 7.87
C SER A 426 9.49 22.35 8.45
N GLY A 427 9.05 22.13 9.69
CA GLY A 427 8.02 22.96 10.27
C GLY A 427 8.59 23.89 11.32
N LEU A 428 7.94 23.95 12.48
CA LEU A 428 8.37 24.84 13.55
C LEU A 428 8.79 24.06 14.80
N LYS A 429 9.89 24.49 15.40
CA LYS A 429 10.55 23.74 16.45
C LYS A 429 11.00 24.69 17.55
N ASP A 430 11.32 24.17 18.73
CA ASP A 430 11.91 25.00 19.77
C ASP A 430 13.17 24.37 20.37
N VAL A 431 13.57 23.23 19.85
CA VAL A 431 14.87 22.65 20.18
C VAL A 431 15.44 22.02 18.93
N VAL A 432 16.73 22.22 18.72
CA VAL A 432 17.40 21.71 17.52
C VAL A 432 18.74 21.11 17.93
N TRP A 433 19.06 19.95 17.36
CA TRP A 433 20.21 19.19 17.79
C TRP A 433 21.45 19.58 17.00
N LEU A 434 22.46 20.12 17.69
CA LEU A 434 23.77 20.33 17.09
C LEU A 434 24.61 19.08 17.30
N GLY A 435 24.68 18.23 16.28
CA GLY A 435 25.54 17.07 16.33
C GLY A 435 27.03 17.41 16.24
N ARG A 436 27.85 16.38 16.23
CA ARG A 436 29.30 16.56 16.13
C ARG A 436 29.62 17.54 15.01
N ARG A 437 30.33 18.61 15.36
CA ARG A 437 30.79 19.58 14.38
C ARG A 437 29.69 20.16 13.48
N GLU A 438 28.49 20.33 14.02
CA GLU A 438 27.42 21.01 13.28
C GLU A 438 27.25 22.46 13.72
N THR A 439 27.00 23.33 12.75
CA THR A 439 26.48 24.65 13.04
C THR A 439 25.12 24.72 12.37
N VAL A 440 24.12 25.18 13.09
CA VAL A 440 22.75 25.25 12.59
C VAL A 440 22.27 26.69 12.64
N VAL A 441 21.49 27.12 11.64
CA VAL A 441 20.89 28.45 11.68
C VAL A 441 19.38 28.33 11.91
N VAL A 442 18.84 29.11 12.84
CA VAL A 442 17.41 29.08 13.11
C VAL A 442 16.85 30.47 12.96
N GLU A 443 15.56 30.56 12.65
CA GLU A 443 14.91 31.85 12.43
C GLU A 443 13.68 31.94 13.30
N ALA A 444 13.64 32.93 14.17
CA ALA A 444 12.53 33.03 15.12
C ALA A 444 11.96 34.44 15.20
N HIS A 445 10.65 34.50 15.45
CA HIS A 445 9.98 35.75 15.76
C HIS A 445 9.94 35.98 17.28
N TYR A 446 10.71 36.95 17.75
CA TYR A 446 10.76 37.28 19.17
C TYR A 446 9.54 38.09 19.58
N ALA A 447 8.44 37.37 19.80
CA ALA A 447 7.12 37.97 19.99
C ALA A 447 6.29 36.95 20.75
N PRO A 448 5.17 37.40 21.35
CA PRO A 448 4.72 38.79 21.28
C PRO A 448 4.84 39.47 22.65
N PHE A 449 5.56 38.87 23.58
CA PHE A 449 5.61 39.35 24.96
C PHE A 449 7.02 39.74 25.39
N PRO A 450 7.16 40.92 26.00
CA PRO A 450 8.48 41.30 26.51
C PRO A 450 8.85 40.57 27.78
N GLY A 451 10.14 40.26 27.93
CA GLY A 451 10.62 39.71 29.18
C GLY A 451 12.02 39.15 29.08
N VAL A 452 12.57 38.73 30.21
CA VAL A 452 13.87 38.08 30.25
C VAL A 452 13.62 36.59 30.25
N TYR A 453 14.25 35.91 29.30
CA TYR A 453 14.02 34.49 29.02
C TYR A 453 15.33 33.71 28.87
N MET A 454 15.28 32.42 29.18
CA MET A 454 16.42 31.53 29.01
C MET A 454 16.58 30.95 27.62
N PHE A 455 17.83 30.60 27.33
CA PHE A 455 18.14 29.69 26.22
C PHE A 455 19.40 28.89 26.60
N HIS A 456 19.48 27.65 26.17
CA HIS A 456 20.52 26.75 26.71
C HIS A 456 20.56 25.44 25.95
N CYS A 457 21.55 24.61 26.27
CA CYS A 457 21.55 23.23 25.82
C CYS A 457 20.59 22.43 26.70
N HIS A 458 19.90 21.46 26.14
CA HIS A 458 18.96 20.69 26.95
C HIS A 458 19.54 19.34 27.41
N ASN A 459 20.84 19.15 27.18
CA ASN A 459 21.55 18.10 27.91
C ASN A 459 21.61 18.63 29.34
N LEU A 460 20.83 18.03 30.24
CA LEU A 460 20.70 18.56 31.59
C LEU A 460 22.02 18.66 32.35
N ILE A 461 22.93 17.72 32.11
CA ILE A 461 24.23 17.80 32.75
C ILE A 461 24.98 19.02 32.27
N HIS A 462 24.98 19.26 30.96
CA HIS A 462 25.62 20.46 30.41
C HIS A 462 24.93 21.71 30.94
N GLU A 463 23.60 21.68 30.92
CA GLU A 463 22.78 22.78 31.38
C GLU A 463 23.16 23.21 32.79
N ASP A 464 23.32 22.23 33.69
CA ASP A 464 23.66 22.51 35.08
C ASP A 464 25.09 22.97 35.32
N HIS A 465 26.02 22.73 34.39
CA HIS A 465 27.42 23.10 34.65
C HIS A 465 28.17 23.58 33.40
N ASP A 466 27.75 24.67 32.76
CA ASP A 466 26.69 25.56 33.21
C ASP A 466 26.20 26.26 31.92
N MET A 467 25.83 25.44 30.94
CA MET A 467 25.60 25.89 29.57
C MET A 467 24.23 26.53 29.40
N MET A 468 24.01 27.65 30.07
CA MET A 468 22.73 28.32 30.03
C MET A 468 22.99 29.82 30.03
N ALA A 469 22.13 30.55 29.32
CA ALA A 469 22.23 32.01 29.23
C ALA A 469 20.85 32.64 29.08
N ALA A 470 20.81 33.96 28.90
CA ALA A 470 19.55 34.70 28.90
C ALA A 470 19.45 35.71 27.76
N PHE A 471 18.22 35.94 27.30
CA PHE A 471 17.99 37.08 26.42
C PHE A 471 16.85 37.96 26.92
N ASN A 472 16.83 39.22 26.48
CA ASN A 472 15.78 40.13 26.86
C ASN A 472 15.02 40.57 25.60
N ALA A 473 13.74 40.22 25.54
CA ALA A 473 12.85 40.74 24.51
C ALA A 473 12.29 42.06 25.02
N THR A 474 12.83 43.16 24.49
CA THR A 474 12.60 44.50 25.02
C THR A 474 11.45 45.27 24.35
N VAL A 475 10.85 46.23 25.08
CA VAL A 475 9.91 47.19 24.52
C VAL A 475 10.25 48.57 25.06
N LEU A 476 9.72 49.62 24.44
CA LEU A 476 9.92 50.99 24.91
C LEU A 476 8.97 51.28 26.07
N PRO A 477 9.34 52.23 26.94
CA PRO A 477 8.56 52.44 28.17
C PRO A 477 7.11 52.86 27.94
N ASP A 478 6.79 53.34 26.75
CA ASP A 478 5.41 53.71 26.43
C ASP A 478 4.56 52.54 25.93
N TYR A 479 5.09 51.32 25.96
CA TYR A 479 4.43 50.15 25.35
C TYR A 479 3.13 49.79 26.08
N GLY A 480 3.16 49.82 27.41
CA GLY A 480 1.96 49.52 28.18
C GLY A 480 1.78 48.03 28.46
N TYR A 481 0.54 47.56 28.35
CA TYR A 481 0.23 46.16 28.63
C TYR A 481 0.80 45.67 29.97
N ASN A 482 0.93 46.56 30.95
CA ASN A 482 1.45 46.14 32.24
C ASN A 482 2.83 45.48 32.10
N ALA A 483 3.55 45.85 31.04
CA ALA A 483 4.89 45.29 30.80
C ALA A 483 5.79 45.39 32.03
N THR A 484 5.59 46.44 32.81
CA THR A 484 6.46 46.69 33.96
C THR A 484 6.44 45.59 35.02
N VAL A 485 5.30 44.92 35.17
CA VAL A 485 5.21 43.88 36.17
C VAL A 485 5.40 42.47 35.59
N PHE A 486 5.63 42.40 34.28
CA PHE A 486 5.75 41.12 33.59
C PHE A 486 7.10 40.82 32.91
N VAL A 487 8.03 41.76 32.96
CA VAL A 487 9.33 41.58 32.33
C VAL A 487 10.39 40.90 33.21
N ASP A 488 10.32 41.12 34.52
CA ASP A 488 11.33 40.56 35.42
C ASP A 488 10.83 39.25 36.00
N PRO A 489 11.57 38.15 35.76
CA PRO A 489 11.09 36.83 36.21
C PRO A 489 11.02 36.71 37.73
N MET A 490 11.78 37.53 38.45
CA MET A 490 11.80 37.45 39.91
C MET A 490 10.78 38.39 40.56
N GLU A 491 9.94 39.00 39.72
CA GLU A 491 8.96 39.97 40.18
C GLU A 491 8.24 39.44 41.42
N GLU A 492 8.39 40.15 42.54
CA GLU A 492 7.90 39.71 43.85
C GLU A 492 6.42 39.37 43.84
N LEU A 493 5.66 40.12 43.05
CA LEU A 493 4.23 39.93 42.91
C LEU A 493 3.88 38.47 42.60
N TRP A 494 4.78 37.80 41.87
CA TRP A 494 4.51 36.45 41.38
C TRP A 494 5.31 35.35 42.07
N GLN A 495 6.07 35.71 43.11
CA GLN A 495 6.92 34.74 43.81
C GLN A 495 6.11 33.66 44.51
N ALA A 496 6.79 32.58 44.85
CA ALA A 496 6.24 31.50 45.67
C ALA A 496 5.74 32.01 47.02
N ARG A 497 4.89 31.20 47.65
CA ARG A 497 4.31 31.50 48.97
C ARG A 497 4.30 30.29 49.89
N PRO A 498 4.51 30.52 51.19
CA PRO A 498 4.44 29.38 52.12
C PRO A 498 2.99 28.96 52.36
N TYR A 499 2.80 27.70 52.74
CA TYR A 499 1.50 27.15 53.06
C TYR A 499 1.72 26.17 54.20
N GLU A 500 0.65 25.82 54.88
CA GLU A 500 0.68 24.76 55.88
C GLU A 500 0.03 23.54 55.25
N LEU A 501 0.60 22.38 55.49
CA LEU A 501 0.06 21.14 54.94
C LEU A 501 -1.39 20.87 55.32
N GLY A 502 -1.77 21.25 56.53
CA GLY A 502 -3.15 21.09 56.96
C GLY A 502 -4.12 21.86 56.07
N GLU A 503 -3.71 23.06 55.71
CA GLU A 503 -4.45 23.91 54.80
C GLU A 503 -4.66 23.21 53.46
N PHE A 504 -3.60 22.59 52.96
CA PHE A 504 -3.65 21.97 51.65
C PHE A 504 -4.54 20.73 51.64
N GLN A 505 -4.39 19.87 52.65
CA GLN A 505 -5.15 18.64 52.68
C GLN A 505 -6.61 18.89 52.97
N ALA A 506 -6.89 19.94 53.73
CA ALA A 506 -8.24 20.29 54.12
C ALA A 506 -8.89 21.20 53.07
N GLN A 507 -8.12 21.57 52.06
CA GLN A 507 -8.62 22.47 51.04
C GLN A 507 -9.30 23.68 51.68
N SER A 508 -8.65 24.25 52.69
CA SER A 508 -9.13 25.46 53.38
C SER A 508 -7.98 26.45 53.46
N GLY A 509 -8.22 27.63 54.04
CA GLY A 509 -7.17 28.64 54.08
C GLY A 509 -6.85 29.12 52.67
N GLN A 510 -5.57 29.17 52.31
CA GLN A 510 -5.14 29.61 50.99
C GLN A 510 -5.67 28.71 49.89
N PHE A 511 -6.17 27.56 50.29
CA PHE A 511 -6.68 26.61 49.32
C PHE A 511 -8.22 26.53 49.33
N SER A 512 -8.87 27.46 50.01
CA SER A 512 -10.34 27.45 50.04
C SER A 512 -10.83 27.89 48.68
N VAL A 513 -12.05 27.52 48.33
CA VAL A 513 -12.62 27.97 47.06
C VAL A 513 -12.49 29.49 46.94
N GLN A 514 -12.92 30.20 47.98
CA GLN A 514 -12.96 31.64 47.92
C GLN A 514 -11.57 32.27 47.77
N ALA A 515 -10.57 31.72 48.46
CA ALA A 515 -9.23 32.29 48.42
C ALA A 515 -8.56 32.06 47.06
N VAL A 516 -8.77 30.86 46.52
CA VAL A 516 -8.26 30.55 45.20
C VAL A 516 -8.94 31.48 44.20
N THR A 517 -10.23 31.67 44.38
CA THR A 517 -11.00 32.51 43.47
C THR A 517 -10.49 33.96 43.47
N GLU A 518 -10.32 34.54 44.64
CA GLU A 518 -9.87 35.92 44.71
C GLU A 518 -8.48 36.04 44.13
N ARG A 519 -7.59 35.11 44.44
CA ARG A 519 -6.22 35.20 43.93
C ARG A 519 -6.08 35.15 42.39
N ILE A 520 -6.80 34.21 41.78
CA ILE A 520 -6.81 34.06 40.33
C ILE A 520 -7.45 35.26 39.64
N GLN A 521 -8.55 35.73 40.18
CA GLN A 521 -9.26 36.85 39.61
C GLN A 521 -8.36 38.08 39.62
N THR A 522 -7.57 38.20 40.67
CA THR A 522 -6.65 39.33 40.81
C THR A 522 -5.51 39.23 39.78
N MET A 523 -4.88 38.05 39.68
CA MET A 523 -3.90 37.80 38.61
C MET A 523 -4.47 38.18 37.25
N ALA A 524 -5.71 37.79 37.02
CA ALA A 524 -6.38 37.97 35.73
C ALA A 524 -6.46 39.45 35.36
N GLU A 525 -6.74 40.29 36.37
CA GLU A 525 -6.93 41.71 36.13
C GLU A 525 -5.67 42.36 35.54
N TYR A 526 -4.51 41.77 35.77
CA TYR A 526 -3.27 42.30 35.18
C TYR A 526 -3.21 42.07 33.66
N ARG A 527 -4.08 41.21 33.16
CA ARG A 527 -4.19 40.95 31.71
C ARG A 527 -2.86 40.59 31.02
N PRO A 528 -2.14 39.59 31.55
CA PRO A 528 -0.79 39.22 31.10
C PRO A 528 -0.67 38.78 29.63
N TYR A 529 -1.76 38.34 29.03
CA TYR A 529 -1.65 37.75 27.69
C TYR A 529 -2.44 38.52 26.62
N ALA A 530 -2.92 39.69 26.99
CA ALA A 530 -3.74 40.49 26.09
C ALA A 530 -3.07 40.83 24.77
N ALA A 531 -1.75 40.95 24.75
CA ALA A 531 -1.05 41.28 23.50
C ALA A 531 -1.21 40.19 22.44
N ALA A 532 -1.49 38.97 22.87
CA ALA A 532 -1.83 37.91 21.90
C ALA A 532 -3.30 38.01 21.46
N ASP A 533 -3.99 39.04 21.96
CA ASP A 533 -5.42 39.27 21.72
C ASP A 533 -6.28 38.04 22.00
N VAL B 1 -17.31 64.33 13.19
CA VAL B 1 -16.54 64.39 11.94
C VAL B 1 -17.35 65.07 10.83
N ALA B 2 -16.68 65.87 10.01
CA ALA B 2 -17.37 66.67 8.99
C ALA B 2 -18.05 65.79 7.94
N GLN B 3 -19.32 66.08 7.69
CA GLN B 3 -20.09 65.28 6.73
C GLN B 3 -19.39 65.34 5.37
N ILE B 4 -19.33 64.21 4.66
CA ILE B 4 -18.65 64.17 3.36
C ILE B 4 -19.65 64.28 2.23
N SER B 5 -20.76 63.57 2.35
CA SER B 5 -21.86 63.71 1.41
C SER B 5 -22.37 65.14 1.36
N PRO B 6 -22.91 65.56 0.22
CA PRO B 6 -23.42 66.94 0.15
C PRO B 6 -24.61 67.15 1.08
N GLN B 7 -24.86 68.41 1.45
CA GLN B 7 -25.93 68.77 2.38
C GLN B 7 -27.29 68.38 1.82
N TYR B 8 -28.13 67.81 2.68
CA TYR B 8 -29.47 67.38 2.28
C TYR B 8 -30.51 68.30 2.95
N PRO B 9 -31.69 68.51 2.31
CA PRO B 9 -32.82 69.23 2.93
C PRO B 9 -33.59 68.43 4.00
N MET B 10 -32.99 68.34 5.18
CA MET B 10 -33.48 67.51 6.29
C MET B 10 -34.99 67.52 6.47
N PHE B 11 -35.55 66.34 6.67
CA PHE B 11 -36.91 66.19 7.16
C PHE B 11 -37.96 66.87 6.28
N THR B 12 -37.73 66.91 4.97
CA THR B 12 -38.68 67.49 4.00
C THR B 12 -39.44 66.46 3.14
N VAL B 13 -38.93 65.23 3.06
CA VAL B 13 -39.59 64.18 2.28
C VAL B 13 -40.30 63.19 3.19
N PRO B 14 -41.57 62.89 2.89
CA PRO B 14 -42.31 61.96 3.74
C PRO B 14 -41.71 60.57 3.72
N LEU B 15 -41.86 59.82 4.80
CA LEU B 15 -41.36 58.45 4.88
C LEU B 15 -42.12 57.60 3.87
N PRO B 16 -41.40 56.97 2.92
CA PRO B 16 -42.02 56.04 1.98
C PRO B 16 -42.31 54.69 2.64
N ILE B 17 -43.33 54.00 2.15
CA ILE B 17 -43.61 52.64 2.60
C ILE B 17 -43.47 51.70 1.41
N PRO B 18 -42.61 50.67 1.53
CA PRO B 18 -42.47 49.71 0.44
C PRO B 18 -43.80 49.02 0.22
N PRO B 19 -44.21 48.82 -1.03
CA PRO B 19 -45.50 48.20 -1.38
C PRO B 19 -45.50 46.71 -1.07
N VAL B 20 -46.67 46.16 -0.77
CA VAL B 20 -46.78 44.74 -0.52
C VAL B 20 -46.56 43.97 -1.80
N LYS B 21 -45.78 42.90 -1.70
CA LYS B 21 -45.51 42.04 -2.83
C LYS B 21 -46.59 40.98 -2.90
N GLN B 22 -47.32 40.94 -4.00
CA GLN B 22 -48.34 39.93 -4.17
C GLN B 22 -47.87 38.76 -5.03
N PRO B 23 -48.32 37.55 -4.68
CA PRO B 23 -47.95 36.36 -5.46
C PRO B 23 -48.60 36.41 -6.83
N ARG B 24 -48.00 35.73 -7.80
CA ARG B 24 -48.58 35.63 -9.12
C ARG B 24 -49.75 34.65 -9.13
N LEU B 25 -49.56 33.52 -8.45
CA LEU B 25 -50.54 32.44 -8.45
C LEU B 25 -50.26 31.44 -7.36
N THR B 26 -51.12 30.44 -7.22
CA THR B 26 -50.91 29.38 -6.25
C THR B 26 -50.97 28.02 -6.96
N VAL B 27 -50.11 27.10 -6.53
CA VAL B 27 -50.08 25.76 -7.06
C VAL B 27 -50.50 24.82 -5.97
N THR B 28 -51.37 23.87 -6.28
CA THR B 28 -51.77 22.91 -5.28
C THR B 28 -50.68 21.86 -5.07
N ASN B 29 -50.21 21.75 -3.83
CA ASN B 29 -49.26 20.73 -3.44
C ASN B 29 -49.89 19.35 -3.58
N PRO B 30 -49.36 18.53 -4.49
CA PRO B 30 -49.92 17.21 -4.77
C PRO B 30 -49.94 16.30 -3.54
N VAL B 31 -49.02 16.53 -2.60
CA VAL B 31 -48.87 15.64 -1.45
C VAL B 31 -49.97 15.80 -0.40
N ASN B 32 -50.35 17.03 -0.11
CA ASN B 32 -51.34 17.29 0.94
C ASN B 32 -52.53 18.11 0.45
N GLY B 33 -52.51 18.51 -0.80
CA GLY B 33 -53.63 19.23 -1.41
C GLY B 33 -53.73 20.70 -1.10
N GLN B 34 -52.72 21.28 -0.45
CA GLN B 34 -52.77 22.67 0.01
C GLN B 34 -52.13 23.60 -1.01
N GLU B 35 -52.52 24.86 -0.96
CA GLU B 35 -52.04 25.85 -1.90
C GLU B 35 -50.67 26.42 -1.55
N ILE B 36 -49.74 26.36 -2.49
CA ILE B 36 -48.44 27.00 -2.31
C ILE B 36 -48.40 28.30 -3.11
N TRP B 37 -48.08 29.39 -2.45
CA TRP B 37 -48.05 30.70 -3.10
C TRP B 37 -46.78 30.86 -3.93
N TYR B 38 -46.92 31.28 -5.18
CA TYR B 38 -45.78 31.44 -6.07
C TYR B 38 -45.56 32.92 -6.46
N TYR B 39 -44.33 33.40 -6.29
CA TYR B 39 -43.99 34.78 -6.58
C TYR B 39 -42.84 34.86 -7.57
N GLU B 40 -42.78 35.96 -8.31
CA GLU B 40 -41.66 36.26 -9.21
C GLU B 40 -41.07 37.61 -8.92
N VAL B 41 -39.78 37.62 -8.63
CA VAL B 41 -39.07 38.86 -8.35
C VAL B 41 -37.96 39.03 -9.37
N GLU B 42 -37.84 40.22 -9.93
CA GLU B 42 -36.87 40.48 -10.96
C GLU B 42 -35.76 41.36 -10.41
N ILE B 43 -34.55 40.84 -10.28
CA ILE B 43 -33.46 41.68 -9.82
C ILE B 43 -32.98 42.52 -11.00
N LYS B 44 -33.04 43.85 -10.87
CA LYS B 44 -32.66 44.75 -11.96
C LYS B 44 -32.26 46.14 -11.49
N PRO B 45 -31.39 46.81 -12.27
CA PRO B 45 -30.88 48.15 -11.95
C PRO B 45 -31.96 49.17 -12.18
N PHE B 46 -31.90 50.28 -11.45
CA PHE B 46 -32.84 51.38 -11.58
C PHE B 46 -32.19 52.67 -11.07
N THR B 47 -32.79 53.80 -11.44
CA THR B 47 -32.25 55.12 -11.12
C THR B 47 -33.07 55.72 -10.01
N HIS B 48 -32.43 56.37 -9.05
CA HIS B 48 -33.21 57.01 -8.00
C HIS B 48 -32.71 58.42 -7.76
N GLN B 49 -33.64 59.38 -7.82
CA GLN B 49 -33.32 60.78 -7.57
C GLN B 49 -33.33 61.03 -6.07
N VAL B 50 -32.14 61.00 -5.44
CA VAL B 50 -32.07 61.15 -4.00
C VAL B 50 -31.94 62.61 -3.58
N TYR B 51 -30.99 63.32 -4.18
CA TYR B 51 -30.84 64.75 -3.92
C TYR B 51 -31.62 65.54 -4.97
N PRO B 52 -32.69 66.23 -4.56
CA PRO B 52 -33.58 66.94 -5.49
C PRO B 52 -32.88 67.83 -6.53
N ASP B 53 -31.72 68.37 -6.23
CA ASP B 53 -31.09 69.29 -7.17
C ASP B 53 -29.83 68.76 -7.85
N LEU B 54 -29.41 67.57 -7.48
CA LEU B 54 -28.21 66.98 -8.08
C LEU B 54 -28.57 65.88 -9.10
N GLY B 55 -27.59 65.08 -9.49
CA GLY B 55 -27.83 63.94 -10.36
C GLY B 55 -28.58 62.82 -9.64
N SER B 56 -28.72 61.68 -10.31
CA SER B 56 -29.43 60.57 -9.71
C SER B 56 -28.46 59.55 -9.14
N ALA B 57 -28.98 58.58 -8.40
CA ALA B 57 -28.18 57.46 -7.89
C ALA B 57 -28.48 56.16 -8.64
N ASP B 58 -27.47 55.32 -8.82
CA ASP B 58 -27.59 54.04 -9.54
C ASP B 58 -27.72 52.88 -8.56
N LEU B 59 -28.91 52.32 -8.47
CA LEU B 59 -29.17 51.20 -7.56
C LEU B 59 -29.53 49.92 -8.31
N VAL B 60 -29.49 48.81 -7.60
CA VAL B 60 -29.95 47.54 -8.11
C VAL B 60 -30.80 46.90 -7.02
N GLY B 61 -32.06 46.58 -7.32
CA GLY B 61 -32.93 46.02 -6.30
C GLY B 61 -34.00 45.06 -6.77
N TYR B 62 -34.58 44.35 -5.81
CA TYR B 62 -35.66 43.44 -6.11
C TYR B 62 -36.83 44.25 -6.70
N ASP B 63 -37.31 43.83 -7.87
CA ASP B 63 -38.38 44.54 -8.57
C ASP B 63 -38.05 46.00 -8.83
N GLY B 64 -36.77 46.32 -8.95
CA GLY B 64 -36.36 47.67 -9.30
C GLY B 64 -36.67 48.73 -8.25
N MET B 65 -36.73 48.31 -6.99
CA MET B 65 -36.97 49.23 -5.90
C MET B 65 -36.09 48.88 -4.70
N SER B 66 -35.96 49.83 -3.79
CA SER B 66 -35.15 49.63 -2.61
C SER B 66 -35.77 50.50 -1.54
N PRO B 67 -36.18 49.89 -0.41
CA PRO B 67 -36.16 48.44 -0.19
C PRO B 67 -37.00 47.67 -1.22
N GLY B 68 -36.78 46.36 -1.31
CA GLY B 68 -37.65 45.52 -2.12
C GLY B 68 -39.05 45.46 -1.51
N PRO B 69 -40.02 44.98 -2.29
CA PRO B 69 -41.39 45.00 -1.77
C PRO B 69 -41.49 44.10 -0.55
N THR B 70 -42.47 44.38 0.29
CA THR B 70 -42.70 43.64 1.53
C THR B 70 -43.59 42.41 1.34
N PHE B 71 -43.08 41.25 1.74
CA PHE B 71 -43.89 40.03 1.66
C PHE B 71 -44.73 39.95 2.93
N GLN B 72 -45.93 39.41 2.82
CA GLN B 72 -46.81 39.16 3.95
C GLN B 72 -47.41 37.78 3.77
N VAL B 73 -46.93 36.83 4.57
CA VAL B 73 -47.26 35.44 4.41
C VAL B 73 -47.71 34.87 5.75
N PRO B 74 -48.90 34.30 5.79
CA PRO B 74 -49.44 33.67 7.03
C PRO B 74 -48.72 32.35 7.36
N ARG B 75 -48.39 32.10 8.62
CA ARG B 75 -47.89 30.79 9.02
C ARG B 75 -48.74 29.67 8.42
N GLY B 76 -48.10 28.58 8.03
CA GLY B 76 -48.81 27.43 7.50
C GLY B 76 -48.90 27.39 6.00
N VAL B 77 -48.60 28.52 5.34
CA VAL B 77 -48.65 28.63 3.87
C VAL B 77 -47.25 28.54 3.27
N GLU B 78 -46.94 27.46 2.58
CA GLU B 78 -45.62 27.34 1.96
C GLU B 78 -45.56 28.31 0.78
N THR B 79 -44.39 28.89 0.54
CA THR B 79 -44.22 29.81 -0.58
C THR B 79 -43.05 29.39 -1.44
N VAL B 80 -43.16 29.67 -2.74
CA VAL B 80 -42.04 29.50 -3.64
C VAL B 80 -41.79 30.85 -4.34
N VAL B 81 -40.56 31.33 -4.25
CA VAL B 81 -40.21 32.64 -4.80
C VAL B 81 -39.10 32.47 -5.82
N ARG B 82 -39.40 32.84 -7.05
CA ARG B 82 -38.45 32.71 -8.15
C ARG B 82 -37.76 34.05 -8.28
N PHE B 83 -36.49 34.12 -7.89
CA PHE B 83 -35.69 35.35 -8.05
C PHE B 83 -34.97 35.34 -9.40
N ILE B 84 -35.33 36.27 -10.25
CA ILE B 84 -34.82 36.32 -11.61
C ILE B 84 -33.71 37.36 -11.67
N ASN B 85 -32.49 36.94 -11.97
CA ASN B 85 -31.39 37.91 -12.06
C ASN B 85 -31.38 38.56 -13.43
N ASN B 86 -31.68 39.85 -13.46
CA ASN B 86 -31.60 40.65 -14.69
C ASN B 86 -30.69 41.85 -14.44
N ALA B 87 -29.64 41.61 -13.67
CA ALA B 87 -28.69 42.66 -13.33
C ALA B 87 -27.34 42.35 -13.95
N GLU B 88 -26.27 42.84 -13.35
CA GLU B 88 -24.96 42.76 -13.97
C GLU B 88 -23.90 42.15 -13.07
N ALA B 89 -24.34 41.59 -11.95
CA ALA B 89 -23.46 40.82 -11.10
C ALA B 89 -24.26 39.67 -10.52
N PRO B 90 -23.59 38.64 -10.00
CA PRO B 90 -24.26 37.45 -9.43
C PRO B 90 -25.04 37.75 -8.18
N ASN B 91 -26.02 36.90 -7.83
CA ASN B 91 -26.78 37.07 -6.60
C ASN B 91 -26.99 35.78 -5.83
N SER B 92 -27.31 35.88 -4.55
CA SER B 92 -27.69 34.71 -3.78
C SER B 92 -28.64 35.16 -2.70
N VAL B 93 -29.90 34.71 -2.79
CA VAL B 93 -30.93 35.29 -1.93
C VAL B 93 -31.05 34.55 -0.60
N HIS B 94 -30.95 35.31 0.48
CA HIS B 94 -31.08 34.72 1.81
C HIS B 94 -32.25 35.31 2.54
N LEU B 95 -33.19 34.45 2.93
CA LEU B 95 -34.30 34.89 3.76
C LEU B 95 -33.86 34.70 5.21
N HIS B 96 -33.47 35.79 5.84
CA HIS B 96 -32.90 35.81 7.18
C HIS B 96 -33.99 35.70 8.23
N GLY B 97 -33.88 34.70 9.11
CA GLY B 97 -34.89 34.42 10.10
C GLY B 97 -35.75 33.20 9.82
N SER B 98 -35.47 32.51 8.73
CA SER B 98 -36.26 31.34 8.30
C SER B 98 -35.43 30.05 8.25
N PHE B 99 -35.94 28.97 8.87
CA PHE B 99 -35.20 27.70 8.87
C PHE B 99 -35.25 26.93 7.54
N SER B 100 -34.88 27.60 6.46
CA SER B 100 -34.95 27.03 5.12
C SER B 100 -33.96 25.87 4.95
N ARG B 101 -34.25 24.95 4.03
CA ARG B 101 -33.26 23.91 3.72
C ARG B 101 -31.98 24.58 3.19
N ALA B 102 -30.82 23.91 3.34
CA ALA B 102 -29.53 24.46 2.95
C ALA B 102 -29.51 25.07 1.53
N ALA B 103 -30.12 24.40 0.57
CA ALA B 103 -30.09 24.85 -0.81
C ALA B 103 -31.06 26.00 -1.10
N PHE B 104 -31.86 26.37 -0.10
CA PHE B 104 -32.80 27.48 -0.24
C PHE B 104 -32.45 28.61 0.73
N ASP B 105 -31.28 28.52 1.35
CA ASP B 105 -30.94 29.41 2.46
C ASP B 105 -30.05 30.56 2.02
N GLY B 106 -29.62 30.54 0.77
CA GLY B 106 -28.72 31.57 0.29
C GLY B 106 -27.26 31.32 0.61
N TRP B 107 -26.84 30.07 0.55
CA TRP B 107 -25.45 29.73 0.75
C TRP B 107 -24.63 30.66 -0.14
N ALA B 108 -23.58 31.24 0.42
CA ALA B 108 -22.76 32.24 -0.28
C ALA B 108 -22.28 31.86 -1.68
N GLU B 109 -22.01 30.59 -1.93
CA GLU B 109 -21.52 30.16 -3.25
C GLU B 109 -22.67 29.69 -4.14
N ASP B 110 -23.85 29.59 -3.57
CA ASP B 110 -25.01 29.13 -4.34
C ASP B 110 -25.57 30.29 -5.16
N ILE B 111 -24.88 30.60 -6.25
CA ILE B 111 -25.07 31.83 -6.99
C ILE B 111 -26.02 31.71 -8.17
N THR B 112 -26.73 32.79 -8.47
CA THR B 112 -27.46 32.91 -9.72
C THR B 112 -26.77 34.00 -10.57
N GLU B 113 -26.36 33.66 -11.77
CA GLU B 113 -25.74 34.65 -12.66
C GLU B 113 -26.80 35.45 -13.42
N PRO B 114 -26.41 36.62 -13.95
CA PRO B 114 -27.32 37.37 -14.82
C PRO B 114 -27.78 36.45 -15.95
N GLY B 115 -29.03 36.56 -16.38
CA GLY B 115 -29.53 35.66 -17.39
C GLY B 115 -30.04 34.34 -16.84
N SER B 116 -30.11 34.23 -15.51
CA SER B 116 -30.60 33.04 -14.85
C SER B 116 -31.59 33.37 -13.73
N PHE B 117 -32.28 32.35 -13.23
CA PHE B 117 -33.12 32.51 -12.04
C PHE B 117 -32.96 31.31 -11.10
N LYS B 118 -33.36 31.47 -9.85
CA LYS B 118 -33.44 30.35 -8.92
C LYS B 118 -34.76 30.36 -8.14
N ASP B 119 -35.39 29.19 -8.02
CA ASP B 119 -36.62 29.02 -7.25
C ASP B 119 -36.31 28.66 -5.79
N TYR B 120 -36.84 29.46 -4.88
CA TYR B 120 -36.64 29.25 -3.46
C TYR B 120 -37.92 28.73 -2.80
N TYR B 121 -37.77 27.66 -2.03
CA TYR B 121 -38.92 26.99 -1.43
C TYR B 121 -38.87 27.28 0.05
N TYR B 122 -39.78 28.13 0.51
CA TYR B 122 -39.81 28.60 1.88
C TYR B 122 -40.90 27.91 2.71
N PRO B 123 -40.58 27.56 3.97
CA PRO B 123 -41.48 26.76 4.83
C PRO B 123 -42.54 27.58 5.59
N ASN B 124 -42.19 28.76 6.08
CA ASN B 124 -43.12 29.60 6.82
C ASN B 124 -43.94 28.87 7.87
N ARG B 125 -43.29 28.01 8.65
CA ARG B 125 -43.93 27.26 9.72
C ARG B 125 -43.60 27.81 11.11
N GLN B 126 -42.71 28.80 11.13
CA GLN B 126 -42.13 29.32 12.38
C GLN B 126 -42.98 30.41 13.02
N SER B 127 -42.62 30.82 14.23
CA SER B 127 -43.39 31.84 14.93
C SER B 127 -43.40 33.16 14.16
N ALA B 128 -44.52 33.89 14.25
CA ALA B 128 -44.67 35.21 13.62
C ALA B 128 -43.49 36.09 13.96
N ARG B 129 -43.00 36.82 12.96
CA ARG B 129 -41.78 37.59 13.16
C ARG B 129 -41.54 38.39 11.92
N THR B 130 -40.62 39.33 12.02
CA THR B 130 -40.24 40.13 10.89
C THR B 130 -38.97 39.53 10.34
N LEU B 131 -39.09 38.86 9.20
CA LEU B 131 -37.91 38.39 8.49
C LEU B 131 -37.50 39.46 7.51
N TRP B 132 -36.34 39.27 6.89
CA TRP B 132 -35.97 40.10 5.76
C TRP B 132 -35.16 39.30 4.78
N TYR B 133 -35.34 39.58 3.49
CA TYR B 133 -34.58 38.89 2.49
C TYR B 133 -33.53 39.82 1.86
N HIS B 134 -32.36 39.27 1.58
CA HIS B 134 -31.27 40.10 1.08
C HIS B 134 -30.17 39.26 0.47
N ASP B 135 -29.27 39.91 -0.26
CA ASP B 135 -28.25 39.21 -1.02
C ASP B 135 -27.17 38.62 -0.12
N HIS B 136 -26.52 37.57 -0.60
CA HIS B 136 -25.50 36.89 0.18
C HIS B 136 -24.39 36.35 -0.73
N ALA B 137 -24.36 36.79 -1.98
CA ALA B 137 -23.33 36.30 -2.92
C ALA B 137 -21.91 36.48 -2.35
N MET B 138 -21.10 35.43 -2.40
CA MET B 138 -19.80 35.48 -1.75
C MET B 138 -18.88 36.63 -2.23
N HIS B 139 -18.30 37.35 -1.27
CA HIS B 139 -17.32 38.44 -1.51
C HIS B 139 -17.88 39.74 -2.09
N ILE B 140 -19.17 39.78 -2.40
CA ILE B 140 -19.77 40.97 -2.96
C ILE B 140 -21.10 41.25 -2.28
N THR B 141 -21.31 40.67 -1.11
CA THR B 141 -22.54 40.88 -0.34
C THR B 141 -22.71 42.35 0.07
N ALA B 142 -21.61 42.97 0.47
CA ALA B 142 -21.66 44.38 0.85
C ALA B 142 -22.21 45.28 -0.25
N GLU B 143 -21.60 45.27 -1.42
CA GLU B 143 -22.05 46.16 -2.49
C GLU B 143 -23.48 45.82 -2.93
N ASN B 144 -23.78 44.53 -3.10
CA ASN B 144 -25.11 44.09 -3.52
C ASN B 144 -26.26 44.56 -2.61
N ALA B 145 -26.09 44.40 -1.30
CA ALA B 145 -27.09 44.86 -0.33
C ALA B 145 -27.14 46.38 -0.29
N TYR B 146 -25.98 47.00 -0.30
CA TYR B 146 -25.83 48.45 -0.31
C TYR B 146 -26.54 49.11 -1.51
N ARG B 147 -26.33 48.58 -2.71
CA ARG B 147 -26.97 49.13 -3.89
C ARG B 147 -28.48 48.82 -3.94
N GLY B 148 -29.00 48.07 -2.95
CA GLY B 148 -30.43 48.00 -2.77
C GLY B 148 -31.08 46.65 -2.55
N GLN B 149 -30.35 45.56 -2.69
CA GLN B 149 -30.99 44.25 -2.54
C GLN B 149 -31.25 43.85 -1.10
N ALA B 150 -32.29 44.44 -0.51
CA ALA B 150 -32.81 44.01 0.79
C ALA B 150 -34.28 44.35 0.83
N GLY B 151 -35.05 43.58 1.60
CA GLY B 151 -36.48 43.83 1.74
C GLY B 151 -37.10 43.08 2.92
N LEU B 152 -38.33 43.45 3.28
CA LEU B 152 -38.99 42.84 4.44
C LEU B 152 -39.87 41.65 4.08
N TYR B 153 -39.94 40.69 4.99
CA TYR B 153 -40.75 39.50 4.82
C TYR B 153 -41.44 39.22 6.13
N MET B 154 -42.72 39.57 6.20
CA MET B 154 -43.46 39.49 7.44
C MET B 154 -44.18 38.17 7.53
N LEU B 155 -43.78 37.36 8.50
CA LEU B 155 -44.47 36.11 8.75
C LEU B 155 -45.57 36.46 9.75
N THR B 156 -46.81 36.13 9.44
CA THR B 156 -47.92 36.54 10.31
C THR B 156 -48.65 35.36 10.91
N ASP B 157 -49.48 35.64 11.91
CA ASP B 157 -50.17 34.61 12.66
C ASP B 157 -51.44 35.20 13.28
N PRO B 158 -52.60 34.66 12.90
CA PRO B 158 -53.92 35.12 13.39
C PRO B 158 -54.07 35.11 14.92
N ALA B 159 -53.49 34.13 15.59
CA ALA B 159 -53.57 34.11 17.06
C ALA B 159 -52.91 35.36 17.64
N GLU B 160 -51.98 35.93 16.88
CA GLU B 160 -51.27 37.13 17.30
C GLU B 160 -52.08 38.41 17.06
N ASP B 161 -52.97 38.36 16.07
CA ASP B 161 -53.88 39.47 15.84
C ASP B 161 -54.84 39.63 16.99
N ALA B 162 -55.12 38.55 17.70
CA ALA B 162 -55.98 38.63 18.86
C ALA B 162 -55.42 39.50 20.00
N LEU B 163 -54.13 39.81 19.96
CA LEU B 163 -53.53 40.69 20.98
C LEU B 163 -54.02 42.12 20.79
N ASN B 164 -54.33 42.49 19.55
CA ASN B 164 -54.84 43.82 19.26
C ASN B 164 -53.75 44.89 19.39
N LEU B 165 -52.52 44.54 19.03
CA LEU B 165 -51.46 45.54 18.87
C LEU B 165 -51.88 46.58 17.82
N PRO B 166 -51.25 47.77 17.82
CA PRO B 166 -51.57 48.72 16.73
C PRO B 166 -51.39 47.99 15.42
N SER B 167 -52.20 48.29 14.41
CA SER B 167 -52.19 47.45 13.22
C SER B 167 -52.41 48.21 11.94
N GLY B 168 -52.35 47.49 10.83
CA GLY B 168 -52.50 48.06 9.49
C GLY B 168 -51.14 48.41 8.90
N TYR B 169 -50.64 47.55 8.03
CA TYR B 169 -49.38 47.84 7.34
C TYR B 169 -49.44 49.21 6.66
N GLY B 170 -48.56 50.12 7.05
CA GLY B 170 -48.49 51.44 6.45
C GLY B 170 -49.46 52.42 7.08
N GLU B 171 -50.23 51.94 8.05
CA GLU B 171 -51.17 52.79 8.78
C GLU B 171 -50.63 53.03 10.19
N PHE B 172 -50.84 52.07 11.09
CA PHE B 172 -50.28 52.18 12.42
C PHE B 172 -49.22 51.11 12.71
N ASP B 173 -48.90 50.33 11.69
CA ASP B 173 -47.90 49.27 11.77
C ASP B 173 -46.89 49.59 10.66
N ILE B 174 -45.79 50.24 11.03
CA ILE B 174 -44.89 50.87 10.07
C ILE B 174 -43.50 50.24 10.09
N PRO B 175 -43.01 49.81 8.93
CA PRO B 175 -41.66 49.27 8.85
C PRO B 175 -40.61 50.39 8.90
N MET B 176 -39.51 50.17 9.63
CA MET B 176 -38.46 51.17 9.74
C MET B 176 -37.12 50.54 9.41
N ILE B 177 -36.79 50.50 8.13
CA ILE B 177 -35.55 49.93 7.66
C ILE B 177 -34.48 51.01 7.64
N LEU B 178 -33.52 50.93 8.55
CA LEU B 178 -32.45 51.91 8.63
C LEU B 178 -31.28 51.49 7.74
N THR B 179 -30.75 52.42 6.96
CA THR B 179 -29.46 52.19 6.28
C THR B 179 -28.60 53.42 6.51
N SER B 180 -27.36 53.35 6.05
CA SER B 180 -26.40 54.42 6.29
C SER B 180 -25.44 54.49 5.12
N LYS B 181 -25.63 55.48 4.25
CA LYS B 181 -24.88 55.51 2.98
C LYS B 181 -24.05 56.77 2.82
N GLN B 182 -23.30 56.83 1.72
CA GLN B 182 -22.52 58.02 1.37
C GLN B 182 -22.80 58.39 -0.09
N TYR B 183 -22.83 59.68 -0.39
CA TYR B 183 -23.10 60.12 -1.76
C TYR B 183 -21.98 61.00 -2.31
N THR B 184 -21.85 61.05 -3.63
CA THR B 184 -20.89 61.95 -4.28
C THR B 184 -21.48 63.33 -4.49
N ALA B 185 -20.63 64.27 -4.91
CA ALA B 185 -21.02 65.65 -5.11
C ALA B 185 -22.17 65.80 -6.11
N ASN B 186 -22.26 64.88 -7.06
CA ASN B 186 -23.36 64.91 -8.03
C ASN B 186 -24.53 64.00 -7.64
N GLY B 187 -24.62 63.64 -6.37
CA GLY B 187 -25.78 62.91 -5.84
C GLY B 187 -25.88 61.42 -6.14
N ASN B 188 -24.81 60.82 -6.64
CA ASN B 188 -24.81 59.37 -6.88
C ASN B 188 -24.24 58.69 -5.63
N LEU B 189 -24.32 57.36 -5.58
CA LEU B 189 -23.84 56.61 -4.41
C LEU B 189 -22.33 56.45 -4.42
N VAL B 190 -21.72 56.52 -3.24
CA VAL B 190 -20.31 56.17 -3.10
C VAL B 190 -20.24 54.66 -2.92
N THR B 191 -19.46 54.01 -3.78
CA THR B 191 -19.34 52.55 -3.72
C THR B 191 -18.65 52.09 -2.43
N THR B 192 -18.91 50.84 -2.02
CA THR B 192 -18.21 50.23 -0.90
C THR B 192 -16.93 49.55 -1.37
N ASN B 193 -16.80 49.30 -2.68
CA ASN B 193 -15.57 48.66 -3.20
C ASN B 193 -14.33 49.44 -2.81
N GLY B 194 -13.49 48.82 -1.99
CA GLY B 194 -12.24 49.42 -1.57
C GLY B 194 -12.18 49.49 -0.07
N GLU B 195 -13.34 49.46 0.56
CA GLU B 195 -13.43 49.54 2.02
C GLU B 195 -13.25 48.17 2.68
N LEU B 196 -12.23 48.03 3.54
CA LEU B 196 -11.89 46.71 4.07
C LEU B 196 -11.92 46.68 5.59
N ASN B 197 -12.27 47.82 6.17
CA ASN B 197 -12.39 47.99 7.61
C ASN B 197 -13.87 48.04 8.03
N SER B 198 -14.56 49.12 7.65
CA SER B 198 -16.00 49.25 7.84
C SER B 198 -16.50 50.42 7.02
N PHE B 199 -17.72 50.31 6.51
CA PHE B 199 -18.32 51.40 5.75
C PHE B 199 -19.41 52.05 6.55
N TRP B 200 -19.06 53.13 7.27
CA TRP B 200 -20.00 53.73 8.20
C TRP B 200 -21.15 54.45 7.51
N GLY B 201 -20.85 55.33 6.56
CA GLY B 201 -21.87 56.12 5.91
C GLY B 201 -22.22 57.33 6.76
N ASP B 202 -22.53 58.44 6.12
CA ASP B 202 -22.79 59.67 6.84
C ASP B 202 -24.18 60.22 6.57
N VAL B 203 -24.98 59.48 5.80
CA VAL B 203 -26.36 59.88 5.52
C VAL B 203 -27.31 58.76 5.96
N ILE B 204 -28.07 59.00 7.03
CA ILE B 204 -29.01 58.01 7.55
C ILE B 204 -30.30 57.94 6.72
N HIS B 205 -30.75 56.74 6.37
CA HIS B 205 -32.02 56.55 5.64
C HIS B 205 -33.01 55.73 6.45
N VAL B 206 -34.28 56.06 6.30
CA VAL B 206 -35.33 55.14 6.70
C VAL B 206 -36.11 54.75 5.45
N ASN B 207 -36.28 53.45 5.25
CA ASN B 207 -37.00 52.95 4.07
C ASN B 207 -36.52 53.57 2.75
N GLY B 208 -35.20 53.71 2.64
CA GLY B 208 -34.56 54.14 1.41
C GLY B 208 -34.41 55.66 1.28
N GLN B 209 -34.96 56.39 2.23
CA GLN B 209 -34.99 57.84 2.18
C GLN B 209 -34.22 58.51 3.30
N PRO B 210 -33.29 59.39 2.94
CA PRO B 210 -32.49 60.08 3.95
C PRO B 210 -33.28 61.05 4.80
N TRP B 211 -33.15 60.94 6.12
CA TRP B 211 -33.72 61.91 7.06
C TRP B 211 -35.16 62.31 6.77
N PRO B 212 -36.05 61.33 6.72
CA PRO B 212 -37.46 61.59 6.42
C PRO B 212 -38.24 62.14 7.61
N PHE B 213 -39.47 62.55 7.31
CA PHE B 213 -40.41 63.00 8.30
C PHE B 213 -41.69 62.22 8.09
N LYS B 214 -42.54 62.14 9.12
CA LYS B 214 -43.83 61.49 8.95
C LYS B 214 -44.85 62.19 9.82
N ASN B 215 -46.00 62.47 9.24
CA ASN B 215 -47.12 62.99 10.01
C ASN B 215 -47.79 61.86 10.77
N VAL B 216 -47.90 62.00 12.09
CA VAL B 216 -48.54 60.94 12.86
C VAL B 216 -49.61 61.51 13.75
N GLU B 217 -50.50 60.64 14.19
CA GLU B 217 -51.59 61.00 15.08
C GLU B 217 -51.16 60.78 16.53
N PRO B 218 -51.80 61.49 17.47
CA PRO B 218 -51.46 61.32 18.89
C PRO B 218 -52.03 60.02 19.46
N ARG B 219 -51.51 58.89 18.99
CA ARG B 219 -51.91 57.58 19.50
C ARG B 219 -50.74 56.59 19.40
N LYS B 220 -51.04 55.32 19.64
CA LYS B 220 -50.00 54.29 19.57
C LYS B 220 -49.71 53.82 18.13
N TYR B 221 -48.41 53.72 17.84
CA TYR B 221 -47.92 53.11 16.61
C TYR B 221 -46.98 51.93 16.90
N ARG B 222 -47.02 50.92 16.04
CA ARG B 222 -46.09 49.81 16.08
C ARG B 222 -44.98 50.02 15.03
N PHE B 223 -43.73 50.10 15.47
CA PHE B 223 -42.62 50.27 14.55
C PHE B 223 -41.78 49.02 14.47
N ARG B 224 -41.51 48.56 13.24
CA ARG B 224 -40.65 47.40 13.01
C ARG B 224 -39.25 47.82 12.58
N PHE B 225 -38.35 47.97 13.55
CA PHE B 225 -37.01 48.44 13.23
C PHE B 225 -36.17 47.31 12.69
N LEU B 226 -35.37 47.61 11.69
CA LEU B 226 -34.41 46.67 11.15
C LEU B 226 -33.17 47.45 10.79
N ASP B 227 -32.04 47.11 11.39
CA ASP B 227 -30.82 47.79 11.00
C ASP B 227 -30.26 47.08 9.78
N ALA B 228 -30.45 47.70 8.61
CA ALA B 228 -30.03 47.08 7.35
C ALA B 228 -28.71 47.67 6.81
N ALA B 229 -28.02 48.46 7.62
CA ALA B 229 -26.83 49.15 7.13
C ALA B 229 -25.65 48.21 6.91
N VAL B 230 -24.71 48.66 6.11
CA VAL B 230 -23.51 47.90 5.89
C VAL B 230 -22.72 47.71 7.18
N SER B 231 -22.47 48.80 7.90
CA SER B 231 -21.58 48.71 9.07
C SER B 231 -22.08 49.46 10.29
N ARG B 232 -23.08 50.33 10.12
CA ARG B 232 -23.48 51.17 11.24
C ARG B 232 -24.41 50.46 12.21
N SER B 233 -24.06 50.55 13.50
CA SER B 233 -24.90 50.12 14.60
C SER B 233 -25.57 51.38 15.15
N PHE B 234 -26.72 51.21 15.79
CA PHE B 234 -27.48 52.35 16.29
C PHE B 234 -27.82 52.26 17.77
N GLY B 235 -27.90 53.41 18.42
CA GLY B 235 -28.47 53.53 19.75
C GLY B 235 -29.67 54.42 19.63
N LEU B 236 -30.87 53.85 19.65
CA LEU B 236 -32.05 54.63 19.34
C LEU B 236 -32.84 55.19 20.51
N TYR B 237 -33.14 56.48 20.43
CA TYR B 237 -34.01 57.17 21.37
C TYR B 237 -34.93 58.19 20.70
N PHE B 238 -36.04 58.47 21.38
CA PHE B 238 -37.02 59.44 20.93
C PHE B 238 -36.89 60.68 21.82
N ALA B 239 -37.03 61.85 21.23
CA ALA B 239 -36.94 63.11 21.98
C ALA B 239 -37.72 64.21 21.28
N ASP B 240 -38.42 65.02 22.06
CA ASP B 240 -39.10 66.21 21.58
C ASP B 240 -38.02 67.16 21.07
N THR B 241 -38.26 67.79 19.91
CA THR B 241 -37.31 68.75 19.33
C THR B 241 -37.02 69.93 20.26
N ASP B 242 -37.94 70.21 21.17
CA ASP B 242 -37.76 71.28 22.17
C ASP B 242 -36.94 70.82 23.38
N ALA B 243 -36.78 69.51 23.54
CA ALA B 243 -36.01 68.99 24.67
C ALA B 243 -35.30 67.72 24.27
N ILE B 244 -34.30 67.83 23.41
CA ILE B 244 -33.63 66.65 22.92
C ILE B 244 -32.79 66.01 23.99
N ASP B 245 -32.66 66.69 25.12
CA ASP B 245 -31.90 66.17 26.23
C ASP B 245 -32.64 65.05 26.96
N THR B 246 -33.94 64.94 26.74
CA THR B 246 -34.77 63.98 27.47
C THR B 246 -35.41 62.86 26.64
N ARG B 247 -35.10 61.64 27.02
CA ARG B 247 -35.56 60.46 26.29
C ARG B 247 -36.98 60.08 26.67
N LEU B 248 -37.82 59.91 25.64
CA LEU B 248 -39.22 59.53 25.83
C LEU B 248 -39.32 58.01 25.90
N PRO B 249 -39.92 57.49 26.98
CA PRO B 249 -39.99 56.03 27.09
C PRO B 249 -40.94 55.39 26.06
N PHE B 250 -40.68 54.12 25.76
CA PHE B 250 -41.50 53.37 24.84
C PHE B 250 -41.44 51.87 25.20
N LYS B 251 -42.11 51.02 24.44
CA LYS B 251 -42.09 49.59 24.74
C LYS B 251 -41.56 48.78 23.58
N VAL B 252 -40.68 47.83 23.89
CA VAL B 252 -40.23 46.84 22.93
C VAL B 252 -41.10 45.60 23.06
N ILE B 253 -41.70 45.15 21.95
CA ILE B 253 -42.56 43.96 21.98
C ILE B 253 -41.99 42.74 21.23
N ALA B 254 -40.98 42.93 20.40
CA ALA B 254 -40.43 41.80 19.65
C ALA B 254 -38.95 41.89 19.33
N SER B 255 -38.30 40.73 19.23
CA SER B 255 -36.90 40.66 18.82
C SER B 255 -36.83 39.87 17.50
N ASP B 256 -35.64 39.47 17.08
CA ASP B 256 -35.46 38.77 15.79
C ASP B 256 -36.51 37.68 15.53
N SER B 257 -36.78 36.87 16.54
CA SER B 257 -37.51 35.62 16.37
C SER B 257 -38.97 35.69 16.78
N GLY B 258 -39.43 36.89 17.13
CA GLY B 258 -40.82 37.08 17.46
C GLY B 258 -41.02 37.82 18.76
N LEU B 259 -42.26 37.82 19.22
CA LEU B 259 -42.64 38.53 20.43
C LEU B 259 -41.80 38.13 21.64
N LEU B 260 -41.57 39.10 22.53
CA LEU B 260 -41.06 38.82 23.85
C LEU B 260 -42.21 38.27 24.67
N GLU B 261 -41.88 37.79 25.85
CA GLU B 261 -42.90 37.25 26.75
C GLU B 261 -43.74 38.40 27.36
N HIS B 262 -43.08 39.51 27.65
CA HIS B 262 -43.72 40.71 28.21
C HIS B 262 -43.08 41.95 27.56
N PRO B 263 -43.87 43.03 27.38
CA PRO B 263 -43.28 44.23 26.77
C PRO B 263 -42.17 44.77 27.67
N ALA B 264 -41.08 45.23 27.09
CA ALA B 264 -39.98 45.75 27.90
C ALA B 264 -39.87 47.26 27.78
N ASP B 265 -40.06 47.93 28.90
CA ASP B 265 -40.01 49.39 28.95
C ASP B 265 -38.59 49.85 28.75
N THR B 266 -38.38 50.59 27.67
CA THR B 266 -37.06 51.03 27.26
C THR B 266 -37.11 52.48 26.85
N SER B 267 -35.99 53.15 26.97
CA SER B 267 -35.90 54.51 26.50
C SER B 267 -34.70 54.64 25.55
N LEU B 268 -33.89 53.59 25.52
CA LEU B 268 -32.75 53.48 24.63
C LEU B 268 -32.68 52.08 24.06
N LEU B 269 -32.62 51.97 22.75
CA LEU B 269 -32.57 50.68 22.09
C LEU B 269 -31.27 50.53 21.30
N TYR B 270 -30.38 49.63 21.74
CA TYR B 270 -29.26 49.23 20.92
C TYR B 270 -29.75 48.31 19.80
N ILE B 271 -29.38 48.63 18.56
CA ILE B 271 -29.69 47.75 17.45
C ILE B 271 -28.51 47.76 16.49
N SER B 272 -28.11 46.54 16.08
CA SER B 272 -26.94 46.30 15.22
C SER B 272 -27.34 45.66 13.89
N MET B 273 -26.39 45.51 13.00
CA MET B 273 -26.69 44.99 11.67
C MET B 273 -27.41 43.63 11.73
N ALA B 274 -28.50 43.56 10.99
CA ALA B 274 -29.36 42.37 10.81
C ALA B 274 -30.38 42.18 11.93
N GLU B 275 -30.28 43.02 12.95
CA GLU B 275 -31.17 42.96 14.10
C GLU B 275 -32.54 43.59 13.86
N ARG B 276 -33.56 42.93 14.36
CA ARG B 276 -34.90 43.44 14.27
C ARG B 276 -35.55 43.55 15.63
N TYR B 277 -36.09 44.72 15.93
CA TYR B 277 -36.90 44.88 17.12
C TYR B 277 -38.16 45.62 16.72
N GLU B 278 -39.30 45.19 17.25
CA GLU B 278 -40.53 45.94 17.08
C GLU B 278 -40.89 46.71 18.34
N VAL B 279 -41.23 47.97 18.15
CA VAL B 279 -41.47 48.92 19.22
C VAL B 279 -42.88 49.49 19.09
N VAL B 280 -43.57 49.68 20.21
CA VAL B 280 -44.79 50.45 20.19
C VAL B 280 -44.51 51.80 20.84
N PHE B 281 -44.77 52.88 20.11
CA PHE B 281 -44.55 54.21 20.66
C PHE B 281 -45.86 54.95 20.77
N ASP B 282 -46.06 55.62 21.91
CA ASP B 282 -47.34 56.26 22.20
C ASP B 282 -47.26 57.77 22.06
N PHE B 283 -47.77 58.30 20.95
CA PHE B 283 -47.69 59.74 20.71
C PHE B 283 -48.80 60.51 21.42
N SER B 284 -49.72 59.80 22.08
CA SER B 284 -50.77 60.43 22.89
C SER B 284 -50.25 61.61 23.69
N ASP B 285 -49.19 61.38 24.45
CA ASP B 285 -48.70 62.40 25.36
C ASP B 285 -47.97 63.57 24.69
N TYR B 286 -47.94 63.60 23.36
CA TYR B 286 -47.17 64.63 22.65
C TYR B 286 -47.94 65.35 21.54
N ALA B 287 -49.27 65.36 21.64
CA ALA B 287 -50.10 66.03 20.65
C ALA B 287 -49.54 67.41 20.36
N GLY B 288 -49.43 67.74 19.08
CA GLY B 288 -48.97 69.06 18.67
C GLY B 288 -47.45 69.22 18.63
N LYS B 289 -46.74 68.23 19.16
CA LYS B 289 -45.28 68.29 19.21
C LYS B 289 -44.61 67.67 17.97
N THR B 290 -43.30 67.94 17.83
CA THR B 290 -42.49 67.22 16.85
C THR B 290 -41.50 66.35 17.61
N ILE B 291 -41.55 65.04 17.35
CA ILE B 291 -40.65 64.10 17.99
C ILE B 291 -39.55 63.68 17.02
N GLU B 292 -38.30 63.77 17.48
CA GLU B 292 -37.17 63.36 16.66
C GLU B 292 -36.66 61.99 17.09
N LEU B 293 -36.47 61.11 16.13
CA LEU B 293 -35.87 59.81 16.43
C LEU B 293 -34.39 60.02 16.25
N ARG B 294 -33.61 59.78 17.30
CA ARG B 294 -32.21 60.14 17.26
C ARG B 294 -31.30 58.94 17.44
N ASN B 295 -30.00 59.17 17.27
CA ASN B 295 -29.00 58.11 17.35
C ASN B 295 -27.86 58.50 18.32
N LEU B 296 -27.68 57.70 19.36
CA LEU B 296 -26.71 57.97 20.40
C LEU B 296 -25.30 58.19 19.82
N GLY B 297 -24.64 59.25 20.25
CA GLY B 297 -23.30 59.59 19.77
C GLY B 297 -22.17 58.86 20.48
N GLY B 298 -20.93 59.21 20.17
CA GLY B 298 -19.79 58.62 20.83
C GLY B 298 -19.63 57.14 20.48
N SER B 299 -19.90 56.81 19.22
CA SER B 299 -19.93 55.42 18.76
C SER B 299 -20.87 54.61 19.65
N ILE B 300 -22.15 54.94 19.59
CA ILE B 300 -23.18 54.25 20.41
C ILE B 300 -22.72 54.12 21.87
N GLY B 301 -22.50 55.25 22.50
CA GLY B 301 -22.21 55.33 23.92
C GLY B 301 -20.99 54.55 24.33
N GLY B 302 -20.16 54.19 23.35
CA GLY B 302 -18.94 53.47 23.64
C GLY B 302 -19.06 51.95 23.49
N ILE B 303 -20.23 51.47 23.06
CA ILE B 303 -20.41 50.05 22.80
C ILE B 303 -19.75 49.71 21.47
N GLY B 304 -19.80 50.65 20.52
CA GLY B 304 -19.30 50.40 19.19
C GLY B 304 -18.02 51.17 18.91
N THR B 305 -17.60 51.22 17.64
CA THR B 305 -16.47 52.07 17.25
C THR B 305 -16.83 52.90 16.02
N ASP B 306 -18.10 52.84 15.63
CA ASP B 306 -18.57 53.59 14.47
C ASP B 306 -18.12 55.05 14.53
N THR B 307 -17.72 55.60 13.39
CA THR B 307 -17.46 57.04 13.26
C THR B 307 -18.77 57.81 13.25
N ASP B 308 -18.83 58.92 13.98
CA ASP B 308 -20.02 59.77 14.00
C ASP B 308 -19.75 60.99 13.13
N TYR B 309 -20.73 61.36 12.32
CA TYR B 309 -20.61 62.55 11.47
C TYR B 309 -21.64 63.61 11.84
N ASP B 310 -21.48 64.80 11.27
CA ASP B 310 -22.35 65.94 11.52
C ASP B 310 -23.81 65.55 11.75
N ASN B 311 -24.35 64.66 10.94
CA ASN B 311 -25.79 64.42 11.01
C ASN B 311 -26.23 63.00 11.29
N THR B 312 -25.28 62.11 11.59
CA THR B 312 -25.63 60.72 11.87
C THR B 312 -26.19 60.56 13.28
N ASP B 313 -26.40 61.68 13.96
CA ASP B 313 -27.07 61.65 15.26
C ASP B 313 -28.59 61.74 15.08
N LYS B 314 -29.01 62.04 13.85
CA LYS B 314 -30.43 62.21 13.56
C LYS B 314 -30.95 61.14 12.59
N VAL B 315 -32.17 60.65 12.82
CA VAL B 315 -32.76 59.61 11.99
C VAL B 315 -33.94 60.14 11.18
N MET B 316 -35.01 60.52 11.89
CA MET B 316 -36.16 61.13 11.24
C MET B 316 -37.01 61.89 12.24
N ARG B 317 -38.07 62.52 11.75
CA ARG B 317 -38.97 63.28 12.61
C ARG B 317 -40.42 62.86 12.44
N PHE B 318 -41.13 62.85 13.56
CA PHE B 318 -42.55 62.54 13.59
C PHE B 318 -43.31 63.83 13.97
N VAL B 319 -44.17 64.33 13.09
CA VAL B 319 -44.95 65.53 13.40
C VAL B 319 -46.31 65.07 13.92
N VAL B 320 -46.58 65.34 15.19
CA VAL B 320 -47.78 64.79 15.83
C VAL B 320 -48.97 65.72 15.72
N ALA B 321 -50.06 65.24 15.10
CA ALA B 321 -51.27 66.04 14.98
C ALA B 321 -51.86 66.40 16.34
N ASP B 322 -52.78 67.35 16.33
CA ASP B 322 -53.45 67.77 17.54
C ASP B 322 -54.42 66.72 18.03
N ASP B 323 -55.07 66.03 17.09
CA ASP B 323 -56.03 64.99 17.43
C ASP B 323 -55.94 63.79 16.49
N THR B 324 -56.61 62.70 16.87
CA THR B 324 -56.72 61.55 15.99
C THR B 324 -58.00 61.70 15.23
N THR B 325 -58.13 60.91 14.17
CA THR B 325 -59.32 60.90 13.36
C THR B 325 -60.32 60.04 14.08
N GLN B 326 -59.87 58.84 14.42
CA GLN B 326 -60.68 57.86 15.12
C GLN B 326 -60.00 57.50 16.42
N PRO B 327 -60.78 57.01 17.37
CA PRO B 327 -60.26 56.62 18.68
C PRO B 327 -59.32 55.40 18.64
N ASP B 328 -58.16 55.53 19.27
CA ASP B 328 -57.18 54.44 19.36
C ASP B 328 -57.74 53.30 20.22
N THR B 329 -58.06 52.20 19.58
CA THR B 329 -58.67 51.04 20.25
C THR B 329 -57.63 50.01 20.64
N SER B 330 -56.42 50.17 20.13
CA SER B 330 -55.36 49.18 20.28
C SER B 330 -54.82 49.14 21.69
N VAL B 331 -54.10 48.07 22.01
CA VAL B 331 -53.50 47.94 23.33
C VAL B 331 -52.10 47.30 23.23
N VAL B 332 -51.33 47.40 24.30
CA VAL B 332 -50.09 46.63 24.41
C VAL B 332 -50.22 45.76 25.66
N PRO B 333 -50.54 44.47 25.49
CA PRO B 333 -50.85 43.61 26.66
C PRO B 333 -49.60 43.30 27.47
N ALA B 334 -49.77 43.01 28.75
CA ALA B 334 -48.63 42.71 29.62
C ALA B 334 -48.09 41.34 29.31
N ASN B 335 -48.94 40.48 28.75
CA ASN B 335 -48.54 39.13 28.34
C ASN B 335 -48.66 38.97 26.83
N LEU B 336 -47.54 38.71 26.16
CA LEU B 336 -47.53 38.69 24.70
C LEU B 336 -47.60 37.25 24.17
N ARG B 337 -46.70 36.39 24.63
CA ARG B 337 -46.73 34.97 24.29
C ARG B 337 -45.85 34.15 25.22
N ASP B 338 -46.02 32.83 25.21
CA ASP B 338 -45.04 31.95 25.84
C ASP B 338 -43.90 31.76 24.86
N VAL B 339 -42.70 32.16 25.24
CA VAL B 339 -41.55 32.04 24.36
C VAL B 339 -40.99 30.63 24.43
N PRO B 340 -40.98 29.93 23.28
CA PRO B 340 -40.53 28.53 23.18
C PRO B 340 -39.00 28.41 23.31
N PHE B 341 -38.47 28.59 24.52
CA PHE B 341 -37.01 28.56 24.70
C PHE B 341 -36.46 27.16 24.45
N PRO B 342 -35.19 27.08 24.00
CA PRO B 342 -34.55 25.78 23.85
C PRO B 342 -34.51 25.08 25.19
N SER B 343 -34.64 23.77 25.22
CA SER B 343 -34.42 23.03 26.45
C SER B 343 -32.98 23.27 26.89
N PRO B 344 -32.79 23.86 28.08
CA PRO B 344 -31.47 24.35 28.50
C PRO B 344 -30.41 23.26 28.64
N THR B 345 -29.15 23.65 28.49
CA THR B 345 -28.00 22.74 28.61
C THR B 345 -26.91 23.42 29.40
N THR B 346 -26.00 22.61 29.96
CA THR B 346 -24.85 23.14 30.70
C THR B 346 -23.57 22.47 30.22
N ASN B 347 -23.63 21.86 29.05
CA ASN B 347 -22.42 21.40 28.40
C ASN B 347 -21.54 22.60 28.03
N THR B 348 -20.24 22.47 28.28
CA THR B 348 -19.28 23.54 28.00
C THR B 348 -19.52 24.11 26.60
N PRO B 349 -19.66 25.43 26.52
CA PRO B 349 -19.93 26.09 25.25
C PRO B 349 -18.75 26.02 24.28
N ARG B 350 -19.09 25.91 23.01
CA ARG B 350 -18.16 25.89 21.91
C ARG B 350 -17.66 27.31 21.71
N GLN B 351 -16.35 27.50 21.66
CA GLN B 351 -15.79 28.84 21.55
C GLN B 351 -15.48 29.34 20.13
N PHE B 352 -15.93 30.55 19.81
CA PHE B 352 -15.57 31.18 18.56
C PHE B 352 -15.02 32.55 18.83
N ARG B 353 -13.91 32.85 18.16
CA ARG B 353 -13.20 34.11 18.29
C ARG B 353 -13.29 34.91 17.00
N PHE B 354 -13.75 36.15 17.11
CA PHE B 354 -13.96 37.00 15.96
C PHE B 354 -12.90 38.08 15.99
N GLY B 355 -11.99 38.03 15.04
CA GLY B 355 -10.85 38.94 15.10
C GLY B 355 -10.11 39.05 13.79
N ARG B 356 -8.81 39.30 13.90
CA ARG B 356 -7.96 39.55 12.75
C ARG B 356 -6.88 38.49 12.62
N THR B 357 -6.66 38.05 11.39
CA THR B 357 -5.51 37.25 11.05
C THR B 357 -4.84 37.95 9.88
N GLY B 358 -3.73 38.64 10.14
CA GLY B 358 -3.13 39.50 9.16
C GLY B 358 -4.13 40.60 8.78
N PRO B 359 -4.33 40.80 7.48
CA PRO B 359 -5.28 41.81 7.00
C PRO B 359 -6.71 41.29 6.86
N THR B 360 -6.97 40.07 7.29
CA THR B 360 -8.28 39.46 7.06
C THR B 360 -9.10 39.29 8.33
N TRP B 361 -10.38 39.66 8.26
CA TRP B 361 -11.32 39.42 9.35
C TRP B 361 -11.65 37.96 9.37
N THR B 362 -11.48 37.33 10.53
CA THR B 362 -11.54 35.86 10.61
C THR B 362 -12.37 35.35 11.80
N ILE B 363 -12.74 34.08 11.73
CA ILE B 363 -13.40 33.39 12.84
C ILE B 363 -12.52 32.23 13.25
N ASN B 364 -11.98 32.28 14.46
CA ASN B 364 -10.97 31.29 14.87
C ASN B 364 -9.86 31.18 13.81
N GLY B 365 -9.46 32.32 13.25
CA GLY B 365 -8.33 32.35 12.32
C GLY B 365 -8.57 31.84 10.90
N VAL B 366 -9.82 31.54 10.56
CA VAL B 366 -10.14 31.10 9.21
C VAL B 366 -11.03 32.09 8.47
N ALA B 367 -10.86 32.14 7.16
CA ALA B 367 -11.62 32.99 6.27
C ALA B 367 -12.52 32.08 5.46
N PHE B 368 -13.67 32.58 5.03
CA PHE B 368 -14.63 31.72 4.32
C PHE B 368 -14.10 31.16 3.01
N ALA B 369 -13.24 31.94 2.35
CA ALA B 369 -12.67 31.54 1.08
C ALA B 369 -11.91 30.24 1.20
N ASP B 370 -11.48 29.91 2.43
CA ASP B 370 -10.72 28.70 2.70
C ASP B 370 -11.63 27.46 2.77
N VAL B 371 -11.89 26.86 1.62
CA VAL B 371 -12.88 25.78 1.51
C VAL B 371 -12.58 24.60 2.43
N GLN B 372 -11.29 24.38 2.68
CA GLN B 372 -10.86 23.18 3.38
C GLN B 372 -11.01 23.31 4.89
N ASN B 373 -11.09 24.54 5.39
CA ASN B 373 -11.14 24.77 6.83
C ASN B 373 -12.37 25.51 7.38
N ARG B 374 -13.27 25.98 6.53
CA ARG B 374 -14.36 26.85 7.00
C ARG B 374 -15.47 26.12 7.76
N LEU B 375 -15.51 24.80 7.65
CA LEU B 375 -16.50 23.99 8.38
C LEU B 375 -16.04 23.79 9.83
N LEU B 376 -16.52 24.67 10.70
CA LEU B 376 -15.97 24.79 12.05
C LEU B 376 -16.71 24.00 13.12
N ALA B 377 -17.77 23.29 12.73
CA ALA B 377 -18.59 22.60 13.73
C ALA B 377 -19.53 21.59 13.13
N ASN B 378 -19.57 20.43 13.77
CA ASN B 378 -20.56 19.43 13.45
C ASN B 378 -21.50 19.28 14.63
N VAL B 379 -22.79 19.50 14.38
CA VAL B 379 -23.78 19.35 15.44
C VAL B 379 -24.90 18.42 15.03
N PRO B 380 -25.07 17.33 15.77
CA PRO B 380 -26.16 16.41 15.45
C PRO B 380 -27.49 17.13 15.52
N VAL B 381 -28.30 17.00 14.47
CA VAL B 381 -29.65 17.56 14.47
C VAL B 381 -30.40 17.16 15.72
N GLY B 382 -31.04 18.13 16.38
CA GLY B 382 -31.81 17.87 17.59
C GLY B 382 -31.07 18.23 18.86
N THR B 383 -29.81 18.63 18.70
CA THR B 383 -28.94 18.96 19.81
C THR B 383 -29.09 20.43 20.19
N VAL B 384 -29.04 20.71 21.49
CA VAL B 384 -28.96 22.06 22.03
C VAL B 384 -27.52 22.34 22.42
N GLU B 385 -26.92 23.39 21.87
CA GLU B 385 -25.56 23.72 22.28
C GLU B 385 -25.47 25.19 22.62
N ARG B 386 -24.66 25.48 23.64
CA ARG B 386 -24.31 26.85 23.93
C ARG B 386 -23.06 27.19 23.13
N TRP B 387 -23.05 28.36 22.49
CA TRP B 387 -21.86 28.87 21.84
C TRP B 387 -21.38 30.13 22.54
N GLU B 388 -20.08 30.25 22.72
CA GLU B 388 -19.47 31.39 23.39
C GLU B 388 -18.79 32.25 22.33
N LEU B 389 -19.36 33.41 22.08
CA LEU B 389 -18.92 34.26 20.99
C LEU B 389 -17.99 35.32 21.56
N ILE B 390 -16.80 35.40 21.01
CA ILE B 390 -15.75 36.16 21.66
C ILE B 390 -15.16 37.27 20.80
N ASN B 391 -15.29 38.49 21.30
CA ASN B 391 -14.60 39.63 20.73
C ASN B 391 -13.65 40.21 21.76
N ALA B 392 -12.35 39.98 21.59
CA ALA B 392 -11.40 40.45 22.59
C ALA B 392 -10.85 41.84 22.26
N GLY B 393 -11.27 42.39 21.14
CA GLY B 393 -10.77 43.68 20.70
C GLY B 393 -11.54 44.88 21.19
N ASN B 394 -10.86 46.02 21.22
CA ASN B 394 -11.51 47.29 21.46
C ASN B 394 -11.68 48.01 20.14
N GLY B 395 -11.03 47.52 19.10
CA GLY B 395 -11.00 48.21 17.82
C GLY B 395 -12.07 47.83 16.80
N TRP B 396 -12.92 46.86 17.15
CA TRP B 396 -14.00 46.43 16.28
C TRP B 396 -15.18 45.83 17.07
N THR B 397 -16.39 45.84 16.50
CA THR B 397 -17.52 45.14 17.12
C THR B 397 -18.16 44.29 16.05
N HIS B 398 -18.93 43.30 16.50
CA HIS B 398 -19.42 42.28 15.56
C HIS B 398 -20.76 41.72 15.95
N PRO B 399 -21.78 42.06 15.15
CA PRO B 399 -23.12 41.47 15.32
C PRO B 399 -23.08 40.08 14.69
N ILE B 400 -23.10 39.02 15.50
CA ILE B 400 -22.90 37.66 14.98
C ILE B 400 -24.22 37.00 14.63
N HIS B 401 -24.25 36.41 13.45
CA HIS B 401 -25.47 35.77 12.96
C HIS B 401 -25.27 34.28 12.71
N ILE B 402 -26.19 33.48 13.24
CA ILE B 402 -26.15 32.05 13.04
C ILE B 402 -27.39 31.66 12.25
N HIS B 403 -27.20 30.98 11.12
CA HIS B 403 -28.30 30.58 10.25
C HIS B 403 -29.09 29.43 10.87
N LEU B 404 -30.27 29.14 10.33
CA LEU B 404 -31.09 28.01 10.77
C LEU B 404 -31.74 28.19 12.12
N VAL B 405 -30.96 28.60 13.11
CA VAL B 405 -31.41 28.54 14.51
C VAL B 405 -32.06 29.83 15.00
N ASP B 406 -32.90 29.70 16.03
CA ASP B 406 -33.20 30.81 16.94
C ASP B 406 -32.42 30.53 18.24
N PHE B 407 -31.93 31.56 18.89
CA PHE B 407 -31.17 31.34 20.12
C PHE B 407 -31.56 32.29 21.26
N LYS B 408 -31.30 31.86 22.49
CA LYS B 408 -31.47 32.69 23.67
C LYS B 408 -30.15 33.29 24.12
N VAL B 409 -30.14 34.57 24.45
CA VAL B 409 -28.90 35.18 24.92
C VAL B 409 -28.73 34.85 26.41
N ILE B 410 -27.65 34.14 26.70
CA ILE B 410 -27.39 33.64 28.04
C ILE B 410 -26.65 34.67 28.89
N SER B 411 -25.64 35.31 28.32
CA SER B 411 -24.86 36.26 29.08
C SER B 411 -23.96 37.12 28.24
N ARG B 412 -23.65 38.29 28.78
CA ARG B 412 -22.70 39.18 28.15
C ARG B 412 -21.79 39.74 29.23
N THR B 413 -20.49 39.64 29.03
CA THR B 413 -19.54 40.32 29.87
C THR B 413 -18.77 41.31 29.02
N SER B 414 -18.71 42.55 29.47
CA SER B 414 -17.92 43.56 28.80
C SER B 414 -16.58 43.85 29.50
N GLY B 415 -15.51 43.77 28.73
CA GLY B 415 -14.20 44.16 29.23
C GLY B 415 -14.13 45.60 29.68
N ASN B 416 -15.02 46.43 29.11
CA ASN B 416 -15.09 47.83 29.49
C ASN B 416 -16.16 48.07 30.57
N ASN B 417 -16.69 46.98 31.14
CA ASN B 417 -17.78 47.04 32.12
C ASN B 417 -18.99 47.83 31.66
N ALA B 418 -19.15 47.95 30.35
CA ALA B 418 -20.23 48.70 29.73
C ALA B 418 -21.66 48.18 29.88
N ARG B 419 -21.85 46.87 29.80
CA ARG B 419 -23.18 46.27 29.91
C ARG B 419 -23.22 44.74 30.03
N THR B 420 -24.38 44.22 30.37
CA THR B 420 -24.67 42.79 30.42
C THR B 420 -25.78 42.52 29.40
N VAL B 421 -26.63 41.56 29.69
CA VAL B 421 -27.75 41.27 28.82
C VAL B 421 -28.88 42.30 29.00
N MET B 422 -29.41 42.80 27.89
CA MET B 422 -30.50 43.77 27.88
C MET B 422 -31.88 43.14 28.04
N PRO B 423 -32.86 43.92 28.51
CA PRO B 423 -34.23 43.40 28.69
C PRO B 423 -34.91 43.01 27.37
N TYR B 424 -34.64 43.75 26.29
CA TYR B 424 -35.14 43.37 24.97
C TYR B 424 -34.39 42.17 24.33
N GLU B 425 -33.34 41.67 24.98
CA GLU B 425 -32.76 40.39 24.57
C GLU B 425 -33.29 39.23 25.42
N SER B 426 -34.47 39.39 26.02
CA SER B 426 -35.02 38.36 26.91
C SER B 426 -35.68 37.19 26.17
N GLY B 427 -35.90 37.34 24.87
CA GLY B 427 -36.65 36.35 24.13
C GLY B 427 -35.75 35.55 23.23
N LEU B 428 -36.15 35.40 21.96
CA LEU B 428 -35.36 34.63 21.00
C LEU B 428 -34.84 35.51 19.85
N LYS B 429 -33.59 35.28 19.49
CA LYS B 429 -32.90 36.14 18.55
C LYS B 429 -32.09 35.29 17.57
N ASP B 430 -31.65 35.88 16.46
CA ASP B 430 -30.73 35.17 15.57
C ASP B 430 -29.50 36.02 15.20
N VAL B 431 -29.41 37.20 15.80
CA VAL B 431 -28.19 38.00 15.71
C VAL B 431 -27.97 38.69 17.04
N VAL B 432 -26.72 38.72 17.48
CA VAL B 432 -26.39 39.31 18.78
C VAL B 432 -25.12 40.13 18.64
N TRP B 433 -25.13 41.32 19.22
CA TRP B 433 -24.05 42.28 19.03
C TRP B 433 -22.94 42.09 20.04
N LEU B 434 -21.76 41.75 19.57
CA LEU B 434 -20.57 41.73 20.42
C LEU B 434 -19.92 43.10 20.34
N GLY B 435 -20.16 43.93 21.35
CA GLY B 435 -19.52 45.23 21.42
C GLY B 435 -18.06 45.15 21.82
N ARG B 436 -17.44 46.32 21.98
CA ARG B 436 -16.04 46.38 22.35
C ARG B 436 -15.77 45.44 23.51
N ARG B 437 -14.84 44.51 23.32
CA ARG B 437 -14.43 43.61 24.40
C ARG B 437 -15.56 42.84 25.08
N GLU B 438 -16.59 42.50 24.32
CA GLU B 438 -17.65 41.62 24.85
C GLU B 438 -17.50 40.17 24.39
N THR B 439 -17.76 39.25 25.33
CA THR B 439 -18.00 37.87 24.97
C THR B 439 -19.43 37.58 25.37
N VAL B 440 -20.17 36.94 24.47
CA VAL B 440 -21.58 36.63 24.68
C VAL B 440 -21.79 35.14 24.57
N VAL B 441 -22.66 34.57 25.39
CA VAL B 441 -22.99 33.15 25.26
C VAL B 441 -24.43 33.03 24.76
N VAL B 442 -24.64 32.19 23.76
CA VAL B 442 -25.98 31.97 23.22
C VAL B 442 -26.33 30.49 23.30
N GLU B 443 -27.62 30.20 23.34
CA GLU B 443 -28.07 28.82 23.45
C GLU B 443 -29.08 28.54 22.35
N ALA B 444 -28.78 27.56 21.51
CA ALA B 444 -29.65 27.29 20.38
C ALA B 444 -29.96 25.82 20.23
N HIS B 445 -31.17 25.53 19.72
CA HIS B 445 -31.54 24.18 19.30
C HIS B 445 -31.25 24.01 17.81
N TYR B 446 -30.25 23.17 17.50
CA TYR B 446 -29.88 22.89 16.12
C TYR B 446 -30.85 21.88 15.51
N ALA B 447 -31.99 22.39 15.07
CA ALA B 447 -33.12 21.58 14.62
C ALA B 447 -33.95 22.45 13.72
N PRO B 448 -34.85 21.85 12.94
CA PRO B 448 -35.06 20.41 12.92
C PRO B 448 -34.55 19.78 11.62
N PHE B 449 -33.78 20.52 10.84
CA PHE B 449 -33.39 20.08 9.50
C PHE B 449 -31.88 19.93 9.34
N PRO B 450 -31.43 18.81 8.77
CA PRO B 450 -30.00 18.65 8.55
C PRO B 450 -29.51 19.45 7.35
N GLY B 451 -28.30 19.98 7.45
CA GLY B 451 -27.67 20.64 6.32
C GLY B 451 -26.43 21.42 6.69
N VAL B 452 -25.75 21.93 5.68
CA VAL B 452 -24.60 22.80 5.87
C VAL B 452 -25.09 24.23 5.80
N TYR B 453 -24.77 25.01 6.85
CA TYR B 453 -25.31 26.35 7.05
C TYR B 453 -24.21 27.33 7.43
N MET B 454 -24.41 28.60 7.10
CA MET B 454 -23.47 29.66 7.46
C MET B 454 -23.69 30.24 8.86
N PHE B 455 -22.61 30.80 9.37
CA PHE B 455 -22.67 31.72 10.50
C PHE B 455 -21.52 32.72 10.37
N HIS B 456 -21.72 33.97 10.77
CA HIS B 456 -20.78 35.02 10.44
C HIS B 456 -21.10 36.32 11.17
N CYS B 457 -20.21 37.30 11.04
CA CYS B 457 -20.53 38.64 11.47
C CYS B 457 -21.41 39.29 10.39
N HIS B 458 -22.36 40.11 10.80
CA HIS B 458 -23.25 40.74 9.81
C HIS B 458 -22.84 42.16 9.44
N ASN B 459 -21.68 42.59 9.92
CA ASN B 459 -21.02 43.74 9.32
C ASN B 459 -20.57 43.26 7.94
N LEU B 460 -21.26 43.72 6.90
CA LEU B 460 -21.03 43.21 5.55
C LEU B 460 -19.61 43.38 5.05
N ILE B 461 -18.94 44.45 5.45
CA ILE B 461 -17.55 44.61 5.09
C ILE B 461 -16.70 43.50 5.72
N HIS B 462 -16.92 43.24 7.01
CA HIS B 462 -16.18 42.15 7.69
C HIS B 462 -16.54 40.81 7.08
N GLU B 463 -17.84 40.61 6.87
CA GLU B 463 -18.36 39.41 6.22
C GLU B 463 -17.65 39.09 4.91
N ASP B 464 -17.50 40.10 4.05
CA ASP B 464 -16.86 39.91 2.76
C ASP B 464 -15.34 39.69 2.81
N HIS B 465 -14.66 40.07 3.88
CA HIS B 465 -13.21 39.94 3.91
C HIS B 465 -12.62 39.57 5.29
N ASP B 466 -12.98 38.41 5.87
CA ASP B 466 -13.77 37.35 5.23
C ASP B 466 -14.38 36.57 6.42
N MET B 467 -15.05 37.30 7.30
CA MET B 467 -15.46 36.79 8.60
C MET B 467 -16.72 35.92 8.53
N MET B 468 -16.60 34.80 7.84
CA MET B 468 -17.73 33.92 7.63
C MET B 468 -17.23 32.47 7.72
N ALA B 469 -18.07 31.59 8.25
CA ALA B 469 -17.73 30.18 8.35
C ALA B 469 -19.00 29.31 8.26
N ALA B 470 -18.86 28.00 8.47
CA ALA B 470 -19.95 27.07 8.23
C ALA B 470 -20.09 26.05 9.34
N PHE B 471 -21.32 25.58 9.54
CA PHE B 471 -21.53 24.41 10.38
C PHE B 471 -22.40 23.36 9.69
N ASN B 472 -22.29 22.12 10.16
CA ASN B 472 -23.07 21.04 9.60
C ASN B 472 -23.98 20.47 10.69
N ALA B 473 -25.28 20.59 10.49
CA ALA B 473 -26.24 19.91 11.35
C ALA B 473 -26.46 18.53 10.77
N THR B 474 -25.86 17.53 11.42
CA THR B 474 -25.76 16.17 10.87
C THR B 474 -26.88 15.21 11.30
N VAL B 475 -27.14 14.19 10.49
CA VAL B 475 -27.99 13.06 10.87
C VAL B 475 -27.33 11.77 10.42
N LEU B 476 -27.78 10.63 10.96
CA LEU B 476 -27.27 9.32 10.55
C LEU B 476 -27.91 8.89 9.24
N PRO B 477 -27.24 8.01 8.48
CA PRO B 477 -27.72 7.73 7.12
C PRO B 477 -29.09 7.05 7.08
N ASP B 478 -29.55 6.53 8.20
CA ASP B 478 -30.87 5.91 8.24
C ASP B 478 -32.00 6.92 8.56
N TYR B 479 -31.66 8.21 8.62
CA TYR B 479 -32.61 9.24 9.06
C TYR B 479 -33.80 9.39 8.09
N GLY B 480 -33.53 9.36 6.79
CA GLY B 480 -34.58 9.48 5.80
C GLY B 480 -34.95 10.92 5.46
N TYR B 481 -36.25 11.18 5.34
CA TYR B 481 -36.73 12.51 4.97
C TYR B 481 -36.02 13.10 3.74
N ASN B 482 -35.56 12.26 2.83
CA ASN B 482 -34.87 12.79 1.65
C ASN B 482 -33.67 13.67 2.05
N ALA B 483 -33.11 13.42 3.23
CA ALA B 483 -31.97 14.19 3.70
C ALA B 483 -30.84 14.26 2.67
N THR B 484 -30.70 13.21 1.90
CA THR B 484 -29.60 13.13 0.94
C THR B 484 -29.61 14.23 -0.13
N VAL B 485 -30.80 14.70 -0.50
CA VAL B 485 -30.87 15.73 -1.53
C VAL B 485 -31.03 17.14 -0.93
N PHE B 486 -31.06 17.22 0.40
CA PHE B 486 -31.30 18.49 1.09
C PHE B 486 -30.19 19.00 2.01
N VAL B 487 -29.11 18.23 2.14
CA VAL B 487 -28.00 18.64 3.02
C VAL B 487 -26.92 19.50 2.34
N ASP B 488 -26.70 19.29 1.05
CA ASP B 488 -25.66 20.02 0.34
C ASP B 488 -26.26 21.25 -0.33
N PRO B 489 -25.76 22.44 0.03
CA PRO B 489 -26.35 23.66 -0.53
C PRO B 489 -26.14 23.79 -2.04
N MET B 490 -25.13 23.12 -2.59
CA MET B 490 -24.84 23.23 -4.03
C MET B 490 -25.57 22.16 -4.83
N GLU B 491 -26.43 21.40 -4.17
CA GLU B 491 -27.14 20.29 -4.81
C GLU B 491 -27.67 20.72 -6.17
N GLU B 492 -27.19 20.06 -7.21
CA GLU B 492 -27.49 20.42 -8.61
C GLU B 492 -29.00 20.52 -8.87
N LEU B 493 -29.75 19.64 -8.24
CA LEU B 493 -31.19 19.57 -8.38
C LEU B 493 -31.83 20.94 -8.16
N TRP B 494 -31.22 21.74 -7.29
CA TRP B 494 -31.80 23.02 -6.87
C TRP B 494 -31.08 24.25 -7.42
N GLN B 495 -30.10 24.05 -8.30
CA GLN B 495 -29.30 25.16 -8.83
C GLN B 495 -30.12 26.09 -9.70
N ALA B 496 -29.57 27.29 -9.92
CA ALA B 496 -30.12 28.27 -10.85
C ALA B 496 -30.28 27.72 -12.24
N ARG B 497 -31.10 28.39 -13.05
CA ARG B 497 -31.36 27.99 -14.43
C ARG B 497 -31.40 29.22 -15.36
N PRO B 498 -30.93 29.04 -16.59
CA PRO B 498 -31.00 30.16 -17.52
C PRO B 498 -32.42 30.33 -18.04
N TYR B 499 -32.74 31.55 -18.49
CA TYR B 499 -34.04 31.88 -19.06
C TYR B 499 -33.78 32.92 -20.14
N GLU B 500 -34.74 33.09 -21.04
CA GLU B 500 -34.70 34.15 -22.02
C GLU B 500 -35.66 35.23 -21.55
N LEU B 501 -35.25 36.48 -21.70
CA LEU B 501 -36.08 37.59 -21.27
C LEU B 501 -37.46 37.62 -21.93
N GLY B 502 -37.55 37.20 -23.19
CA GLY B 502 -38.82 37.13 -23.87
C GLY B 502 -39.79 36.20 -23.18
N GLU B 503 -39.26 35.08 -22.73
CA GLU B 503 -40.01 34.09 -21.95
C GLU B 503 -40.59 34.73 -20.70
N PHE B 504 -39.77 35.51 -20.01
CA PHE B 504 -40.18 36.11 -18.76
C PHE B 504 -41.25 37.17 -18.94
N GLN B 505 -41.06 38.05 -19.92
CA GLN B 505 -42.00 39.15 -20.11
C GLN B 505 -43.30 38.66 -20.68
N ALA B 506 -43.23 37.57 -21.44
CA ALA B 506 -44.41 37.00 -22.08
C ALA B 506 -45.08 35.99 -21.16
N GLN B 507 -44.48 35.75 -20.01
CA GLN B 507 -45.00 34.75 -19.09
C GLN B 507 -45.33 33.44 -19.84
N SER B 508 -44.41 33.02 -20.70
CA SER B 508 -44.55 31.76 -21.45
C SER B 508 -43.24 30.98 -21.30
N GLY B 509 -43.17 29.78 -21.88
CA GLY B 509 -41.99 28.95 -21.70
C GLY B 509 -41.87 28.53 -20.25
N GLN B 510 -40.68 28.69 -19.65
CA GLN B 510 -40.45 28.30 -18.26
C GLN B 510 -41.33 29.08 -17.30
N PHE B 511 -41.94 30.13 -17.81
CA PHE B 511 -42.77 30.98 -16.98
C PHE B 511 -44.26 30.80 -17.29
N SER B 512 -44.61 29.78 -18.07
CA SER B 512 -46.03 29.55 -18.36
C SER B 512 -46.68 29.00 -17.11
N VAL B 513 -47.99 29.13 -17.01
CA VAL B 513 -48.71 28.57 -15.88
C VAL B 513 -48.36 27.09 -15.71
N GLN B 514 -48.45 26.35 -16.79
CA GLN B 514 -48.25 24.91 -16.72
C GLN B 514 -46.83 24.53 -16.30
N ALA B 515 -45.82 25.25 -16.80
CA ALA B 515 -44.43 24.92 -16.48
C ALA B 515 -44.10 25.25 -15.02
N VAL B 516 -44.63 26.37 -14.55
CA VAL B 516 -44.42 26.75 -13.17
C VAL B 516 -45.10 25.71 -12.31
N THR B 517 -46.29 25.30 -12.73
CA THR B 517 -47.07 24.33 -11.98
C THR B 517 -46.33 22.99 -11.84
N GLU B 518 -45.85 22.46 -12.96
CA GLU B 518 -45.15 21.18 -12.92
C GLU B 518 -43.90 21.29 -12.08
N ARG B 519 -43.13 22.36 -12.22
CA ARG B 519 -41.90 22.49 -11.46
C ARG B 519 -42.07 22.54 -9.93
N ILE B 520 -43.04 23.33 -9.48
CA ILE B 520 -43.35 23.45 -8.07
C ILE B 520 -43.91 22.15 -7.48
N GLN B 521 -44.79 21.50 -8.22
CA GLN B 521 -45.38 20.27 -7.77
C GLN B 521 -44.31 19.21 -7.60
N THR B 522 -43.33 19.24 -8.48
CA THR B 522 -42.21 18.30 -8.42
C THR B 522 -41.34 18.57 -7.19
N MET B 523 -40.95 19.84 -6.99
CA MET B 523 -40.24 20.23 -5.76
C MET B 523 -40.98 19.74 -4.52
N ALA B 524 -42.30 19.91 -4.54
CA ALA B 524 -43.15 19.57 -3.39
C ALA B 524 -43.06 18.10 -3.03
N GLU B 525 -42.98 17.25 -4.05
CA GLU B 525 -42.97 15.81 -3.84
C GLU B 525 -41.76 15.35 -3.02
N TYR B 526 -40.69 16.15 -3.03
CA TYR B 526 -39.53 15.85 -2.19
C TYR B 526 -39.79 16.05 -0.69
N ARG B 527 -40.89 16.75 -0.37
CA ARG B 527 -41.30 16.97 1.02
C ARG B 527 -40.20 17.53 1.93
N PRO B 528 -39.58 18.64 1.53
CA PRO B 528 -38.42 19.22 2.23
C PRO B 528 -38.67 19.66 3.68
N TYR B 529 -39.92 19.90 4.06
CA TYR B 529 -40.16 20.47 5.38
C TYR B 529 -41.00 19.55 6.28
N ALA B 530 -41.20 18.32 5.84
CA ALA B 530 -42.02 17.37 6.59
C ALA B 530 -41.57 17.15 8.04
N ALA B 531 -40.28 17.25 8.32
CA ALA B 531 -39.79 17.03 9.68
C ALA B 531 -40.32 18.05 10.68
N ALA B 532 -40.73 19.22 10.19
CA ALA B 532 -41.42 20.17 11.06
C ALA B 532 -42.91 19.82 11.20
N ASP B 533 -43.30 18.69 10.60
CA ASP B 533 -44.69 18.23 10.55
C ASP B 533 -45.67 19.30 10.09
N VAL C 1 10.48 -16.71 15.15
CA VAL C 1 9.86 -17.91 15.70
C VAL C 1 10.65 -18.39 16.91
N ALA C 2 9.95 -18.89 17.92
CA ALA C 2 10.57 -19.24 19.20
C ALA C 2 11.53 -20.40 19.03
N GLN C 3 12.75 -20.22 19.52
CA GLN C 3 13.78 -21.26 19.43
C GLN C 3 13.25 -22.55 20.06
N ILE C 4 13.52 -23.69 19.44
CA ILE C 4 13.02 -24.96 19.95
C ILE C 4 14.11 -25.69 20.70
N SER C 5 15.32 -25.66 20.17
CA SER C 5 16.47 -26.20 20.88
C SER C 5 16.65 -25.48 22.20
N PRO C 6 17.23 -26.17 23.19
CA PRO C 6 17.44 -25.50 24.48
C PRO C 6 18.45 -24.34 24.37
N GLN C 7 18.39 -23.40 25.31
CA GLN C 7 19.23 -22.22 25.30
C GLN C 7 20.71 -22.59 25.40
N TYR C 8 21.53 -21.94 24.58
CA TYR C 8 22.97 -22.18 24.58
C TYR C 8 23.69 -20.97 25.18
N PRO C 9 24.87 -21.17 25.83
CA PRO C 9 25.74 -20.07 26.28
C PRO C 9 26.51 -19.37 25.15
N MET C 10 25.81 -18.52 24.41
CA MET C 10 26.33 -17.83 23.23
C MET C 10 27.77 -17.32 23.33
N PHE C 11 28.54 -17.58 22.28
CA PHE C 11 29.83 -16.94 22.10
C PHE C 11 30.83 -17.18 23.26
N THR C 12 30.76 -18.36 23.87
CA THR C 12 31.68 -18.72 24.97
C THR C 12 32.72 -19.79 24.61
N VAL C 13 32.51 -20.51 23.52
CA VAL C 13 33.46 -21.53 23.06
C VAL C 13 34.25 -21.04 21.85
N PRO C 14 35.57 -21.15 21.90
CA PRO C 14 36.38 -20.65 20.78
C PRO C 14 36.09 -21.47 19.51
N LEU C 15 36.26 -20.85 18.34
CA LEU C 15 36.06 -21.53 17.08
C LEU C 15 37.10 -22.64 16.95
N PRO C 16 36.65 -23.89 16.76
CA PRO C 16 37.58 -24.99 16.47
C PRO C 16 38.04 -24.97 15.01
N ILE C 17 39.23 -25.52 14.78
CA ILE C 17 39.73 -25.68 13.42
C ILE C 17 39.95 -27.16 13.17
N PRO C 18 39.30 -27.70 12.13
CA PRO C 18 39.50 -29.11 11.81
C PRO C 18 40.97 -29.34 11.46
N PRO C 19 41.55 -30.45 11.95
CA PRO C 19 42.98 -30.74 11.76
C PRO C 19 43.25 -31.14 10.32
N VAL C 20 44.47 -30.86 9.84
CA VAL C 20 44.85 -31.29 8.50
C VAL C 20 44.96 -32.80 8.42
N LYS C 21 44.42 -33.37 7.36
CA LYS C 21 44.48 -34.80 7.13
C LYS C 21 45.75 -35.13 6.40
N GLN C 22 46.59 -35.95 7.00
CA GLN C 22 47.83 -36.33 6.33
C GLN C 22 47.70 -37.71 5.66
N PRO C 23 48.35 -37.87 4.50
CA PRO C 23 48.36 -39.16 3.81
C PRO C 23 49.16 -40.19 4.59
N ARG C 24 48.83 -41.47 4.41
CA ARG C 24 49.57 -42.53 5.05
C ARG C 24 50.90 -42.75 4.35
N LEU C 25 50.89 -42.70 3.01
CA LEU C 25 52.06 -42.99 2.20
C LEU C 25 51.85 -42.55 0.76
N THR C 26 52.88 -42.71 -0.07
CA THR C 26 52.79 -42.41 -1.49
C THR C 26 53.23 -43.61 -2.31
N VAL C 27 52.52 -43.85 -3.40
CA VAL C 27 52.84 -44.94 -4.31
C VAL C 27 53.33 -44.33 -5.60
N THR C 28 54.39 -44.88 -6.16
CA THR C 28 54.85 -44.35 -7.43
C THR C 28 54.00 -44.87 -8.59
N ASN C 29 53.43 -43.94 -9.35
CA ASN C 29 52.65 -44.27 -10.53
C ASN C 29 53.57 -44.88 -11.58
N PRO C 30 53.32 -46.16 -11.92
CA PRO C 30 54.19 -46.89 -12.85
C PRO C 30 54.25 -46.25 -14.23
N VAL C 31 53.19 -45.53 -14.61
CA VAL C 31 53.08 -44.97 -15.95
C VAL C 31 53.98 -43.76 -16.18
N ASN C 32 54.05 -42.85 -15.21
CA ASN C 32 54.82 -41.62 -15.39
C ASN C 32 55.88 -41.41 -14.31
N GLY C 33 55.91 -42.30 -13.32
CA GLY C 33 56.93 -42.28 -12.27
C GLY C 33 56.70 -41.30 -11.15
N GLN C 34 55.53 -40.67 -11.09
CA GLN C 34 55.23 -39.65 -10.09
C GLN C 34 54.54 -40.24 -8.87
N GLU C 35 54.64 -39.54 -7.75
CA GLU C 35 54.08 -40.01 -6.49
C GLU C 35 52.58 -39.74 -6.33
N ILE C 36 51.82 -40.80 -6.06
CA ILE C 36 50.41 -40.64 -5.75
C ILE C 36 50.20 -40.73 -4.25
N TRP C 37 49.57 -39.72 -3.66
CA TRP C 37 49.36 -39.68 -2.22
C TRP C 37 48.17 -40.56 -1.86
N TYR C 38 48.36 -41.44 -0.87
CA TYR C 38 47.33 -42.37 -0.44
C TYR C 38 46.87 -42.08 0.99
N TYR C 39 45.55 -41.98 1.18
CA TYR C 39 44.96 -41.67 2.47
C TYR C 39 43.97 -42.75 2.90
N GLU C 40 43.76 -42.87 4.20
CA GLU C 40 42.72 -43.77 4.75
C GLU C 40 41.85 -43.01 5.70
N VAL C 41 40.55 -43.01 5.44
CA VAL C 41 39.57 -42.36 6.28
C VAL C 41 38.60 -43.41 6.77
N GLU C 42 38.31 -43.36 8.06
CA GLU C 42 37.44 -44.36 8.67
C GLU C 42 36.12 -43.71 9.02
N ILE C 43 35.03 -44.10 8.37
CA ILE C 43 33.73 -43.55 8.73
C ILE C 43 33.23 -44.27 9.98
N LYS C 44 33.01 -43.53 11.07
CA LYS C 44 32.60 -44.15 12.32
C LYS C 44 31.86 -43.21 13.26
N PRO C 45 30.96 -43.77 14.10
CA PRO C 45 30.14 -43.01 15.06
C PRO C 45 30.99 -42.49 16.19
N PHE C 46 30.62 -41.34 16.75
CA PHE C 46 31.31 -40.77 17.89
C PHE C 46 30.35 -39.88 18.68
N THR C 47 30.73 -39.56 19.92
CA THR C 47 29.89 -38.80 20.84
C THR C 47 30.44 -37.38 20.92
N HIS C 48 29.55 -36.39 20.93
CA HIS C 48 30.04 -35.03 21.07
C HIS C 48 29.24 -34.29 22.12
N GLN C 49 29.94 -33.71 23.09
CA GLN C 49 29.30 -32.91 24.14
C GLN C 49 29.07 -31.49 23.63
N VAL C 50 27.86 -31.21 23.14
CA VAL C 50 27.57 -29.91 22.56
C VAL C 50 27.10 -28.91 23.59
N TYR C 51 26.07 -29.28 24.37
CA TYR C 51 25.62 -28.44 25.49
C TYR C 51 26.36 -28.85 26.77
N PRO C 52 27.20 -27.95 27.30
CA PRO C 52 28.03 -28.25 28.47
C PRO C 52 27.29 -28.90 29.66
N ASP C 53 26.00 -28.64 29.84
CA ASP C 53 25.33 -29.14 31.03
C ASP C 53 24.30 -30.25 30.75
N LEU C 54 24.10 -30.57 29.48
CA LEU C 54 23.13 -31.59 29.12
C LEU C 54 23.85 -32.89 28.70
N GLY C 55 23.10 -33.80 28.10
CA GLY C 55 23.68 -35.03 27.55
C GLY C 55 24.53 -34.76 26.32
N SER C 56 24.99 -35.82 25.67
CA SER C 56 25.84 -35.67 24.50
C SER C 56 25.04 -35.87 23.21
N ALA C 57 25.67 -35.55 22.08
CA ALA C 57 25.07 -35.78 20.77
C ALA C 57 25.73 -36.95 20.05
N ASP C 58 24.93 -37.71 19.30
CA ASP C 58 25.41 -38.89 18.56
C ASP C 58 25.67 -38.55 17.10
N LEU C 59 26.94 -38.46 16.72
CA LEU C 59 27.30 -38.14 15.34
C LEU C 59 28.00 -39.30 14.64
N VAL C 60 28.13 -39.17 13.33
CA VAL C 60 28.88 -40.12 12.52
C VAL C 60 29.70 -39.29 11.54
N GLY C 61 31.02 -39.43 11.58
CA GLY C 61 31.87 -38.61 10.73
C GLY C 61 33.16 -39.25 10.25
N TYR C 62 33.77 -38.61 9.25
CA TYR C 62 35.05 -39.06 8.73
C TYR C 62 36.09 -38.95 9.85
N ASP C 63 36.78 -40.05 10.12
CA ASP C 63 37.75 -40.11 11.19
C ASP C 63 37.16 -39.74 12.53
N GLY C 64 35.86 -40.00 12.71
CA GLY C 64 35.21 -39.77 14.01
C GLY C 64 35.19 -38.31 14.44
N MET C 65 35.15 -37.40 13.47
CA MET C 65 35.07 -35.98 13.78
C MET C 65 34.13 -35.29 12.80
N SER C 66 33.71 -34.09 13.15
CA SER C 66 32.80 -33.33 12.32
C SER C 66 33.09 -31.86 12.61
N PRO C 67 33.50 -31.09 11.59
CA PRO C 67 33.73 -31.56 10.21
C PRO C 67 34.82 -32.64 10.15
N GLY C 68 34.90 -33.36 9.03
CA GLY C 68 36.01 -34.25 8.83
C GLY C 68 37.31 -33.46 8.68
N PRO C 69 38.46 -34.14 8.75
CA PRO C 69 39.72 -33.40 8.68
C PRO C 69 39.87 -32.71 7.32
N THR C 70 40.67 -31.65 7.27
CA THR C 70 40.88 -30.88 6.06
C THR C 70 42.01 -31.44 5.20
N PHE C 71 41.71 -31.74 3.94
CA PHE C 71 42.75 -32.17 3.01
C PHE C 71 43.42 -30.94 2.42
N GLN C 72 44.73 -31.02 2.20
CA GLN C 72 45.49 -29.98 1.54
C GLN C 72 46.40 -30.61 0.49
N VAL C 73 46.00 -30.49 -0.77
CA VAL C 73 46.64 -31.19 -1.88
C VAL C 73 47.03 -30.19 -2.96
N PRO C 74 48.31 -30.16 -3.33
CA PRO C 74 48.80 -29.27 -4.41
C PRO C 74 48.33 -29.73 -5.79
N ARG C 75 47.96 -28.81 -6.68
CA ARG C 75 47.65 -29.18 -8.06
C ARG C 75 48.78 -30.02 -8.64
N GLY C 76 48.43 -30.98 -9.49
CA GLY C 76 49.42 -31.83 -10.13
C GLY C 76 49.70 -33.14 -9.41
N VAL C 77 49.26 -33.26 -8.15
CA VAL C 77 49.47 -34.46 -7.33
C VAL C 77 48.21 -35.33 -7.29
N GLU C 78 48.22 -36.49 -7.93
CA GLU C 78 47.04 -37.35 -7.88
C GLU C 78 46.93 -37.94 -6.48
N THR C 79 45.71 -38.11 -6.00
CA THR C 79 45.49 -38.71 -4.67
C THR C 79 44.55 -39.89 -4.77
N VAL C 80 44.76 -40.86 -3.88
CA VAL C 80 43.82 -41.95 -3.73
C VAL C 80 43.40 -42.00 -2.26
N VAL C 81 42.10 -41.97 -2.03
CA VAL C 81 41.55 -41.91 -0.69
C VAL C 81 40.63 -43.11 -0.48
N ARG C 82 40.99 -43.94 0.49
CA ARG C 82 40.23 -45.13 0.79
C ARG C 82 39.30 -44.78 1.95
N PHE C 83 38.00 -44.67 1.65
CA PHE C 83 37.00 -44.41 2.68
C PHE C 83 36.47 -45.74 3.22
N ILE C 84 36.73 -46.00 4.49
CA ILE C 84 36.39 -47.26 5.13
C ILE C 84 35.10 -47.05 5.91
N ASN C 85 34.03 -47.74 5.53
CA ASN C 85 32.79 -47.61 6.29
C ASN C 85 32.82 -48.50 7.53
N ASN C 86 32.87 -47.88 8.71
CA ASN C 86 32.76 -48.60 9.97
C ASN C 86 31.59 -48.03 10.77
N ALA C 87 30.52 -47.69 10.06
CA ALA C 87 29.33 -47.12 10.68
C ALA C 87 28.16 -48.09 10.56
N GLU C 88 26.94 -47.56 10.55
CA GLU C 88 25.77 -48.42 10.62
C GLU C 88 24.78 -48.14 9.51
N ALA C 89 25.19 -47.35 8.54
CA ALA C 89 24.39 -47.13 7.35
C ALA C 89 25.33 -46.97 6.18
N PRO C 90 24.82 -47.18 4.96
CA PRO C 90 25.63 -47.07 3.74
C PRO C 90 26.19 -45.67 3.50
N ASN C 91 27.26 -45.56 2.70
CA ASN C 91 27.80 -44.25 2.36
C ASN C 91 28.19 -44.14 0.90
N SER C 92 28.28 -42.92 0.39
CA SER C 92 28.84 -42.71 -0.95
C SER C 92 29.55 -41.38 -0.96
N VAL C 93 30.86 -41.38 -1.14
CA VAL C 93 31.63 -40.17 -0.95
C VAL C 93 31.73 -39.34 -2.22
N HIS C 94 31.33 -38.08 -2.12
CA HIS C 94 31.42 -37.17 -3.24
C HIS C 94 32.34 -36.02 -2.93
N LEU C 95 33.38 -35.86 -3.74
CA LEU C 95 34.26 -34.70 -3.63
C LEU C 95 33.69 -33.64 -4.55
N HIS C 96 33.02 -32.67 -3.96
CA HIS C 96 32.30 -31.62 -4.68
C HIS C 96 33.24 -30.53 -5.15
N GLY C 97 33.27 -30.30 -6.46
CA GLY C 97 34.16 -29.32 -7.07
C GLY C 97 35.28 -29.93 -7.89
N SER C 98 35.28 -31.25 -8.01
CA SER C 98 36.35 -31.98 -8.69
C SER C 98 35.82 -32.78 -9.88
N PHE C 99 36.47 -32.67 -11.04
CA PHE C 99 36.01 -33.40 -12.24
C PHE C 99 36.41 -34.88 -12.26
N SER C 100 36.04 -35.58 -11.19
CA SER C 100 36.39 -36.99 -11.03
C SER C 100 35.68 -37.87 -12.05
N ARG C 101 36.25 -39.03 -12.35
CA ARG C 101 35.55 -39.98 -13.22
C ARG C 101 34.23 -40.41 -12.56
N ALA C 102 33.24 -40.80 -13.35
CA ALA C 102 31.91 -41.18 -12.84
C ALA C 102 31.96 -42.13 -11.65
N ALA C 103 32.79 -43.16 -11.70
CA ALA C 103 32.85 -44.14 -10.62
C ALA C 103 33.59 -43.66 -9.36
N PHE C 104 34.18 -42.47 -9.43
CA PHE C 104 34.88 -41.88 -8.28
C PHE C 104 34.18 -40.60 -7.82
N ASP C 105 32.98 -40.35 -8.34
CA ASP C 105 32.32 -39.05 -8.16
C ASP C 105 31.26 -39.10 -7.07
N GLY C 106 30.99 -40.28 -6.56
CA GLY C 106 29.99 -40.41 -5.52
C GLY C 106 28.57 -40.57 -6.08
N TRP C 107 28.45 -41.26 -7.20
CA TRP C 107 27.13 -41.53 -7.76
C TRP C 107 26.26 -42.07 -6.64
N ALA C 108 25.04 -41.56 -6.55
CA ALA C 108 24.14 -41.84 -5.42
C ALA C 108 23.95 -43.33 -5.11
N GLU C 109 23.96 -44.17 -6.14
CA GLU C 109 23.75 -45.61 -5.92
C GLU C 109 25.06 -46.36 -5.74
N ASP C 110 26.17 -45.67 -5.96
CA ASP C 110 27.48 -46.29 -5.82
C ASP C 110 27.89 -46.35 -4.36
N ILE C 111 27.26 -47.27 -3.64
CA ILE C 111 27.28 -47.34 -2.19
C ILE C 111 28.38 -48.23 -1.62
N THR C 112 28.89 -47.84 -0.46
CA THR C 112 29.72 -48.72 0.35
C THR C 112 28.95 -49.10 1.60
N GLU C 113 28.76 -50.40 1.84
CA GLU C 113 28.09 -50.84 3.07
C GLU C 113 29.04 -50.88 4.27
N PRO C 114 28.49 -50.87 5.49
CA PRO C 114 29.32 -51.11 6.68
C PRO C 114 30.08 -52.42 6.49
N GLY C 115 31.33 -52.47 6.92
CA GLY C 115 32.13 -53.66 6.72
C GLY C 115 32.83 -53.69 5.37
N SER C 116 32.73 -52.57 4.63
CA SER C 116 33.39 -52.45 3.34
C SER C 116 34.13 -51.11 3.20
N PHE C 117 34.95 -51.01 2.15
CA PHE C 117 35.60 -49.73 1.81
C PHE C 117 35.60 -49.50 0.30
N LYS C 118 35.82 -48.25 -0.11
CA LYS C 118 36.00 -47.94 -1.52
C LYS C 118 37.17 -46.98 -1.71
N ASP C 119 37.99 -47.26 -2.71
CA ASP C 119 39.13 -46.42 -3.07
C ASP C 119 38.73 -45.39 -4.13
N TYR C 120 38.95 -44.13 -3.81
CA TYR C 120 38.63 -43.03 -4.71
C TYR C 120 39.89 -42.43 -5.33
N TYR C 121 39.87 -42.29 -6.65
CA TYR C 121 41.05 -41.83 -7.38
C TYR C 121 40.75 -40.44 -7.87
N TYR C 122 41.42 -39.45 -7.25
CA TYR C 122 41.18 -38.05 -7.50
C TYR C 122 42.27 -37.41 -8.34
N PRO C 123 41.87 -36.57 -9.32
CA PRO C 123 42.79 -35.99 -10.31
C PRO C 123 43.57 -34.74 -9.86
N ASN C 124 42.91 -33.85 -9.10
CA ASN C 124 43.55 -32.64 -8.60
C ASN C 124 44.38 -31.89 -9.65
N ARG C 125 43.83 -31.75 -10.85
CA ARG C 125 44.48 -31.03 -11.95
C ARG C 125 43.87 -29.65 -12.17
N GLN C 126 42.78 -29.36 -11.45
CA GLN C 126 41.96 -28.18 -11.68
C GLN C 126 42.46 -26.95 -10.92
N SER C 127 41.90 -25.78 -11.21
CA SER C 127 42.34 -24.54 -10.58
C SER C 127 42.17 -24.60 -9.07
N ALA C 128 43.11 -23.97 -8.34
CA ALA C 128 43.05 -23.87 -6.88
C ALA C 128 41.66 -23.42 -6.44
N ARG C 129 41.16 -24.02 -5.37
CA ARG C 129 39.79 -23.78 -4.96
C ARG C 129 39.55 -24.57 -3.70
N THR C 130 38.46 -24.25 -3.03
CA THR C 130 38.07 -24.94 -1.83
C THR C 130 37.03 -25.94 -2.24
N LEU C 131 37.41 -27.20 -2.28
CA LEU C 131 36.47 -28.28 -2.47
C LEU C 131 35.97 -28.74 -1.10
N TRP C 132 34.97 -29.60 -1.10
CA TRP C 132 34.56 -30.26 0.13
C TRP C 132 34.05 -31.64 -0.19
N TYR C 133 34.32 -32.59 0.69
CA TYR C 133 33.85 -33.93 0.47
C TYR C 133 32.72 -34.26 1.44
N HIS C 134 31.75 -35.02 0.98
CA HIS C 134 30.58 -35.31 1.80
C HIS C 134 29.77 -36.44 1.22
N ASP C 135 28.89 -37.00 2.03
CA ASP C 135 28.12 -38.17 1.64
C ASP C 135 27.08 -37.86 0.57
N HIS C 136 26.74 -38.89 -0.20
CA HIS C 136 25.78 -38.74 -1.28
C HIS C 136 24.92 -40.00 -1.44
N ALA C 137 24.96 -40.91 -0.46
CA ALA C 137 24.16 -42.14 -0.54
C ALA C 137 22.69 -41.86 -0.84
N MET C 138 22.14 -42.52 -1.85
CA MET C 138 20.76 -42.24 -2.27
C MET C 138 19.70 -42.33 -1.13
N HIS C 139 18.84 -41.32 -1.05
CA HIS C 139 17.72 -41.24 -0.11
C HIS C 139 18.05 -41.01 1.37
N ILE C 140 19.32 -41.00 1.71
CA ILE C 140 19.74 -40.81 3.09
C ILE C 140 20.89 -39.80 3.17
N THR C 141 21.07 -39.01 2.11
CA THR C 141 22.13 -37.99 2.07
C THR C 141 21.93 -36.94 3.16
N ALA C 142 20.69 -36.52 3.37
CA ALA C 142 20.40 -35.54 4.41
C ALA C 142 20.89 -35.97 5.79
N GLU C 143 20.42 -37.11 6.28
CA GLU C 143 20.80 -37.54 7.62
C GLU C 143 22.31 -37.79 7.73
N ASN C 144 22.89 -38.42 6.71
CA ASN C 144 24.33 -38.72 6.71
C ASN C 144 25.24 -37.49 6.82
N ALA C 145 24.95 -36.47 6.00
CA ALA C 145 25.70 -35.22 6.05
C ALA C 145 25.44 -34.49 7.37
N TYR C 146 24.17 -34.46 7.77
CA TYR C 146 23.74 -33.83 9.01
C TYR C 146 24.43 -34.43 10.26
N ARG C 147 24.50 -35.76 10.33
CA ARG C 147 25.14 -36.39 11.47
C ARG C 147 26.68 -36.24 11.43
N GLY C 148 27.21 -35.62 10.37
CA GLY C 148 28.59 -35.20 10.39
C GLY C 148 29.48 -35.47 9.20
N GLN C 149 29.01 -36.25 8.23
CA GLN C 149 29.89 -36.59 7.12
C GLN C 149 30.05 -35.45 6.11
N ALA C 150 30.87 -34.47 6.46
CA ALA C 150 31.29 -33.44 5.51
C ALA C 150 32.64 -32.94 5.95
N GLY C 151 33.44 -32.45 5.01
CA GLY C 151 34.76 -31.93 5.32
C GLY C 151 35.39 -31.13 4.18
N LEU C 152 36.44 -30.38 4.47
CA LEU C 152 37.09 -29.52 3.48
C LEU C 152 38.24 -30.20 2.73
N TYR C 153 38.38 -29.83 1.47
CA TYR C 153 39.43 -30.36 0.63
C TYR C 153 40.00 -29.21 -0.16
N MET C 154 41.16 -28.72 0.27
CA MET C 154 41.76 -27.53 -0.31
C MET C 154 42.71 -27.88 -1.42
N LEU C 155 42.35 -27.51 -2.64
CA LEU C 155 43.26 -27.71 -3.76
C LEU C 155 44.13 -26.46 -3.82
N THR C 156 45.45 -26.62 -3.79
CA THR C 156 46.33 -25.46 -3.71
C THR C 156 47.20 -25.32 -4.93
N ASP C 157 47.82 -24.15 -5.07
CA ASP C 157 48.62 -23.82 -6.24
C ASP C 157 49.66 -22.75 -5.88
N PRO C 158 50.94 -23.09 -6.01
CA PRO C 158 52.05 -22.19 -5.68
C PRO C 158 52.02 -20.83 -6.41
N ALA C 159 51.59 -20.80 -7.67
CA ALA C 159 51.48 -19.54 -8.39
C ALA C 159 50.51 -18.60 -7.67
N GLU C 160 49.56 -19.19 -6.93
CA GLU C 160 48.58 -18.41 -6.20
C GLU C 160 49.14 -17.88 -4.87
N ASP C 161 50.14 -18.57 -4.32
CA ASP C 161 50.80 -18.09 -3.11
C ASP C 161 51.57 -16.80 -3.42
N ALA C 162 51.99 -16.64 -4.66
CA ALA C 162 52.66 -15.40 -5.06
C ALA C 162 51.79 -14.13 -4.92
N LEU C 163 50.47 -14.30 -4.79
CA LEU C 163 49.57 -13.15 -4.61
C LEU C 163 49.74 -12.56 -3.21
N ASN C 164 50.13 -13.40 -2.26
CA ASN C 164 50.40 -12.93 -0.91
C ASN C 164 49.10 -12.54 -0.18
N LEU C 165 48.02 -13.29 -0.44
CA LEU C 165 46.82 -13.19 0.36
C LEU C 165 47.14 -13.53 1.82
N PRO C 166 46.28 -13.10 2.77
CA PRO C 166 46.51 -13.56 4.15
C PRO C 166 46.67 -15.09 4.13
N SER C 167 47.52 -15.66 4.99
CA SER C 167 47.83 -17.07 4.85
C SER C 167 48.04 -17.80 6.16
N GLY C 168 48.28 -19.10 6.05
CA GLY C 168 48.47 -19.97 7.19
C GLY C 168 47.15 -20.57 7.62
N TYR C 169 46.95 -21.84 7.27
CA TYR C 169 45.75 -22.56 7.69
C TYR C 169 45.60 -22.52 9.22
N GLY C 170 44.50 -21.94 9.70
CA GLY C 170 44.25 -21.88 11.13
C GLY C 170 44.91 -20.68 11.78
N GLU C 171 45.64 -19.91 11.00
CA GLU C 171 46.28 -18.69 11.48
C GLU C 171 45.53 -17.47 10.96
N PHE C 172 45.81 -17.09 9.72
CA PHE C 172 45.08 -15.99 9.07
C PHE C 172 44.24 -16.46 7.88
N ASP C 173 44.20 -17.78 7.68
CA ASP C 173 43.46 -18.40 6.59
C ASP C 173 42.56 -19.43 7.26
N ILE C 174 41.31 -19.03 7.51
CA ILE C 174 40.43 -19.76 8.41
C ILE C 174 39.20 -20.32 7.68
N PRO C 175 38.97 -21.62 7.83
CA PRO C 175 37.77 -22.21 7.24
C PRO C 175 36.51 -21.86 8.04
N MET C 176 35.40 -21.58 7.36
CA MET C 176 34.16 -21.25 8.04
C MET C 176 33.02 -22.09 7.49
N ILE C 177 32.88 -23.28 8.04
CA ILE C 177 31.85 -24.21 7.59
C ILE C 177 30.59 -23.98 8.41
N LEU C 178 29.57 -23.40 7.79
CA LEU C 178 28.31 -23.12 8.49
C LEU C 178 27.38 -24.34 8.40
N THR C 179 26.79 -24.72 9.52
CA THR C 179 25.66 -25.65 9.49
C THR C 179 24.55 -25.09 10.35
N SER C 180 23.39 -25.76 10.35
CA SER C 180 22.20 -25.26 11.04
C SER C 180 21.41 -26.46 11.56
N LYS C 181 21.47 -26.71 12.86
CA LYS C 181 20.91 -27.94 13.42
C LYS C 181 19.85 -27.69 14.49
N GLN C 182 19.26 -28.76 14.99
CA GLN C 182 18.30 -28.67 16.07
C GLN C 182 18.67 -29.70 17.14
N TYR C 183 18.49 -29.37 18.41
CA TYR C 183 18.82 -30.31 19.48
C TYR C 183 17.61 -30.63 20.36
N THR C 184 17.66 -31.77 21.05
CA THR C 184 16.61 -32.12 22.00
C THR C 184 16.92 -31.55 23.37
N ALA C 185 15.94 -31.68 24.28
CA ALA C 185 16.07 -31.13 25.63
C ALA C 185 17.26 -31.69 26.40
N ASN C 186 17.66 -32.91 26.07
CA ASN C 186 18.84 -33.51 26.69
C ASN C 186 20.12 -33.35 25.87
N GLY C 187 20.13 -32.37 24.96
CA GLY C 187 21.33 -32.01 24.21
C GLY C 187 21.80 -32.92 23.07
N ASN C 188 20.96 -33.86 22.66
CA ASN C 188 21.27 -34.73 21.52
C ASN C 188 20.72 -34.09 20.25
N LEU C 189 21.05 -34.64 19.09
CA LEU C 189 20.59 -34.08 17.81
C LEU C 189 19.15 -34.46 17.48
N VAL C 190 18.40 -33.53 16.90
CA VAL C 190 17.09 -33.86 16.35
C VAL C 190 17.32 -34.41 14.96
N THR C 191 16.80 -35.61 14.69
CA THR C 191 17.01 -36.27 13.41
C THR C 191 16.28 -35.51 12.29
N THR C 192 16.74 -35.68 11.06
CA THR C 192 16.04 -35.12 9.90
C THR C 192 14.99 -36.10 9.38
N ASN C 193 15.08 -37.37 9.79
CA ASN C 193 14.10 -38.37 9.36
C ASN C 193 12.68 -37.92 9.66
N GLY C 194 11.92 -37.67 8.61
CA GLY C 194 10.51 -37.33 8.76
C GLY C 194 10.23 -36.01 8.10
N GLU C 195 11.29 -35.24 7.89
CA GLU C 195 11.17 -33.91 7.29
C GLU C 195 11.19 -34.01 5.76
N LEU C 196 10.12 -33.55 5.10
CA LEU C 196 10.02 -33.75 3.65
C LEU C 196 9.89 -32.44 2.88
N ASN C 197 9.93 -31.34 3.63
CA ASN C 197 9.81 -29.99 3.09
C ASN C 197 11.19 -29.30 3.11
N SER C 198 11.66 -29.00 4.31
CA SER C 198 13.02 -28.48 4.53
C SER C 198 13.36 -28.54 6.01
N PHE C 199 14.64 -28.77 6.31
CA PHE C 199 15.07 -28.82 7.71
C PHE C 199 15.89 -27.59 8.02
N TRP C 200 15.23 -26.53 8.50
CA TRP C 200 15.91 -25.26 8.71
C TRP C 200 16.96 -25.28 9.82
N GLY C 201 16.59 -25.77 10.99
CA GLY C 201 17.52 -25.77 12.12
C GLY C 201 17.48 -24.42 12.81
N ASP C 202 17.65 -24.40 14.12
CA ASP C 202 17.54 -23.16 14.86
C ASP C 202 18.81 -22.84 15.64
N VAL C 203 19.83 -23.68 15.50
CA VAL C 203 21.12 -23.47 16.14
C VAL C 203 22.23 -23.37 15.07
N ILE C 204 22.79 -22.20 14.87
CA ILE C 204 23.83 -22.00 13.85
C ILE C 204 25.20 -22.47 14.36
N HIS C 205 25.92 -23.26 13.56
CA HIS C 205 27.29 -23.69 13.91
C HIS C 205 28.31 -23.16 12.92
N VAL C 206 29.51 -22.86 13.43
CA VAL C 206 30.67 -22.72 12.56
C VAL C 206 31.66 -23.83 12.93
N ASN C 207 32.13 -24.57 11.94
CA ASN C 207 33.08 -25.65 12.18
C ASN C 207 32.63 -26.60 13.29
N GLY C 208 31.34 -26.91 13.30
CA GLY C 208 30.77 -27.93 14.17
C GLY C 208 30.33 -27.38 15.52
N GLN C 209 30.60 -26.10 15.78
CA GLN C 209 30.33 -25.47 17.06
C GLN C 209 29.31 -24.37 17.00
N PRO C 210 28.28 -24.46 17.82
CA PRO C 210 27.22 -23.44 17.82
C PRO C 210 27.69 -22.09 18.35
N TRP C 211 27.41 -21.04 17.60
CA TRP C 211 27.65 -19.66 18.05
C TRP C 211 29.00 -19.42 18.71
N PRO C 212 30.07 -19.73 18.00
CA PRO C 212 31.42 -19.57 18.55
C PRO C 212 31.92 -18.13 18.55
N PHE C 213 33.06 -17.95 19.19
CA PHE C 213 33.76 -16.69 19.22
C PHE C 213 35.19 -16.96 18.81
N LYS C 214 35.90 -15.92 18.33
CA LYS C 214 37.31 -16.09 18.02
C LYS C 214 38.04 -14.82 18.33
N ASN C 215 39.17 -14.95 19.01
CA ASN C 215 40.06 -13.82 19.21
C ASN C 215 40.85 -13.54 17.94
N VAL C 216 40.74 -12.33 17.42
CA VAL C 216 41.50 -11.98 16.24
C VAL C 216 42.33 -10.73 16.43
N GLU C 217 43.31 -10.56 15.56
CA GLU C 217 44.17 -9.39 15.60
C GLU C 217 43.62 -8.34 14.64
N PRO C 218 43.96 -7.07 14.87
CA PRO C 218 43.51 -5.99 13.98
C PRO C 218 44.26 -5.98 12.65
N ARG C 219 44.05 -7.00 11.84
CA ARG C 219 44.64 -7.07 10.51
C ARG C 219 43.75 -7.86 9.56
N LYS C 220 44.26 -8.15 8.36
CA LYS C 220 43.50 -8.92 7.39
C LYS C 220 43.46 -10.42 7.66
N TYR C 221 42.27 -11.01 7.55
CA TYR C 221 42.07 -12.46 7.56
C TYR C 221 41.35 -12.95 6.31
N ARG C 222 41.74 -14.14 5.85
CA ARG C 222 41.07 -14.80 4.75
C ARG C 222 40.07 -15.84 5.30
N PHE C 223 38.80 -15.68 4.97
CA PHE C 223 37.78 -16.62 5.43
C PHE C 223 37.23 -17.45 4.29
N ARG C 224 37.22 -18.76 4.47
CA ARG C 224 36.66 -19.68 3.47
C ARG C 224 35.28 -20.14 3.89
N PHE C 225 34.25 -19.42 3.44
CA PHE C 225 32.90 -19.78 3.82
C PHE C 225 32.39 -20.94 3.01
N LEU C 226 31.66 -21.82 3.66
CA LEU C 226 30.99 -22.91 2.96
C LEU C 226 29.67 -23.16 3.65
N ASP C 227 28.58 -23.04 2.91
CA ASP C 227 27.30 -23.32 3.54
C ASP C 227 27.05 -24.80 3.47
N ALA C 228 27.21 -25.48 4.59
CA ALA C 228 27.13 -26.95 4.62
C ALA C 228 25.82 -27.41 5.23
N ALA C 229 24.88 -26.49 5.44
CA ALA C 229 23.63 -26.84 6.11
C ALA C 229 22.70 -27.71 5.26
N VAL C 230 21.81 -28.43 5.92
CA VAL C 230 20.82 -29.21 5.23
C VAL C 230 19.92 -28.33 4.33
N SER C 231 19.36 -27.27 4.90
CA SER C 231 18.38 -26.48 4.15
C SER C 231 18.57 -24.98 4.26
N ARG C 232 19.39 -24.51 5.20
CA ARG C 232 19.43 -23.08 5.45
C ARG C 232 20.36 -22.36 4.50
N SER C 233 19.85 -21.29 3.89
CA SER C 233 20.63 -20.37 3.09
C SER C 233 20.94 -19.17 4.00
N PHE C 234 22.00 -18.45 3.69
CA PHE C 234 22.44 -17.34 4.52
C PHE C 234 22.62 -16.03 3.76
N GLY C 235 22.36 -14.92 4.45
CA GLY C 235 22.73 -13.61 3.98
C GLY C 235 23.72 -13.06 4.96
N LEU C 236 25.00 -13.05 4.61
CA LEU C 236 26.02 -12.71 5.58
C LEU C 236 26.52 -11.28 5.58
N TYR C 237 26.55 -10.70 6.78
CA TYR C 237 27.14 -9.38 7.03
C TYR C 237 27.90 -9.30 8.34
N PHE C 238 28.86 -8.37 8.39
CA PHE C 238 29.65 -8.09 9.57
C PHE C 238 29.15 -6.79 10.20
N ALA C 239 29.13 -6.74 11.52
CA ALA C 239 28.68 -5.54 12.22
C ALA C 239 29.29 -5.49 13.62
N ASP C 240 29.69 -4.28 14.04
CA ASP C 240 30.15 -4.01 15.39
C ASP C 240 28.97 -4.25 16.32
N THR C 241 29.22 -4.94 17.44
CA THR C 241 28.18 -5.18 18.46
C THR C 241 27.53 -3.90 19.00
N ASP C 242 28.26 -2.79 18.92
CA ASP C 242 27.73 -1.48 19.33
C ASP C 242 26.88 -0.82 18.23
N ALA C 243 26.98 -1.29 16.99
CA ALA C 243 26.20 -0.72 15.90
C ALA C 243 25.82 -1.79 14.90
N ILE C 244 24.94 -2.70 15.30
CA ILE C 244 24.59 -3.81 14.44
C ILE C 244 23.79 -3.33 13.24
N ASP C 245 23.36 -2.08 13.27
CA ASP C 245 22.60 -1.51 12.18
C ASP C 245 23.47 -1.24 10.96
N THR C 246 24.79 -1.21 11.13
CA THR C 246 25.69 -0.83 10.06
C THR C 246 26.65 -1.93 9.57
N ARG C 247 26.55 -2.25 8.29
CA ARG C 247 27.34 -3.30 7.67
C ARG C 247 28.76 -2.87 7.34
N LEU C 248 29.73 -3.63 7.83
CA LEU C 248 31.14 -3.35 7.55
C LEU C 248 31.55 -3.97 6.21
N PRO C 249 32.13 -3.15 5.33
CA PRO C 249 32.47 -3.69 4.01
C PRO C 249 33.64 -4.68 4.08
N PHE C 250 33.70 -5.58 3.09
CA PHE C 250 34.78 -6.56 2.98
C PHE C 250 34.97 -6.91 1.52
N LYS C 251 35.90 -7.83 1.22
CA LYS C 251 36.15 -8.23 -0.16
C LYS C 251 35.96 -9.72 -0.36
N VAL C 252 35.26 -10.06 -1.45
CA VAL C 252 35.15 -11.44 -1.89
C VAL C 252 36.24 -11.71 -2.91
N ILE C 253 37.04 -12.75 -2.69
CA ILE C 253 38.11 -13.09 -3.62
C ILE C 253 37.91 -14.41 -4.39
N ALA C 254 37.02 -15.27 -3.93
CA ALA C 254 36.81 -16.54 -4.62
C ALA C 254 35.39 -17.09 -4.57
N SER C 255 35.02 -17.85 -5.61
CA SER C 255 33.72 -18.54 -5.63
C SER C 255 33.98 -20.04 -5.69
N ASP C 256 32.95 -20.84 -5.97
CA ASP C 256 33.09 -22.31 -5.97
C ASP C 256 34.37 -22.82 -6.67
N SER C 257 34.64 -22.29 -7.86
CA SER C 257 35.66 -22.81 -8.76
C SER C 257 37.02 -22.10 -8.69
N GLY C 258 37.15 -21.14 -7.80
CA GLY C 258 38.44 -20.50 -7.61
C GLY C 258 38.32 -19.00 -7.58
N LEU C 259 39.46 -18.34 -7.62
CA LEU C 259 39.52 -16.90 -7.55
C LEU C 259 38.63 -16.20 -8.58
N LEU C 260 38.10 -15.05 -8.20
CA LEU C 260 37.50 -14.13 -9.16
C LEU C 260 38.63 -13.45 -9.90
N GLU C 261 38.27 -12.69 -10.93
CA GLU C 261 39.26 -11.97 -11.70
C GLU C 261 39.77 -10.75 -10.90
N HIS C 262 38.87 -10.12 -10.15
CA HIS C 262 39.17 -8.94 -9.33
C HIS C 262 38.37 -9.06 -8.02
N PRO C 263 38.92 -8.59 -6.89
CA PRO C 263 38.16 -8.66 -5.64
C PRO C 263 36.86 -7.88 -5.74
N ALA C 264 35.76 -8.41 -5.22
CA ALA C 264 34.50 -7.70 -5.31
C ALA C 264 34.10 -7.14 -3.94
N ASP C 265 34.01 -5.82 -3.86
CA ASP C 265 33.65 -5.12 -2.63
C ASP C 265 32.19 -5.38 -2.32
N THR C 266 31.97 -6.01 -1.18
CA THR C 266 30.65 -6.45 -0.78
C THR C 266 30.45 -6.13 0.69
N SER C 267 29.20 -5.96 1.08
CA SER C 267 28.89 -5.77 2.48
C SER C 267 27.82 -6.79 2.89
N LEU C 268 27.27 -7.45 1.90
CA LEU C 268 26.29 -8.51 2.10
C LEU C 268 26.58 -9.65 1.15
N LEU C 269 26.70 -10.85 1.69
CA LEU C 269 27.01 -12.02 0.88
C LEU C 269 25.88 -13.05 0.97
N TYR C 270 25.15 -13.26 -0.12
CA TYR C 270 24.24 -14.39 -0.22
C TYR C 270 25.05 -15.67 -0.40
N ILE C 271 24.79 -16.67 0.43
CA ILE C 271 25.41 -17.98 0.26
C ILE C 271 24.38 -19.06 0.58
N SER C 272 24.29 -20.04 -0.32
CA SER C 272 23.32 -21.13 -0.26
C SER C 272 24.01 -22.50 -0.11
N MET C 273 23.23 -23.54 0.07
CA MET C 273 23.79 -24.85 0.30
C MET C 273 24.77 -25.27 -0.81
N ALA C 274 25.94 -25.73 -0.39
CA ALA C 274 27.04 -26.24 -1.21
C ALA C 274 27.93 -25.14 -1.80
N GLU C 275 27.54 -23.90 -1.58
CA GLU C 275 28.27 -22.75 -2.09
C GLU C 275 29.49 -22.38 -1.25
N ARG C 276 30.55 -22.04 -1.94
CA ARG C 276 31.76 -21.61 -1.28
C ARG C 276 32.19 -20.24 -1.76
N TYR C 277 32.42 -19.34 -0.80
CA TYR C 277 33.04 -18.06 -1.14
C TYR C 277 34.17 -17.81 -0.17
N GLU C 278 35.28 -17.30 -0.67
CA GLU C 278 36.35 -16.86 0.22
C GLU C 278 36.37 -15.34 0.30
N VAL C 279 36.49 -14.85 1.53
CA VAL C 279 36.38 -13.45 1.86
C VAL C 279 37.64 -12.99 2.59
N VAL C 280 38.12 -11.80 2.28
CA VAL C 280 39.15 -11.18 3.11
C VAL C 280 38.50 -10.08 3.93
N PHE C 281 38.62 -10.18 5.25
CA PHE C 281 38.07 -9.15 6.12
C PHE C 281 39.17 -8.42 6.88
N ASP C 282 39.08 -7.10 6.94
CA ASP C 282 40.15 -6.29 7.50
C ASP C 282 39.78 -5.75 8.87
N PHE C 283 40.30 -6.37 9.92
CA PHE C 283 39.97 -5.94 11.29
C PHE C 283 40.78 -4.72 11.72
N SER C 284 41.75 -4.31 10.92
CA SER C 284 42.53 -3.08 11.19
C SER C 284 41.68 -1.95 11.76
N ASP C 285 40.60 -1.62 11.06
CA ASP C 285 39.79 -0.47 11.43
C ASP C 285 38.92 -0.68 12.69
N TYR C 286 39.04 -1.83 13.35
CA TYR C 286 38.18 -2.13 14.48
C TYR C 286 38.92 -2.59 15.75
N ALA C 287 40.19 -2.22 15.87
CA ALA C 287 40.98 -2.60 17.03
C ALA C 287 40.18 -2.35 18.30
N GLY C 288 40.18 -3.32 19.20
CA GLY C 288 39.50 -3.19 20.48
C GLY C 288 38.00 -3.46 20.46
N LYS C 289 37.45 -3.61 19.25
CA LYS C 289 36.01 -3.83 19.12
C LYS C 289 35.63 -5.33 19.13
N THR C 290 34.34 -5.61 19.25
CA THR C 290 33.82 -6.96 18.99
C THR C 290 32.95 -6.90 17.73
N ILE C 291 33.32 -7.69 16.72
CA ILE C 291 32.55 -7.76 15.49
C ILE C 291 31.70 -9.02 15.46
N GLU C 292 30.41 -8.85 15.16
CA GLU C 292 29.49 -9.98 15.06
C GLU C 292 29.23 -10.32 13.60
N LEU C 293 29.36 -11.60 13.28
CA LEU C 293 29.01 -12.08 11.95
C LEU C 293 27.55 -12.45 12.03
N ARG C 294 26.71 -11.80 11.23
CA ARG C 294 25.28 -11.95 11.39
C ARG C 294 24.62 -12.53 10.14
N ASN C 295 23.35 -12.87 10.26
CA ASN C 295 22.58 -13.48 9.16
C ASN C 295 21.29 -12.71 8.90
N LEU C 296 21.15 -12.18 7.69
CA LEU C 296 20.01 -11.37 7.29
C LEU C 296 18.69 -12.10 7.56
N GLY C 297 17.74 -11.38 8.18
CA GLY C 297 16.44 -11.93 8.55
C GLY C 297 15.41 -11.87 7.43
N GLY C 298 14.17 -12.24 7.75
CA GLY C 298 13.10 -12.18 6.78
C GLY C 298 13.30 -13.18 5.66
N SER C 299 13.80 -14.36 6.02
CA SER C 299 14.18 -15.39 5.04
C SER C 299 15.13 -14.79 4.02
N ILE C 300 16.33 -14.44 4.47
CA ILE C 300 17.36 -13.81 3.61
C ILE C 300 16.77 -12.70 2.73
N GLY C 301 16.24 -11.68 3.39
CA GLY C 301 15.77 -10.49 2.72
C GLY C 301 14.69 -10.75 1.69
N GLY C 302 14.07 -11.93 1.77
CA GLY C 302 13.00 -12.26 0.84
C GLY C 302 13.47 -13.05 -0.38
N ILE C 303 14.75 -13.37 -0.43
CA ILE C 303 15.26 -14.22 -1.50
C ILE C 303 14.86 -15.67 -1.25
N GLY C 304 14.81 -16.05 0.03
CA GLY C 304 14.55 -17.43 0.40
C GLY C 304 13.19 -17.61 1.04
N THR C 305 12.95 -18.77 1.65
CA THR C 305 11.72 -18.97 2.45
C THR C 305 12.04 -19.57 3.81
N ASP C 306 13.32 -19.66 4.11
CA ASP C 306 13.78 -20.22 5.38
C ASP C 306 13.03 -19.61 6.54
N THR C 307 12.69 -20.43 7.53
CA THR C 307 12.13 -19.94 8.80
C THR C 307 13.23 -19.32 9.67
N ASP C 308 12.96 -18.17 10.27
CA ASP C 308 13.93 -17.51 11.13
C ASP C 308 13.53 -17.76 12.58
N TYR C 309 14.51 -18.10 13.42
CA TYR C 309 14.24 -18.31 14.84
C TYR C 309 14.98 -17.29 15.70
N ASP C 310 14.67 -17.29 16.98
CA ASP C 310 15.24 -16.35 17.95
C ASP C 310 16.70 -16.00 17.69
N ASN C 311 17.52 -17.00 17.40
CA ASN C 311 18.95 -16.75 17.33
C ASN C 311 19.63 -17.06 16.00
N THR C 312 18.85 -17.40 14.98
CA THR C 312 19.45 -17.73 13.69
C THR C 312 19.88 -16.48 12.93
N ASP C 313 19.76 -15.32 13.58
CA ASP C 313 20.25 -14.07 12.99
C ASP C 313 21.72 -13.88 13.36
N LYS C 314 22.21 -14.72 14.26
CA LYS C 314 23.59 -14.61 14.75
C LYS C 314 24.44 -15.82 14.35
N VAL C 315 25.69 -15.57 13.97
CA VAL C 315 26.58 -16.64 13.55
C VAL C 315 27.72 -16.84 14.54
N MET C 316 28.57 -15.84 14.69
CA MET C 316 29.65 -15.90 15.66
C MET C 316 30.20 -14.50 15.94
N ARG C 317 31.16 -14.42 16.84
CA ARG C 317 31.77 -13.14 17.19
C ARG C 317 33.28 -13.17 17.10
N PHE C 318 33.84 -12.06 16.61
CA PHE C 318 35.27 -11.89 16.53
C PHE C 318 35.68 -10.81 17.53
N VAL C 319 36.51 -11.17 18.52
CA VAL C 319 36.99 -10.19 19.49
C VAL C 319 38.34 -9.65 19.01
N VAL C 320 38.39 -8.37 18.65
CA VAL C 320 39.58 -7.81 18.01
C VAL C 320 40.57 -7.24 19.03
N ALA C 321 41.78 -7.77 19.06
CA ALA C 321 42.80 -7.25 19.97
C ALA C 321 43.14 -5.79 19.69
N ASP C 322 43.84 -5.17 20.61
CA ASP C 322 44.24 -3.78 20.48
C ASP C 322 45.36 -3.64 19.45
N ASP C 323 46.24 -4.63 19.39
CA ASP C 323 47.35 -4.61 18.44
C ASP C 323 47.64 -5.99 17.85
N THR C 324 48.46 -6.02 16.81
CA THR C 324 48.92 -7.28 16.25
C THR C 324 50.23 -7.61 16.92
N THR C 325 50.65 -8.86 16.76
CA THR C 325 51.90 -9.31 17.30
C THR C 325 52.97 -8.87 16.32
N GLN C 326 52.75 -9.22 15.06
CA GLN C 326 53.64 -8.88 13.97
C GLN C 326 52.89 -8.07 12.96
N PRO C 327 53.65 -7.31 12.17
CA PRO C 327 53.06 -6.46 11.12
C PRO C 327 52.39 -7.26 9.98
N ASP C 328 51.16 -6.89 9.63
CA ASP C 328 50.43 -7.51 8.53
C ASP C 328 51.09 -7.17 7.20
N THR C 329 51.73 -8.16 6.59
CA THR C 329 52.47 -7.99 5.35
C THR C 329 51.63 -8.34 4.13
N SER C 330 50.48 -8.97 4.38
CA SER C 330 49.65 -9.50 3.31
C SER C 330 48.96 -8.41 2.51
N VAL C 331 48.46 -8.78 1.33
CA VAL C 331 47.73 -7.82 0.51
C VAL C 331 46.53 -8.49 -0.17
N VAL C 332 45.62 -7.68 -0.69
CA VAL C 332 44.57 -8.19 -1.57
C VAL C 332 44.72 -7.48 -2.92
N PRO C 333 45.34 -8.14 -3.91
CA PRO C 333 45.65 -7.47 -5.17
C PRO C 333 44.38 -7.17 -5.97
N ALA C 334 44.44 -6.15 -6.83
CA ALA C 334 43.31 -5.78 -7.67
C ALA C 334 43.11 -6.79 -8.78
N ASN C 335 44.19 -7.50 -9.13
CA ASN C 335 44.14 -8.54 -10.15
C ASN C 335 44.46 -9.88 -9.54
N LEU C 336 43.51 -10.82 -9.58
CA LEU C 336 43.69 -12.10 -8.91
C LEU C 336 44.14 -13.21 -9.87
N ARG C 337 43.40 -13.40 -10.96
CA ARG C 337 43.78 -14.34 -12.02
C ARG C 337 42.97 -14.07 -13.30
N ASP C 338 43.40 -14.66 -14.40
CA ASP C 338 42.55 -14.72 -15.60
C ASP C 338 41.60 -15.89 -15.44
N VAL C 339 40.31 -15.62 -15.40
CA VAL C 339 39.33 -16.67 -15.23
C VAL C 339 39.08 -17.39 -16.54
N PRO C 340 39.36 -18.71 -16.59
CA PRO C 340 39.24 -19.53 -17.80
C PRO C 340 37.77 -19.79 -18.17
N PHE C 341 37.07 -18.79 -18.69
CA PHE C 341 35.65 -18.93 -18.97
C PHE C 341 35.43 -19.91 -20.12
N PRO C 342 34.27 -20.58 -20.13
CA PRO C 342 33.94 -21.45 -21.25
C PRO C 342 33.87 -20.60 -22.52
N SER C 343 34.28 -21.15 -23.66
CA SER C 343 34.06 -20.46 -24.92
C SER C 343 32.55 -20.27 -25.10
N PRO C 344 32.10 -19.02 -25.21
CA PRO C 344 30.66 -18.71 -25.16
C PRO C 344 29.84 -19.34 -26.29
N THR C 345 28.55 -19.57 -26.03
CA THR C 345 27.62 -20.09 -27.01
C THR C 345 26.32 -19.32 -26.97
N THR C 346 25.56 -19.39 -28.05
CA THR C 346 24.23 -18.76 -28.07
C THR C 346 23.18 -19.75 -28.59
N ASN C 347 23.52 -21.02 -28.53
CA ASN C 347 22.52 -22.05 -28.77
C ASN C 347 21.47 -22.01 -27.66
N THR C 348 20.20 -22.14 -28.05
CA THR C 348 19.08 -22.09 -27.12
C THR C 348 19.36 -22.97 -25.92
N PRO C 349 19.22 -22.41 -24.71
CA PRO C 349 19.50 -23.16 -23.49
C PRO C 349 18.50 -24.27 -23.22
N ARG C 350 19.02 -25.35 -22.67
CA ARG C 350 18.25 -26.50 -22.26
C ARG C 350 17.49 -26.13 -20.99
N GLN C 351 16.19 -26.36 -20.97
CA GLN C 351 15.38 -25.97 -19.82
C GLN C 351 15.15 -27.03 -18.74
N PHE C 352 15.36 -26.64 -17.48
CA PHE C 352 15.06 -27.51 -16.36
C PHE C 352 14.19 -26.78 -15.38
N ARG C 353 13.15 -27.46 -14.92
CA ARG C 353 12.17 -26.92 -14.01
C ARG C 353 12.25 -27.66 -12.69
N PHE C 354 12.44 -26.89 -11.62
CA PHE C 354 12.59 -27.45 -10.29
C PHE C 354 11.32 -27.16 -9.49
N GLY C 355 10.58 -28.20 -9.18
CA GLY C 355 9.29 -27.98 -8.55
C GLY C 355 8.71 -29.22 -7.92
N ARG C 356 7.38 -29.29 -7.94
CA ARG C 356 6.63 -30.33 -7.26
C ARG C 356 5.80 -31.15 -8.24
N THR C 357 5.85 -32.46 -8.06
CA THR C 357 4.95 -33.37 -8.73
C THR C 357 4.31 -34.20 -7.63
N GLY C 358 3.06 -33.88 -7.31
CA GLY C 358 2.42 -34.47 -6.15
C GLY C 358 3.20 -34.09 -4.91
N PRO C 359 3.51 -35.08 -4.07
CA PRO C 359 4.27 -34.84 -2.83
C PRO C 359 5.78 -34.89 -3.03
N THR C 360 6.25 -35.03 -4.27
CA THR C 360 7.67 -35.24 -4.52
C THR C 360 8.35 -34.05 -5.19
N TRP C 361 9.51 -33.67 -4.65
CA TRP C 361 10.35 -32.65 -5.28
C TRP C 361 10.98 -33.22 -6.53
N THR C 362 10.81 -32.54 -7.65
CA THR C 362 11.14 -33.11 -8.96
C THR C 362 11.91 -32.14 -9.86
N ILE C 363 12.54 -32.70 -10.90
CA ILE C 363 13.18 -31.92 -11.96
C ILE C 363 12.53 -32.28 -13.29
N ASN C 364 11.85 -31.33 -13.89
CA ASN C 364 11.02 -31.65 -15.07
C ASN C 364 10.09 -32.84 -14.77
N GLY C 365 9.53 -32.89 -13.58
CA GLY C 365 8.55 -33.91 -13.24
C GLY C 365 9.08 -35.31 -12.96
N VAL C 366 10.40 -35.46 -12.91
CA VAL C 366 10.96 -36.77 -12.58
C VAL C 366 11.71 -36.78 -11.26
N ALA C 367 11.69 -37.93 -10.61
CA ALA C 367 12.35 -38.15 -9.33
C ALA C 367 13.52 -39.08 -9.63
N PHE C 368 14.60 -38.99 -8.84
CA PHE C 368 15.78 -39.79 -9.11
C PHE C 368 15.54 -41.29 -9.02
N ALA C 369 14.65 -41.70 -8.12
CA ALA C 369 14.34 -43.09 -7.92
C ALA C 369 13.84 -43.73 -9.21
N ASP C 370 13.34 -42.91 -10.13
CA ASP C 370 12.83 -43.39 -11.40
C ASP C 370 13.97 -43.70 -12.40
N VAL C 371 14.50 -44.91 -12.32
CA VAL C 371 15.69 -45.29 -13.08
C VAL C 371 15.52 -45.11 -14.59
N GLN C 372 14.30 -45.28 -15.06
CA GLN C 372 14.04 -45.29 -16.49
C GLN C 372 13.97 -43.89 -17.09
N ASN C 373 13.73 -42.89 -16.25
CA ASN C 373 13.54 -41.53 -16.76
C ASN C 373 14.51 -40.45 -16.24
N ARG C 374 15.41 -40.79 -15.32
CA ARG C 374 16.22 -39.76 -14.66
C ARG C 374 17.36 -39.20 -15.53
N LEU C 375 17.70 -39.90 -16.60
CA LEU C 375 18.72 -39.43 -17.53
C LEU C 375 18.15 -38.36 -18.47
N LEU C 376 18.29 -37.10 -18.08
CA LEU C 376 17.57 -36.00 -18.70
C LEU C 376 18.33 -35.28 -19.81
N ALA C 377 19.54 -35.73 -20.09
CA ALA C 377 20.36 -34.98 -21.04
C ALA C 377 21.55 -35.78 -21.53
N ASN C 378 21.77 -35.75 -22.83
CA ASN C 378 22.98 -36.28 -23.43
C ASN C 378 23.76 -35.12 -24.01
N VAL C 379 24.99 -34.94 -23.54
CA VAL C 379 25.85 -33.90 -24.08
C VAL C 379 27.20 -34.46 -24.54
N PRO C 380 27.51 -34.28 -25.82
CA PRO C 380 28.80 -34.76 -26.32
C PRO C 380 29.93 -34.09 -25.57
N VAL C 381 30.86 -34.88 -25.06
CA VAL C 381 32.07 -34.34 -24.43
C VAL C 381 32.72 -33.27 -25.27
N GLY C 382 33.06 -32.13 -24.67
CA GLY C 382 33.71 -31.05 -25.39
C GLY C 382 32.75 -29.94 -25.80
N THR C 383 31.47 -30.16 -25.55
CA THR C 383 30.42 -29.21 -25.91
C THR C 383 30.21 -28.19 -24.79
N VAL C 384 29.93 -26.95 -25.18
CA VAL C 384 29.52 -25.89 -24.28
C VAL C 384 28.01 -25.73 -24.42
N GLU C 385 27.28 -25.82 -23.32
CA GLU C 385 25.83 -25.62 -23.40
C GLU C 385 25.39 -24.66 -22.33
N ARG C 386 24.44 -23.80 -22.68
CA ARG C 386 23.75 -23.02 -21.66
C ARG C 386 22.56 -23.82 -21.13
N TRP C 387 22.37 -23.83 -19.81
CA TRP C 387 21.19 -24.44 -19.19
C TRP C 387 20.40 -23.36 -18.47
N GLU C 388 19.09 -23.42 -18.64
CA GLU C 388 18.20 -22.45 -18.05
C GLU C 388 17.49 -23.11 -16.87
N LEU C 389 17.82 -22.66 -15.68
CA LEU C 389 17.34 -23.30 -14.46
C LEU C 389 16.15 -22.50 -13.95
N ILE C 390 15.04 -23.19 -13.77
CA ILE C 390 13.78 -22.51 -13.57
C ILE C 390 13.11 -22.88 -12.26
N ASN C 391 12.89 -21.87 -11.42
CA ASN C 391 12.06 -22.00 -10.24
C ASN C 391 10.88 -21.05 -10.37
N ALA C 392 9.69 -21.57 -10.63
CA ALA C 392 8.54 -20.69 -10.83
C ALA C 392 7.77 -20.46 -9.54
N GLY C 393 8.20 -21.10 -8.46
CA GLY C 393 7.49 -21.00 -7.20
C GLY C 393 7.93 -19.87 -6.29
N ASN C 394 7.03 -19.44 -5.42
CA ASN C 394 7.36 -18.51 -4.37
C ASN C 394 7.56 -19.29 -3.09
N GLY C 395 7.13 -20.54 -3.07
CA GLY C 395 7.13 -21.34 -1.84
C GLY C 395 8.38 -22.17 -1.57
N TRP C 396 9.34 -22.16 -2.49
CA TRP C 396 10.60 -22.87 -2.29
C TRP C 396 11.78 -22.20 -3.05
N THR C 397 13.01 -22.40 -2.58
CA THR C 397 14.19 -21.99 -3.35
C THR C 397 15.10 -23.19 -3.50
N HIS C 398 15.99 -23.13 -4.49
CA HIS C 398 16.81 -24.28 -4.84
C HIS C 398 18.18 -23.90 -5.34
N PRO C 399 19.21 -24.22 -4.54
CA PRO C 399 20.60 -24.06 -4.97
C PRO C 399 20.95 -25.25 -5.86
N ILE C 400 21.08 -25.02 -7.18
CA ILE C 400 21.25 -26.12 -8.12
C ILE C 400 22.70 -26.44 -8.34
N HIS C 401 23.01 -27.73 -8.29
CA HIS C 401 24.37 -28.20 -8.45
C HIS C 401 24.52 -29.13 -9.65
N ILE C 402 25.52 -28.86 -10.48
CA ILE C 402 25.81 -29.69 -11.63
C ILE C 402 27.19 -30.30 -11.43
N HIS C 403 27.28 -31.64 -11.46
CA HIS C 403 28.55 -32.33 -11.26
C HIS C 403 29.45 -32.17 -12.48
N LEU C 404 30.74 -32.51 -12.32
CA LEU C 404 31.71 -32.47 -13.40
C LEU C 404 32.15 -31.07 -13.81
N VAL C 405 31.18 -30.20 -14.05
CA VAL C 405 31.45 -28.92 -14.72
C VAL C 405 31.75 -27.77 -13.77
N ASP C 406 32.48 -26.78 -14.29
CA ASP C 406 32.43 -25.43 -13.72
C ASP C 406 31.56 -24.61 -14.69
N PHE C 407 30.81 -23.64 -14.17
CA PHE C 407 29.97 -22.83 -15.05
C PHE C 407 29.99 -21.33 -14.74
N LYS C 408 29.68 -20.54 -15.75
CA LYS C 408 29.52 -19.10 -15.58
C LYS C 408 28.05 -18.72 -15.46
N VAL C 409 27.72 -17.85 -14.52
CA VAL C 409 26.34 -17.42 -14.36
C VAL C 409 26.04 -16.33 -15.37
N ILE C 410 25.10 -16.62 -16.25
CA ILE C 410 24.81 -15.73 -17.38
C ILE C 410 23.78 -14.68 -17.03
N SER C 411 22.74 -15.08 -16.32
CA SER C 411 21.69 -14.16 -15.96
C SER C 411 20.73 -14.70 -14.90
N ARG C 412 20.12 -13.77 -14.18
CA ARG C 412 19.09 -14.10 -13.23
C ARG C 412 17.96 -13.09 -13.40
N THR C 413 16.74 -13.60 -13.53
CA THR C 413 15.57 -12.76 -13.48
C THR C 413 14.73 -13.19 -12.30
N SER C 414 14.37 -12.26 -11.44
CA SER C 414 13.47 -12.53 -10.34
C SER C 414 12.04 -12.09 -10.61
N GLY C 415 11.09 -13.01 -10.45
CA GLY C 415 9.67 -12.68 -10.52
C GLY C 415 9.24 -11.66 -9.48
N ASN C 416 9.99 -11.57 -8.38
CA ASN C 416 9.73 -10.57 -7.35
C ASN C 416 10.59 -9.31 -7.52
N ASN C 417 11.26 -9.21 -8.68
CA ASN C 417 12.18 -8.10 -8.95
C ASN C 417 13.25 -7.88 -7.90
N ALA C 418 13.54 -8.94 -7.16
CA ALA C 418 14.51 -8.89 -6.07
C ALA C 418 15.99 -8.70 -6.42
N ARG C 419 16.45 -9.34 -7.50
CA ARG C 419 17.85 -9.24 -7.90
C ARG C 419 18.19 -9.83 -9.27
N THR C 420 19.39 -9.52 -9.74
CA THR C 420 19.96 -10.07 -10.96
C THR C 420 21.22 -10.84 -10.57
N VAL C 421 22.21 -10.86 -11.44
CA VAL C 421 23.47 -11.51 -11.12
C VAL C 421 24.32 -10.65 -10.18
N MET C 422 24.87 -11.26 -9.15
CA MET C 422 25.73 -10.60 -8.16
C MET C 422 27.18 -10.46 -8.61
N PRO C 423 27.91 -9.49 -8.06
CA PRO C 423 29.32 -9.29 -8.42
C PRO C 423 30.22 -10.47 -8.02
N TYR C 424 29.93 -11.12 -6.90
CA TYR C 424 30.67 -12.34 -6.51
C TYR C 424 30.28 -13.58 -7.33
N GLU C 425 29.30 -13.45 -8.23
CA GLU C 425 29.03 -14.52 -9.21
C GLU C 425 29.68 -14.20 -10.57
N SER C 426 30.73 -13.38 -10.57
CA SER C 426 31.38 -12.97 -11.82
C SER C 426 32.36 -14.00 -12.39
N GLY C 427 32.72 -14.99 -11.59
CA GLY C 427 33.74 -15.95 -11.98
C GLY C 427 33.12 -17.28 -12.32
N LEU C 428 33.71 -18.36 -11.80
CA LEU C 428 33.22 -19.70 -12.10
C LEU C 428 32.67 -20.40 -10.85
N LYS C 429 31.56 -21.09 -11.04
CA LYS C 429 30.82 -21.66 -9.93
C LYS C 429 30.34 -23.06 -10.28
N ASP C 430 29.90 -23.83 -9.28
CA ASP C 430 29.27 -25.12 -9.56
C ASP C 430 27.95 -25.33 -8.79
N VAL C 431 27.54 -24.31 -8.06
CA VAL C 431 26.20 -24.27 -7.51
C VAL C 431 25.69 -22.84 -7.60
N VAL C 432 24.41 -22.69 -7.93
CA VAL C 432 23.82 -21.38 -8.10
C VAL C 432 22.42 -21.38 -7.48
N TRP C 433 22.12 -20.35 -6.71
CA TRP C 433 20.90 -20.29 -5.94
C TRP C 433 19.73 -19.72 -6.75
N LEU C 434 18.71 -20.55 -6.97
CA LEU C 434 17.45 -20.06 -7.52
C LEU C 434 16.55 -19.64 -6.39
N GLY C 435 16.51 -18.34 -6.11
CA GLY C 435 15.60 -17.79 -5.12
C GLY C 435 14.15 -17.80 -5.55
N ARG C 436 13.29 -17.26 -4.72
CA ARG C 436 11.86 -17.23 -5.01
C ARG C 436 11.65 -16.71 -6.42
N ARG C 437 10.96 -17.49 -7.25
CA ARG C 437 10.60 -17.05 -8.59
C ARG C 437 11.77 -16.57 -9.45
N GLU C 438 12.94 -17.19 -9.28
CA GLU C 438 14.08 -16.88 -10.15
C GLU C 438 14.29 -17.97 -11.20
N THR C 439 14.63 -17.54 -12.41
CA THR C 439 15.18 -18.43 -13.42
C THR C 439 16.59 -17.91 -13.70
N VAL C 440 17.56 -18.82 -13.70
CA VAL C 440 18.95 -18.46 -13.90
C VAL C 440 19.49 -19.20 -15.10
N VAL C 441 20.36 -18.57 -15.89
CA VAL C 441 21.01 -19.26 -17.00
C VAL C 441 22.50 -19.45 -16.70
N VAL C 442 23.00 -20.67 -16.90
CA VAL C 442 24.41 -20.96 -16.66
C VAL C 442 25.03 -21.51 -17.94
N GLU C 443 26.33 -21.29 -18.09
CA GLU C 443 27.04 -21.76 -19.27
C GLU C 443 28.20 -22.62 -18.85
N ALA C 444 28.25 -23.86 -19.34
CA ALA C 444 29.28 -24.79 -18.90
C ALA C 444 29.91 -25.54 -20.06
N HIS C 445 31.21 -25.81 -19.91
CA HIS C 445 31.91 -26.72 -20.81
C HIS C 445 31.84 -28.17 -20.27
N TYR C 446 31.09 -29.01 -20.96
CA TYR C 446 30.96 -30.42 -20.58
C TYR C 446 32.18 -31.21 -21.02
N ALA C 447 33.25 -31.11 -20.22
CA ALA C 447 34.56 -31.63 -20.58
C ALA C 447 35.30 -31.84 -19.28
N PRO C 448 36.39 -32.61 -19.31
CA PRO C 448 36.90 -33.24 -20.53
C PRO C 448 36.72 -34.75 -20.49
N PHE C 449 35.90 -35.26 -19.57
CA PHE C 449 35.77 -36.71 -19.36
C PHE C 449 34.36 -37.22 -19.61
N PRO C 450 34.23 -38.30 -20.36
CA PRO C 450 32.90 -38.88 -20.56
C PRO C 450 32.42 -39.66 -19.36
N GLY C 451 31.11 -39.58 -19.08
CA GLY C 451 30.52 -40.39 -18.03
C GLY C 451 29.10 -39.98 -17.69
N VAL C 452 28.44 -40.79 -16.86
CA VAL C 452 27.13 -40.44 -16.34
C VAL C 452 27.33 -39.74 -15.00
N TYR C 453 26.73 -38.56 -14.87
CA TYR C 453 26.93 -37.67 -13.75
C TYR C 453 25.61 -37.13 -13.23
N MET C 454 25.57 -36.79 -11.94
CA MET C 454 24.41 -36.17 -11.33
C MET C 454 24.33 -34.64 -11.49
N PHE C 455 23.10 -34.17 -11.39
CA PHE C 455 22.83 -32.76 -11.13
C PHE C 455 21.51 -32.67 -10.33
N HIS C 456 21.41 -31.71 -9.42
CA HIS C 456 20.30 -31.71 -8.46
C HIS C 456 20.24 -30.41 -7.66
N CYS C 457 19.20 -30.27 -6.85
CA CYS C 457 19.19 -29.22 -5.85
C CYS C 457 20.05 -29.66 -4.67
N HIS C 458 20.72 -28.72 -4.02
CA HIS C 458 21.58 -29.10 -2.91
C HIS C 458 20.93 -28.87 -1.54
N ASN C 459 19.66 -28.49 -1.55
CA ASN C 459 18.85 -28.64 -0.34
C ASN C 459 18.71 -30.14 -0.14
N LEU C 460 19.40 -30.69 0.84
CA LEU C 460 19.46 -32.14 1.03
C LEU C 460 18.10 -32.79 1.21
N ILE C 461 17.16 -32.10 1.84
CA ILE C 461 15.83 -32.64 2.02
C ILE C 461 15.14 -32.76 0.66
N HIS C 462 15.28 -31.73 -0.18
CA HIS C 462 14.71 -31.80 -1.51
C HIS C 462 15.40 -32.88 -2.32
N GLU C 463 16.72 -32.89 -2.22
CA GLU C 463 17.56 -33.85 -2.92
C GLU C 463 17.10 -35.29 -2.66
N ASP C 464 16.84 -35.60 -1.39
CA ASP C 464 16.42 -36.94 -0.99
C ASP C 464 15.00 -37.33 -1.37
N HIS C 465 14.13 -36.36 -1.65
CA HIS C 465 12.74 -36.68 -1.96
C HIS C 465 12.10 -35.77 -3.03
N ASP C 466 12.59 -35.75 -4.27
CA ASP C 466 13.66 -36.62 -4.77
C ASP C 466 14.26 -35.84 -5.95
N MET C 467 14.66 -34.60 -5.67
CA MET C 467 15.00 -33.62 -6.69
C MET C 467 16.41 -33.81 -7.24
N MET C 468 16.62 -34.91 -7.94
CA MET C 468 17.93 -35.28 -8.44
C MET C 468 17.74 -35.97 -9.77
N ALA C 469 18.66 -35.72 -10.70
CA ALA C 469 18.63 -36.33 -12.01
C ALA C 469 20.06 -36.57 -12.56
N ALA C 470 20.16 -37.03 -13.80
CA ALA C 470 21.45 -37.42 -14.38
C ALA C 470 21.66 -36.89 -15.78
N PHE C 471 22.92 -36.65 -16.13
CA PHE C 471 23.26 -36.42 -17.52
C PHE C 471 24.40 -37.34 -17.99
N ASN C 472 24.49 -37.53 -19.30
CA ASN C 472 25.56 -38.33 -19.87
C ASN C 472 26.42 -37.47 -20.78
N ALA C 473 27.69 -37.29 -20.40
CA ALA C 473 28.67 -36.68 -21.28
C ALA C 473 29.26 -37.76 -22.19
N THR C 474 28.79 -37.79 -23.43
CA THR C 474 29.02 -38.90 -24.35
C THR C 474 30.24 -38.72 -25.27
N VAL C 475 30.82 -39.83 -25.72
CA VAL C 475 31.84 -39.84 -26.78
C VAL C 475 31.52 -40.96 -27.76
N LEU C 476 32.12 -40.93 -28.95
CA LEU C 476 31.96 -41.98 -29.93
C LEU C 476 32.84 -43.17 -29.59
N PRO C 477 32.46 -44.38 -30.04
CA PRO C 477 33.16 -45.59 -29.58
C PRO C 477 34.64 -45.64 -29.96
N ASP C 478 35.05 -44.82 -30.91
CA ASP C 478 36.46 -44.79 -31.31
C ASP C 478 37.30 -43.82 -30.46
N TYR C 479 36.70 -43.25 -29.40
CA TYR C 479 37.37 -42.20 -28.62
C TYR C 479 38.61 -42.71 -27.87
N GLY C 480 38.50 -43.91 -27.29
CA GLY C 480 39.62 -44.49 -26.58
C GLY C 480 39.72 -44.05 -25.12
N TYR C 481 40.94 -43.78 -24.66
CA TYR C 481 41.16 -43.38 -23.28
C TYR C 481 40.49 -44.31 -22.25
N ASN C 482 40.33 -45.58 -22.58
CA ASN C 482 39.72 -46.51 -21.65
C ASN C 482 38.32 -46.01 -21.22
N ALA C 483 37.69 -45.22 -22.08
CA ALA C 483 36.36 -44.69 -21.79
C ALA C 483 35.37 -45.80 -21.39
N THR C 484 35.56 -46.99 -21.92
CA THR C 484 34.62 -48.08 -21.68
C THR C 484 34.53 -48.49 -20.21
N VAL C 485 35.62 -48.36 -19.47
CA VAL C 485 35.61 -48.75 -18.07
C VAL C 485 35.40 -47.56 -17.11
N PHE C 486 35.26 -46.36 -17.68
CA PHE C 486 35.13 -45.15 -16.87
C PHE C 486 33.83 -44.35 -17.02
N VAL C 487 32.92 -44.80 -17.87
CA VAL C 487 31.66 -44.09 -18.11
C VAL C 487 30.53 -44.52 -17.18
N ASP C 488 30.52 -45.78 -16.77
CA ASP C 488 29.44 -46.28 -15.91
C ASP C 488 29.83 -46.20 -14.44
N PRO C 489 29.08 -45.41 -13.66
CA PRO C 489 29.46 -45.22 -12.24
C PRO C 489 29.41 -46.50 -11.42
N MET C 490 28.62 -47.49 -11.84
CA MET C 490 28.51 -48.75 -11.09
C MET C 490 29.53 -49.79 -11.55
N GLU C 491 30.45 -49.38 -12.42
CA GLU C 491 31.44 -50.29 -12.98
C GLU C 491 32.05 -51.17 -11.88
N GLU C 492 31.86 -52.46 -12.02
CA GLU C 492 32.25 -53.43 -10.99
C GLU C 492 33.71 -53.32 -10.59
N LEU C 493 34.54 -53.01 -11.56
CA LEU C 493 35.97 -52.86 -11.37
C LEU C 493 36.28 -51.91 -10.21
N TRP C 494 35.41 -50.91 -10.02
CA TRP C 494 35.66 -49.85 -9.05
C TRP C 494 34.76 -49.91 -7.81
N GLN C 495 33.96 -50.96 -7.68
CA GLN C 495 33.03 -51.08 -6.55
C GLN C 495 33.74 -51.23 -5.21
N ALA C 496 32.99 -50.96 -4.15
CA ALA C 496 33.43 -51.22 -2.78
C ALA C 496 33.88 -52.66 -2.57
N ARG C 497 34.63 -52.88 -1.50
CA ARG C 497 35.14 -54.20 -1.12
C ARG C 497 35.05 -54.44 0.39
N PRO C 498 34.75 -55.70 0.79
CA PRO C 498 34.71 -55.99 2.22
C PRO C 498 36.12 -56.06 2.79
N TYR C 499 36.24 -55.81 4.09
CA TYR C 499 37.51 -55.90 4.82
C TYR C 499 37.15 -56.40 6.20
N GLU C 500 38.16 -56.89 6.91
CA GLU C 500 38.02 -57.27 8.30
C GLU C 500 38.68 -56.17 9.13
N LEU C 501 38.03 -55.81 10.23
CA LEU C 501 38.56 -54.76 11.08
C LEU C 501 39.97 -55.03 11.61
N GLY C 502 40.29 -56.29 11.87
CA GLY C 502 41.63 -56.65 12.30
C GLY C 502 42.68 -56.27 11.27
N GLU C 503 42.36 -56.51 10.02
CA GLU C 503 43.19 -56.13 8.89
C GLU C 503 43.45 -54.63 8.92
N PHE C 504 42.40 -53.86 9.14
CA PHE C 504 42.52 -52.41 9.09
C PHE C 504 43.36 -51.86 10.23
N GLN C 505 43.10 -52.34 11.45
CA GLN C 505 43.81 -51.79 12.59
C GLN C 505 45.27 -52.23 12.61
N ALA C 506 45.53 -53.41 12.06
CA ALA C 506 46.86 -53.98 12.02
C ALA C 506 47.62 -53.51 10.79
N GLN C 507 46.94 -52.75 9.94
CA GLN C 507 47.54 -52.30 8.69
C GLN C 507 48.22 -53.45 7.95
N SER C 508 47.53 -54.60 7.90
CA SER C 508 48.02 -55.79 7.19
C SER C 508 46.90 -56.29 6.30
N GLY C 509 47.15 -57.34 5.52
CA GLY C 509 46.15 -57.82 4.57
C GLY C 509 45.94 -56.79 3.47
N GLN C 510 44.68 -56.47 3.16
CA GLN C 510 44.37 -55.48 2.12
C GLN C 510 44.93 -54.11 2.45
N PHE C 511 45.37 -53.95 3.68
CA PHE C 511 45.89 -52.65 4.10
C PHE C 511 47.40 -52.69 4.29
N SER C 512 48.05 -53.75 3.83
CA SER C 512 49.51 -53.83 3.95
C SER C 512 50.10 -52.86 2.97
N VAL C 513 51.35 -52.44 3.19
CA VAL C 513 52.02 -51.55 2.23
C VAL C 513 51.97 -52.15 0.83
N GLN C 514 52.36 -53.41 0.72
CA GLN C 514 52.45 -54.06 -0.57
C GLN C 514 51.09 -54.15 -1.29
N ALA C 515 50.03 -54.46 -0.55
CA ALA C 515 48.72 -54.65 -1.18
C ALA C 515 48.13 -53.31 -1.63
N VAL C 516 48.34 -52.28 -0.83
CA VAL C 516 47.89 -50.96 -1.19
C VAL C 516 48.68 -50.53 -2.43
N THR C 517 49.98 -50.82 -2.43
CA THR C 517 50.83 -50.45 -3.55
C THR C 517 50.38 -51.12 -4.87
N GLU C 518 50.17 -52.43 -4.82
CA GLU C 518 49.75 -53.13 -6.03
C GLU C 518 48.41 -52.60 -6.50
N ARG C 519 47.46 -52.40 -5.62
CA ARG C 519 46.13 -51.94 -6.03
C ARG C 519 46.09 -50.56 -6.70
N ILE C 520 46.81 -49.61 -6.13
CA ILE C 520 46.91 -48.26 -6.67
C ILE C 520 47.65 -48.24 -8.01
N GLN C 521 48.73 -48.99 -8.09
CA GLN C 521 49.52 -49.04 -9.31
C GLN C 521 48.68 -49.59 -10.43
N THR C 522 47.83 -50.56 -10.10
CA THR C 522 46.94 -51.17 -11.07
C THR C 522 45.88 -50.18 -11.55
N MET C 523 45.22 -49.49 -10.61
CA MET C 523 44.30 -48.41 -10.95
C MET C 523 44.97 -47.41 -11.90
N ALA C 524 46.21 -47.05 -11.57
CA ALA C 524 46.97 -46.05 -12.31
C ALA C 524 47.14 -46.42 -13.77
N GLU C 525 47.38 -47.70 -14.02
CA GLU C 525 47.63 -48.18 -15.37
C GLU C 525 46.45 -47.91 -16.31
N TYR C 526 45.24 -47.79 -15.76
CA TYR C 526 44.07 -47.46 -16.58
C TYR C 526 44.09 -46.02 -17.08
N ARG C 527 44.99 -45.20 -16.52
CA ARG C 527 45.16 -43.80 -16.95
C ARG C 527 43.88 -42.97 -17.04
N PRO C 528 43.06 -42.95 -15.97
CA PRO C 528 41.74 -42.31 -15.95
C PRO C 528 41.72 -40.82 -16.26
N TYR C 529 42.83 -40.13 -16.06
CA TYR C 529 42.79 -38.68 -16.19
C TYR C 529 43.64 -38.12 -17.32
N ALA C 530 44.16 -39.02 -18.15
CA ALA C 530 45.07 -38.63 -19.22
C ALA C 530 44.51 -37.59 -20.18
N ALA C 531 43.20 -37.59 -20.40
CA ALA C 531 42.60 -36.60 -21.31
C ALA C 531 42.78 -35.16 -20.82
N ALA C 532 42.98 -34.98 -19.52
CA ALA C 532 43.34 -33.64 -19.04
C ALA C 532 44.85 -33.36 -19.23
N ASP C 533 45.54 -34.30 -19.88
CA ASP C 533 47.00 -34.26 -20.08
C ASP C 533 47.77 -33.96 -18.79
N VAL D 1 -22.46 -46.10 -53.52
CA VAL D 1 -23.17 -45.02 -54.19
C VAL D 1 -22.26 -44.38 -55.23
N ALA D 2 -22.84 -43.97 -56.36
CA ALA D 2 -22.05 -43.51 -57.49
C ALA D 2 -21.33 -42.22 -57.17
N GLN D 3 -20.04 -42.18 -57.45
CA GLN D 3 -19.23 -40.99 -57.17
C GLN D 3 -19.84 -39.79 -57.90
N ILE D 4 -19.90 -38.63 -57.24
CA ILE D 4 -20.50 -37.46 -57.86
C ILE D 4 -19.43 -36.54 -58.41
N SER D 5 -18.36 -36.35 -57.64
CA SER D 5 -17.19 -35.62 -58.13
C SER D 5 -16.63 -36.28 -59.38
N PRO D 6 -15.98 -35.49 -60.25
CA PRO D 6 -15.43 -36.09 -61.46
C PRO D 6 -14.29 -37.08 -61.15
N GLN D 7 -14.02 -38.00 -62.08
CA GLN D 7 -13.00 -39.02 -61.88
C GLN D 7 -11.61 -38.41 -61.70
N TYR D 8 -10.87 -38.91 -60.73
CA TYR D 8 -9.51 -38.44 -60.46
C TYR D 8 -8.49 -39.50 -60.89
N PRO D 9 -7.27 -39.09 -61.30
CA PRO D 9 -6.15 -40.02 -61.57
C PRO D 9 -5.49 -40.61 -60.29
N MET D 10 -6.17 -41.58 -59.70
CA MET D 10 -5.78 -42.19 -58.43
C MET D 10 -4.28 -42.43 -58.24
N PHE D 11 -3.79 -42.09 -57.07
CA PHE D 11 -2.47 -42.49 -56.63
C PHE D 11 -1.34 -42.07 -57.59
N THR D 12 -1.48 -40.91 -58.22
CA THR D 12 -0.44 -40.37 -59.12
C THR D 12 0.32 -39.16 -58.56
N VAL D 13 -0.21 -38.51 -57.54
CA VAL D 13 0.44 -37.34 -56.94
C VAL D 13 1.05 -37.70 -55.59
N PRO D 14 2.33 -37.36 -55.40
CA PRO D 14 2.97 -37.73 -54.13
C PRO D 14 2.32 -37.01 -52.95
N LEU D 15 2.37 -37.61 -51.76
CA LEU D 15 1.81 -37.01 -50.56
C LEU D 15 2.59 -35.74 -50.24
N PRO D 16 1.91 -34.59 -50.17
CA PRO D 16 2.57 -33.35 -49.74
C PRO D 16 2.76 -33.31 -48.23
N ILE D 17 3.78 -32.59 -47.77
CA ILE D 17 3.96 -32.37 -46.35
C ILE D 17 3.87 -30.87 -46.08
N PRO D 18 2.95 -30.46 -45.20
CA PRO D 18 2.85 -29.04 -44.88
C PRO D 18 4.16 -28.57 -44.25
N PRO D 19 4.63 -27.39 -44.64
CA PRO D 19 5.92 -26.86 -44.17
C PRO D 19 5.84 -26.44 -42.71
N VAL D 20 6.98 -26.51 -42.00
CA VAL D 20 7.02 -26.05 -40.62
C VAL D 20 6.85 -24.54 -40.56
N LYS D 21 6.01 -24.09 -39.64
CA LYS D 21 5.79 -22.67 -39.42
C LYS D 21 6.83 -22.15 -38.44
N GLN D 22 7.64 -21.19 -38.88
CA GLN D 22 8.63 -20.62 -37.99
C GLN D 22 8.16 -19.29 -37.39
N PRO D 23 8.56 -19.03 -36.13
CA PRO D 23 8.17 -17.79 -35.46
C PRO D 23 8.93 -16.62 -36.09
N ARG D 24 8.37 -15.42 -35.98
CA ARG D 24 9.03 -14.24 -36.49
C ARG D 24 10.14 -13.79 -35.54
N LEU D 25 9.87 -13.87 -34.25
CA LEU D 25 10.80 -13.41 -33.23
C LEU D 25 10.41 -13.91 -31.86
N THR D 26 11.22 -13.59 -30.85
CA THR D 26 10.90 -13.93 -29.47
C THR D 26 10.95 -12.67 -28.59
N VAL D 27 10.03 -12.59 -27.65
CA VAL D 27 9.98 -11.48 -26.71
C VAL D 27 10.30 -12.02 -25.33
N THR D 28 11.15 -11.34 -24.60
CA THR D 28 11.43 -11.79 -23.26
C THR D 28 10.28 -11.43 -22.29
N ASN D 29 9.73 -12.45 -21.66
CA ASN D 29 8.70 -12.29 -20.64
C ASN D 29 9.28 -11.55 -19.46
N PRO D 30 8.78 -10.34 -19.17
CA PRO D 30 9.32 -9.48 -18.11
C PRO D 30 9.21 -10.13 -16.74
N VAL D 31 8.23 -11.00 -16.56
CA VAL D 31 7.97 -11.61 -15.26
C VAL D 31 9.01 -12.65 -14.83
N ASN D 32 9.44 -13.50 -15.77
CA ASN D 32 10.34 -14.60 -15.42
C ASN D 32 11.60 -14.61 -16.28
N GLY D 33 11.66 -13.72 -17.25
CA GLY D 33 12.85 -13.55 -18.07
C GLY D 33 13.02 -14.53 -19.21
N GLN D 34 11.98 -15.33 -19.48
CA GLN D 34 12.06 -16.38 -20.51
C GLN D 34 11.54 -15.89 -21.85
N GLU D 35 11.98 -16.56 -22.92
CA GLU D 35 11.59 -16.16 -24.26
C GLU D 35 10.21 -16.67 -24.70
N ILE D 36 9.36 -15.76 -25.14
CA ILE D 36 8.08 -16.16 -25.70
C ILE D 36 8.16 -16.08 -27.23
N TRP D 37 7.83 -17.16 -27.90
CA TRP D 37 7.89 -17.21 -29.36
C TRP D 37 6.67 -16.52 -29.96
N TYR D 38 6.91 -15.60 -30.89
CA TYR D 38 5.83 -14.87 -31.53
C TYR D 38 5.71 -15.22 -33.03
N TYR D 39 4.49 -15.54 -33.47
CA TYR D 39 4.22 -15.90 -34.86
C TYR D 39 3.16 -15.01 -35.48
N GLU D 40 3.17 -14.89 -36.80
CA GLU D 40 2.13 -14.18 -37.54
C GLU D 40 1.59 -15.06 -38.64
N VAL D 41 0.28 -15.28 -38.60
CA VAL D 41 -0.39 -16.07 -39.62
C VAL D 41 -1.41 -15.20 -40.32
N GLU D 42 -1.44 -15.26 -41.63
CA GLU D 42 -2.34 -14.42 -42.41
C GLU D 42 -3.43 -15.27 -43.01
N ILE D 43 -4.67 -15.11 -42.55
CA ILE D 43 -5.77 -15.86 -43.16
C ILE D 43 -6.13 -15.20 -44.49
N LYS D 44 -6.00 -15.95 -45.60
CA LYS D 44 -6.28 -15.37 -46.91
C LYS D 44 -6.66 -16.42 -47.96
N PRO D 45 -7.45 -16.01 -48.97
CA PRO D 45 -7.93 -16.88 -50.05
C PRO D 45 -6.81 -17.23 -50.99
N PHE D 46 -6.88 -18.41 -51.60
CA PHE D 46 -5.88 -18.83 -52.58
C PHE D 46 -6.51 -19.86 -53.53
N THR D 47 -5.84 -20.08 -54.66
CA THR D 47 -6.34 -20.97 -55.70
C THR D 47 -5.57 -22.28 -55.64
N HIS D 48 -6.26 -23.40 -55.81
CA HIS D 48 -5.54 -24.65 -55.86
C HIS D 48 -5.97 -25.50 -57.02
N GLN D 49 -5.01 -25.93 -57.82
CA GLN D 49 -5.28 -26.80 -58.97
C GLN D 49 -5.36 -28.25 -58.48
N VAL D 50 -6.57 -28.74 -58.25
CA VAL D 50 -6.74 -30.08 -57.70
C VAL D 50 -6.85 -31.12 -58.81
N TYR D 51 -7.75 -30.92 -59.77
CA TYR D 51 -7.85 -31.79 -60.93
C TYR D 51 -6.96 -31.26 -62.05
N PRO D 52 -5.90 -31.99 -62.42
CA PRO D 52 -4.92 -31.54 -63.41
C PRO D 52 -5.49 -31.00 -64.72
N ASP D 53 -6.66 -31.48 -65.14
CA ASP D 53 -7.18 -31.06 -66.45
C ASP D 53 -8.41 -30.16 -66.38
N LEU D 54 -8.91 -29.90 -65.17
CA LEU D 54 -10.08 -29.05 -65.02
C LEU D 54 -9.68 -27.67 -64.49
N GLY D 55 -10.67 -26.89 -64.05
CA GLY D 55 -10.43 -25.60 -63.43
C GLY D 55 -9.80 -25.74 -62.05
N SER D 56 -9.66 -24.64 -61.34
CA SER D 56 -9.03 -24.67 -60.03
C SER D 56 -10.09 -24.63 -58.93
N ALA D 57 -9.65 -24.84 -57.69
CA ALA D 57 -10.52 -24.75 -56.52
C ALA D 57 -10.22 -23.50 -55.70
N ASP D 58 -11.25 -22.90 -55.12
CA ASP D 58 -11.13 -21.67 -54.33
C ASP D 58 -11.11 -21.98 -52.84
N LEU D 59 -9.94 -21.85 -52.23
CA LEU D 59 -9.79 -22.14 -50.81
C LEU D 59 -9.44 -20.89 -50.01
N VAL D 60 -9.57 -20.99 -48.70
CA VAL D 60 -9.14 -19.96 -47.78
C VAL D 60 -8.39 -20.66 -46.65
N GLY D 61 -7.15 -20.28 -46.39
CA GLY D 61 -6.36 -20.97 -45.39
C GLY D 61 -5.29 -20.16 -44.69
N TYR D 62 -4.78 -20.71 -43.60
CA TYR D 62 -3.73 -20.06 -42.86
C TYR D 62 -2.49 -19.96 -43.75
N ASP D 63 -1.96 -18.76 -43.89
CA ASP D 63 -0.82 -18.49 -44.77
C ASP D 63 -1.07 -18.94 -46.20
N GLY D 64 -2.34 -18.90 -46.62
CA GLY D 64 -2.68 -19.24 -48.00
C GLY D 64 -2.38 -20.67 -48.42
N MET D 65 -2.45 -21.58 -47.46
CA MET D 65 -2.23 -23.00 -47.75
C MET D 65 -3.19 -23.85 -46.95
N SER D 66 -3.35 -25.09 -47.38
CA SER D 66 -4.23 -26.01 -46.71
C SER D 66 -3.67 -27.41 -46.91
N PRO D 67 -3.33 -28.11 -45.82
CA PRO D 67 -3.44 -27.62 -44.44
C PRO D 67 -2.58 -26.38 -44.19
N GLY D 68 -2.84 -25.67 -43.09
CA GLY D 68 -1.95 -24.60 -42.68
C GLY D 68 -0.61 -25.18 -42.25
N PRO D 69 0.40 -24.32 -42.15
CA PRO D 69 1.74 -24.84 -41.82
C PRO D 69 1.71 -25.50 -40.45
N THR D 70 2.65 -26.43 -40.23
CA THR D 70 2.77 -27.16 -38.98
C THR D 70 3.61 -26.43 -37.93
N PHE D 71 3.03 -26.22 -36.74
CA PHE D 71 3.78 -25.64 -35.64
C PHE D 71 4.52 -26.75 -34.90
N GLN D 72 5.73 -26.45 -34.42
CA GLN D 72 6.54 -27.36 -33.62
C GLN D 72 7.09 -26.59 -32.45
N VAL D 73 6.51 -26.82 -31.28
CA VAL D 73 6.78 -26.05 -30.09
C VAL D 73 7.11 -26.99 -28.95
N PRO D 74 8.29 -26.80 -28.33
CA PRO D 74 8.71 -27.61 -27.17
C PRO D 74 7.92 -27.24 -25.90
N ARG D 75 7.52 -28.23 -25.08
CA ARG D 75 6.91 -27.93 -23.79
C ARG D 75 7.75 -26.94 -23.02
N GLY D 76 7.10 -26.06 -22.26
CA GLY D 76 7.80 -25.07 -21.48
C GLY D 76 7.99 -23.72 -22.14
N VAL D 77 7.77 -23.65 -23.45
CA VAL D 77 7.91 -22.41 -24.24
C VAL D 77 6.55 -21.79 -24.54
N GLU D 78 6.25 -20.65 -23.93
CA GLU D 78 4.97 -20.01 -24.22
C GLU D 78 5.03 -19.39 -25.61
N THR D 79 3.91 -19.43 -26.32
CA THR D 79 3.85 -18.87 -27.67
C THR D 79 2.73 -17.86 -27.78
N VAL D 80 2.94 -16.84 -28.60
CA VAL D 80 1.88 -15.93 -28.98
C VAL D 80 1.75 -15.94 -30.50
N VAL D 81 0.53 -16.19 -30.97
CA VAL D 81 0.27 -16.31 -32.40
C VAL D 81 -0.77 -15.28 -32.79
N ARG D 82 -0.37 -14.36 -33.66
CA ARG D 82 -1.26 -13.32 -34.14
C ARG D 82 -1.89 -13.80 -35.44
N PHE D 83 -3.18 -14.14 -35.40
CA PHE D 83 -3.90 -14.56 -36.61
C PHE D 83 -4.54 -13.32 -37.26
N ILE D 84 -4.07 -13.00 -38.46
CA ILE D 84 -4.50 -11.81 -39.18
C ILE D 84 -5.56 -12.22 -40.19
N ASN D 85 -6.78 -11.71 -40.05
CA ASN D 85 -7.83 -12.04 -41.02
C ASN D 85 -7.73 -11.14 -42.23
N ASN D 86 -7.35 -11.71 -43.37
CA ASN D 86 -7.33 -11.01 -44.63
C ASN D 86 -8.20 -11.74 -45.64
N ALA D 87 -9.31 -12.28 -45.14
CA ALA D 87 -10.24 -13.03 -45.98
C ALA D 87 -11.55 -12.29 -46.09
N GLU D 88 -12.65 -13.01 -46.34
CA GLU D 88 -13.91 -12.36 -46.63
C GLU D 88 -15.05 -12.83 -45.74
N ALA D 89 -14.71 -13.54 -44.67
CA ALA D 89 -15.68 -13.91 -43.67
C ALA D 89 -14.95 -13.93 -42.33
N PRO D 90 -15.72 -13.86 -41.22
CA PRO D 90 -15.15 -13.81 -39.88
C PRO D 90 -14.43 -15.11 -39.49
N ASN D 91 -13.53 -15.06 -38.51
CA ASN D 91 -12.84 -16.26 -38.06
C ASN D 91 -12.72 -16.32 -36.56
N SER D 92 -12.52 -17.52 -36.02
CA SER D 92 -12.21 -17.67 -34.60
C SER D 92 -11.31 -18.87 -34.44
N VAL D 93 -10.07 -18.65 -34.01
CA VAL D 93 -9.08 -19.72 -34.03
C VAL D 93 -9.08 -20.53 -32.75
N HIS D 94 -9.23 -21.83 -32.90
CA HIS D 94 -9.20 -22.73 -31.77
C HIS D 94 -8.07 -23.71 -31.86
N LEU D 95 -7.21 -23.72 -30.85
CA LEU D 95 -6.14 -24.69 -30.79
C LEU D 95 -6.66 -25.87 -29.98
N HIS D 96 -7.05 -26.92 -30.68
CA HIS D 96 -7.69 -28.08 -30.10
C HIS D 96 -6.70 -29.02 -29.41
N GLY D 97 -6.92 -29.28 -28.12
CA GLY D 97 -6.02 -30.09 -27.34
C GLY D 97 -5.16 -29.29 -26.36
N SER D 98 -5.39 -27.98 -26.28
CA SER D 98 -4.62 -27.10 -25.40
C SER D 98 -5.49 -26.42 -24.35
N PHE D 99 -5.08 -26.46 -23.08
CA PHE D 99 -5.87 -25.84 -22.02
C PHE D 99 -5.74 -24.31 -21.94
N SER D 100 -6.03 -23.65 -23.07
CA SER D 100 -5.87 -22.21 -23.17
C SER D 100 -6.90 -21.48 -22.33
N ARG D 101 -6.61 -20.23 -21.93
CA ARG D 101 -7.60 -19.44 -21.20
C ARG D 101 -8.83 -19.24 -22.11
N ALA D 102 -10.01 -19.06 -21.53
CA ALA D 102 -11.25 -18.89 -22.31
C ALA D 102 -11.13 -17.91 -23.50
N ALA D 103 -10.48 -16.77 -23.29
CA ALA D 103 -10.41 -15.76 -24.34
C ALA D 103 -9.37 -16.07 -25.42
N PHE D 104 -8.61 -17.15 -25.21
CA PHE D 104 -7.63 -17.60 -26.20
C PHE D 104 -8.02 -18.97 -26.79
N ASP D 105 -9.23 -19.44 -26.50
CA ASP D 105 -9.59 -20.83 -26.80
C ASP D 105 -10.42 -20.93 -28.06
N GLY D 106 -10.78 -19.80 -28.64
CA GLY D 106 -11.58 -19.82 -29.85
C GLY D 106 -13.07 -19.92 -29.59
N TRP D 107 -13.53 -19.28 -28.52
CA TRP D 107 -14.96 -19.24 -28.22
C TRP D 107 -15.68 -18.83 -29.50
N ALA D 108 -16.76 -19.55 -29.80
CA ALA D 108 -17.46 -19.40 -31.09
C ALA D 108 -17.86 -17.97 -31.46
N GLU D 109 -18.18 -17.14 -30.47
CA GLU D 109 -18.57 -15.75 -30.74
C GLU D 109 -17.39 -14.79 -30.67
N ASP D 110 -16.24 -15.30 -30.25
CA ASP D 110 -15.06 -14.45 -30.13
C ASP D 110 -14.39 -14.29 -31.48
N ILE D 111 -15.00 -13.46 -32.32
CA ILE D 111 -14.73 -13.38 -33.74
C ILE D 111 -13.70 -12.32 -34.11
N THR D 112 -12.92 -12.59 -35.14
CA THR D 112 -12.11 -11.57 -35.79
C THR D 112 -12.68 -11.31 -37.19
N GLU D 113 -13.04 -10.06 -37.47
CA GLU D 113 -13.55 -9.72 -38.81
C GLU D 113 -12.41 -9.47 -39.81
N PRO D 114 -12.71 -9.56 -41.10
CA PRO D 114 -11.72 -9.16 -42.11
C PRO D 114 -11.23 -7.76 -41.79
N GLY D 115 -9.94 -7.50 -41.98
CA GLY D 115 -9.40 -6.18 -41.66
C GLY D 115 -8.98 -6.08 -40.21
N SER D 116 -9.05 -7.20 -39.48
CA SER D 116 -8.63 -7.25 -38.07
C SER D 116 -7.71 -8.42 -37.78
N PHE D 117 -7.11 -8.43 -36.60
CA PHE D 117 -6.34 -9.57 -36.12
C PHE D 117 -6.59 -9.83 -34.64
N LYS D 118 -6.23 -11.03 -34.18
CA LYS D 118 -6.28 -11.32 -32.74
C LYS D 118 -5.03 -12.07 -32.31
N ASP D 119 -4.47 -11.65 -31.17
CA ASP D 119 -3.30 -12.31 -30.60
C ASP D 119 -3.72 -13.41 -29.63
N TYR D 120 -3.23 -14.62 -29.88
CA TYR D 120 -3.52 -15.76 -29.03
C TYR D 120 -2.32 -16.16 -28.16
N TYR D 121 -2.56 -16.34 -26.88
CA TYR D 121 -1.49 -16.59 -25.92
C TYR D 121 -1.62 -18.02 -25.47
N TYR D 122 -0.72 -18.86 -25.94
CA TYR D 122 -0.75 -20.29 -25.73
C TYR D 122 0.26 -20.74 -24.67
N PRO D 123 -0.17 -21.66 -23.78
CA PRO D 123 0.63 -22.10 -22.63
C PRO D 123 1.68 -23.20 -22.93
N ASN D 124 1.32 -24.17 -23.76
CA ASN D 124 2.24 -25.26 -24.12
C ASN D 124 2.96 -25.87 -22.91
N ARG D 125 2.23 -26.11 -21.82
CA ARG D 125 2.77 -26.73 -20.62
C ARG D 125 2.38 -28.19 -20.50
N GLN D 126 1.53 -28.65 -21.43
CA GLN D 126 0.88 -29.96 -21.34
C GLN D 126 1.74 -31.08 -21.95
N SER D 127 1.32 -32.32 -21.75
CA SER D 127 2.08 -33.47 -22.26
C SER D 127 2.20 -33.41 -23.78
N ALA D 128 3.33 -33.87 -24.31
CA ALA D 128 3.58 -33.94 -25.75
C ALA D 128 2.41 -34.61 -26.46
N ARG D 129 2.02 -34.07 -27.61
CA ARG D 129 0.82 -34.54 -28.27
C ARG D 129 0.71 -33.79 -29.58
N THR D 130 -0.17 -34.28 -30.42
CA THR D 130 -0.46 -33.64 -31.68
C THR D 130 -1.70 -32.83 -31.50
N LEU D 131 -1.54 -31.52 -31.41
CA LEU D 131 -2.69 -30.64 -31.42
C LEU D 131 -2.98 -30.25 -32.85
N TRP D 132 -4.10 -29.56 -33.06
CA TRP D 132 -4.36 -28.95 -34.35
C TRP D 132 -5.14 -27.70 -34.14
N TYR D 133 -4.87 -26.69 -34.96
CA TYR D 133 -5.60 -25.46 -34.87
C TYR D 133 -6.56 -25.32 -36.06
N HIS D 134 -7.73 -24.74 -35.80
CA HIS D 134 -8.74 -24.63 -36.84
C HIS D 134 -9.82 -23.64 -36.46
N ASP D 135 -10.60 -23.22 -37.45
CA ASP D 135 -11.63 -22.23 -37.22
C ASP D 135 -12.80 -22.72 -36.37
N HIS D 136 -13.43 -21.79 -35.67
CA HIS D 136 -14.55 -22.10 -34.79
C HIS D 136 -15.63 -21.01 -34.84
N ALA D 137 -15.55 -20.09 -35.80
CA ALA D 137 -16.55 -19.02 -35.91
C ALA D 137 -17.99 -19.56 -35.87
N MET D 138 -18.83 -19.01 -35.01
CA MET D 138 -20.18 -19.53 -34.84
C MET D 138 -21.00 -19.59 -36.17
N HIS D 139 -21.64 -20.75 -36.40
CA HIS D 139 -22.56 -20.99 -37.53
C HIS D 139 -21.91 -21.12 -38.92
N ILE D 140 -20.60 -20.89 -39.00
CA ILE D 140 -19.90 -21.00 -40.27
C ILE D 140 -18.62 -21.78 -40.12
N THR D 141 -18.50 -22.55 -39.03
CA THR D 141 -17.32 -23.39 -38.78
C THR D 141 -17.12 -24.43 -39.90
N ALA D 142 -18.21 -25.05 -40.33
CA ALA D 142 -18.13 -26.05 -41.37
C ALA D 142 -17.48 -25.52 -42.64
N GLU D 143 -18.02 -24.47 -43.24
CA GLU D 143 -17.46 -23.95 -44.48
C GLU D 143 -16.02 -23.45 -44.29
N ASN D 144 -15.76 -22.75 -43.18
CA ASN D 144 -14.42 -22.22 -42.92
C ASN D 144 -13.32 -23.29 -42.82
N ALA D 145 -13.57 -24.34 -42.07
CA ALA D 145 -12.62 -25.44 -41.96
C ALA D 145 -12.50 -26.18 -43.29
N TYR D 146 -13.64 -26.41 -43.93
CA TYR D 146 -13.71 -27.09 -45.21
C TYR D 146 -12.91 -26.37 -46.29
N ARG D 147 -13.04 -25.05 -46.37
CA ARG D 147 -12.32 -24.30 -47.39
C ARG D 147 -10.83 -24.17 -47.04
N GLY D 148 -10.42 -24.71 -45.90
CA GLY D 148 -8.99 -24.89 -45.66
C GLY D 148 -8.41 -24.51 -44.31
N GLN D 149 -9.17 -23.83 -43.46
CA GLN D 149 -8.61 -23.37 -42.21
C GLN D 149 -8.46 -24.49 -41.18
N ALA D 150 -7.43 -25.30 -41.36
CA ALA D 150 -7.03 -26.28 -40.34
C ALA D 150 -5.55 -26.53 -40.50
N GLY D 151 -4.86 -26.88 -39.41
CA GLY D 151 -3.43 -27.16 -39.46
C GLY D 151 -2.95 -27.89 -38.21
N LEU D 152 -1.73 -28.43 -38.27
CA LEU D 152 -1.15 -29.19 -37.14
C LEU D 152 -0.30 -28.34 -36.23
N TYR D 153 -0.35 -28.68 -34.94
CA TYR D 153 0.42 -28.01 -33.92
C TYR D 153 1.02 -29.08 -33.03
N MET D 154 2.31 -29.35 -33.21
CA MET D 154 2.96 -30.44 -32.51
C MET D 154 3.62 -29.95 -31.25
N LEU D 155 3.10 -30.40 -30.12
CA LEU D 155 3.73 -30.08 -28.85
C LEU D 155 4.78 -31.16 -28.60
N THR D 156 6.02 -30.77 -28.39
CA THR D 156 7.09 -31.76 -28.27
C THR D 156 7.72 -31.78 -26.89
N ASP D 157 8.49 -32.82 -26.63
CA ASP D 157 9.10 -33.02 -25.32
C ASP D 157 10.35 -33.90 -25.46
N PRO D 158 11.51 -33.35 -25.10
CA PRO D 158 12.80 -34.05 -25.19
C PRO D 158 12.85 -35.41 -24.46
N ALA D 159 12.18 -35.53 -23.31
CA ALA D 159 12.17 -36.81 -22.60
C ALA D 159 11.52 -37.88 -23.49
N GLU D 160 10.66 -37.45 -24.40
CA GLU D 160 9.97 -38.36 -25.30
C GLU D 160 10.87 -38.78 -26.47
N ASP D 161 11.82 -37.92 -26.84
CA ASP D 161 12.78 -38.26 -27.89
C ASP D 161 13.67 -39.40 -27.42
N ALA D 162 13.86 -39.52 -26.11
CA ALA D 162 14.64 -40.64 -25.56
C ALA D 162 14.04 -42.02 -25.84
N LEU D 163 12.76 -42.08 -26.23
CA LEU D 163 12.13 -43.36 -26.57
C LEU D 163 12.67 -43.89 -27.90
N ASN D 164 13.09 -42.97 -28.78
CA ASN D 164 13.67 -43.36 -30.04
C ASN D 164 12.63 -43.94 -31.01
N LEU D 165 11.41 -43.40 -30.96
CA LEU D 165 10.40 -43.70 -31.98
C LEU D 165 10.94 -43.28 -33.36
N PRO D 166 10.38 -43.82 -34.45
CA PRO D 166 10.80 -43.32 -35.77
C PRO D 166 10.67 -41.80 -35.75
N SER D 167 11.55 -41.07 -36.43
CA SER D 167 11.58 -39.63 -36.24
C SER D 167 11.93 -38.84 -37.50
N GLY D 168 11.92 -37.52 -37.36
CA GLY D 168 12.17 -36.64 -38.48
C GLY D 168 10.87 -36.24 -39.14
N TYR D 169 10.40 -35.03 -38.86
CA TYR D 169 9.20 -34.52 -39.50
C TYR D 169 9.37 -34.54 -41.04
N GLY D 170 8.51 -35.30 -41.72
CA GLY D 170 8.53 -35.38 -43.16
C GLY D 170 9.49 -36.44 -43.67
N GLU D 171 10.17 -37.09 -42.74
CA GLU D 171 11.10 -38.18 -43.08
C GLU D 171 10.47 -39.51 -42.68
N PHE D 172 10.58 -39.86 -41.41
CA PHE D 172 9.94 -41.08 -40.90
C PHE D 172 8.82 -40.77 -39.89
N ASP D 173 8.53 -39.49 -39.71
CA ASP D 173 7.48 -39.01 -38.82
C ASP D 173 6.56 -38.15 -39.70
N ILE D 174 5.46 -38.75 -40.14
CA ILE D 174 4.65 -38.17 -41.21
C ILE D 174 3.24 -37.83 -40.75
N PRO D 175 2.84 -36.58 -40.94
CA PRO D 175 1.46 -36.21 -40.59
C PRO D 175 0.46 -36.75 -41.63
N MET D 176 -0.71 -37.20 -41.17
CA MET D 176 -1.72 -37.75 -42.07
C MET D 176 -3.06 -37.12 -41.75
N ILE D 177 -3.28 -35.95 -42.33
CA ILE D 177 -4.54 -35.23 -42.13
C ILE D 177 -5.56 -35.66 -43.18
N LEU D 178 -6.56 -36.42 -42.75
CA LEU D 178 -7.61 -36.90 -43.66
C LEU D 178 -8.73 -35.88 -43.77
N THR D 179 -9.16 -35.57 -44.98
CA THR D 179 -10.41 -34.83 -45.19
C THR D 179 -11.23 -35.56 -46.23
N SER D 180 -12.45 -35.08 -46.46
CA SER D 180 -13.37 -35.76 -47.37
C SER D 180 -14.24 -34.71 -48.03
N LYS D 181 -13.99 -34.44 -49.31
CA LYS D 181 -14.63 -33.30 -49.98
C LYS D 181 -15.41 -33.71 -51.21
N GLN D 182 -16.06 -32.75 -51.85
CA GLN D 182 -16.77 -32.99 -53.10
C GLN D 182 -16.38 -31.88 -54.07
N TYR D 183 -16.25 -32.22 -55.36
CA TYR D 183 -15.90 -31.21 -56.36
C TYR D 183 -16.94 -31.09 -57.47
N THR D 184 -16.98 -29.94 -58.15
CA THR D 184 -17.85 -29.75 -59.29
C THR D 184 -17.19 -30.23 -60.57
N ALA D 185 -17.97 -30.27 -61.66
CA ALA D 185 -17.50 -30.77 -62.94
C ALA D 185 -16.30 -29.99 -63.47
N ASN D 186 -16.17 -28.73 -63.10
CA ASN D 186 -15.02 -27.93 -63.50
C ASN D 186 -13.91 -27.89 -62.45
N GLY D 187 -13.92 -28.85 -61.54
CA GLY D 187 -12.84 -29.02 -60.57
C GLY D 187 -12.77 -28.08 -59.39
N ASN D 188 -13.81 -27.28 -59.17
CA ASN D 188 -13.87 -26.40 -57.99
C ASN D 188 -14.54 -27.16 -56.83
N LEU D 189 -14.53 -26.58 -55.63
CA LEU D 189 -15.12 -27.23 -54.46
C LEU D 189 -16.65 -27.11 -54.41
N VAL D 190 -17.32 -28.16 -53.96
CA VAL D 190 -18.75 -28.06 -53.69
C VAL D 190 -18.89 -27.51 -52.29
N THR D 191 -19.65 -26.41 -52.15
CA THR D 191 -19.82 -25.76 -50.86
C THR D 191 -20.61 -26.64 -49.88
N THR D 192 -20.41 -26.43 -48.58
CA THR D 192 -21.22 -27.10 -47.57
C THR D 192 -22.50 -26.33 -47.28
N ASN D 193 -22.55 -25.06 -47.68
CA ASN D 193 -23.75 -24.24 -47.47
C ASN D 193 -24.99 -24.93 -48.03
N GLY D 194 -25.90 -25.30 -47.16
CA GLY D 194 -27.16 -25.90 -47.58
C GLY D 194 -27.33 -27.26 -46.96
N GLU D 195 -26.22 -27.84 -46.53
CA GLU D 195 -26.22 -29.17 -45.93
C GLU D 195 -26.50 -29.09 -44.43
N LEU D 196 -27.59 -29.74 -43.98
CA LEU D 196 -28.00 -29.60 -42.57
C LEU D 196 -28.06 -30.93 -41.83
N ASN D 197 -27.68 -31.99 -42.55
CA ASN D 197 -27.67 -33.35 -42.02
C ASN D 197 -26.22 -33.79 -41.77
N SER D 198 -25.49 -34.00 -42.86
CA SER D 198 -24.06 -34.28 -42.79
C SER D 198 -23.44 -34.13 -44.17
N PHE D 199 -22.18 -33.69 -44.22
CA PHE D 199 -21.51 -33.52 -45.51
C PHE D 199 -20.44 -34.59 -45.65
N TRP D 200 -20.79 -35.71 -46.25
CA TRP D 200 -19.90 -36.87 -46.29
C TRP D 200 -18.67 -36.65 -47.17
N GLY D 201 -18.87 -36.20 -48.39
CA GLY D 201 -17.76 -36.04 -49.32
C GLY D 201 -17.45 -37.36 -49.98
N ASP D 202 -17.05 -37.33 -51.25
CA ASP D 202 -16.79 -38.57 -51.98
C ASP D 202 -15.36 -38.64 -52.50
N VAL D 203 -14.54 -37.65 -52.16
CA VAL D 203 -13.12 -37.64 -52.55
C VAL D 203 -12.25 -37.54 -51.29
N ILE D 204 -11.55 -38.61 -50.96
CA ILE D 204 -10.70 -38.65 -49.76
C ILE D 204 -9.36 -37.94 -49.99
N HIS D 205 -8.94 -37.10 -49.07
CA HIS D 205 -7.63 -36.42 -49.18
C HIS D 205 -6.73 -36.78 -48.01
N VAL D 206 -5.44 -36.84 -48.28
CA VAL D 206 -4.46 -36.81 -47.20
C VAL D 206 -3.63 -35.56 -47.39
N ASN D 207 -3.50 -34.78 -46.33
CA ASN D 207 -2.72 -33.54 -46.38
C ASN D 207 -3.08 -32.66 -47.57
N GLY D 208 -4.38 -32.60 -47.86
CA GLY D 208 -4.93 -31.65 -48.82
C GLY D 208 -5.02 -32.22 -50.23
N GLN D 209 -4.49 -33.44 -50.41
CA GLN D 209 -4.39 -34.08 -51.71
C GLN D 209 -5.21 -35.35 -51.84
N PRO D 210 -6.07 -35.41 -52.84
CA PRO D 210 -6.91 -36.59 -53.03
C PRO D 210 -6.14 -37.83 -53.43
N TRP D 211 -6.37 -38.95 -52.73
CA TRP D 211 -5.81 -40.25 -53.11
C TRP D 211 -4.34 -40.24 -53.50
N PRO D 212 -3.49 -39.77 -52.61
CA PRO D 212 -2.06 -39.68 -52.88
C PRO D 212 -1.33 -41.02 -52.76
N PHE D 213 -0.07 -41.00 -53.17
CA PHE D 213 0.82 -42.12 -53.04
C PHE D 213 2.07 -41.62 -52.37
N LYS D 214 2.84 -42.52 -51.74
CA LYS D 214 4.11 -42.13 -51.17
C LYS D 214 5.09 -43.26 -51.32
N ASN D 215 6.30 -42.93 -51.76
CA ASN D 215 7.38 -43.88 -51.78
C ASN D 215 7.96 -44.06 -50.39
N VAL D 216 7.95 -45.29 -49.88
CA VAL D 216 8.51 -45.52 -48.56
C VAL D 216 9.56 -46.61 -48.59
N GLU D 217 10.36 -46.63 -47.53
CA GLU D 217 11.41 -47.62 -47.37
C GLU D 217 10.88 -48.76 -46.51
N PRO D 218 11.47 -49.95 -46.66
CA PRO D 218 11.04 -51.11 -45.87
C PRO D 218 11.51 -51.03 -44.42
N ARG D 219 10.98 -50.07 -43.68
CA ARG D 219 11.30 -49.93 -42.25
C ARG D 219 10.12 -49.30 -41.52
N LYS D 220 10.33 -48.94 -40.25
CA LYS D 220 9.27 -48.34 -39.45
C LYS D 220 9.05 -46.86 -39.74
N TYR D 221 7.77 -46.49 -39.89
CA TYR D 221 7.34 -45.09 -39.96
C TYR D 221 6.35 -44.77 -38.83
N ARG D 222 6.41 -43.54 -38.33
CA ARG D 222 5.43 -43.01 -37.40
C ARG D 222 4.39 -42.16 -38.15
N PHE D 223 3.13 -42.55 -38.09
CA PHE D 223 2.08 -41.77 -38.74
C PHE D 223 1.18 -41.07 -37.73
N ARG D 224 1.00 -39.76 -37.91
CA ARG D 224 0.11 -38.98 -37.06
C ARG D 224 -1.23 -38.75 -37.75
N PHE D 225 -2.19 -39.62 -37.50
CA PHE D 225 -3.48 -39.49 -38.14
C PHE D 225 -4.33 -38.44 -37.46
N LEU D 226 -5.07 -37.68 -38.25
CA LEU D 226 -6.03 -36.73 -37.72
C LEU D 226 -7.21 -36.74 -38.66
N ASP D 227 -8.40 -37.05 -38.15
CA ASP D 227 -9.56 -36.96 -39.01
C ASP D 227 -10.04 -35.54 -39.00
N ALA D 228 -9.77 -34.81 -40.08
CA ALA D 228 -10.12 -33.39 -40.17
C ALA D 228 -11.36 -33.15 -41.02
N ALA D 229 -12.07 -34.20 -41.37
CA ALA D 229 -13.20 -34.06 -42.27
C ALA D 229 -14.41 -33.35 -41.63
N VAL D 230 -15.27 -32.81 -42.49
CA VAL D 230 -16.49 -32.22 -42.01
C VAL D 230 -17.36 -33.27 -41.27
N SER D 231 -17.65 -34.38 -41.92
CA SER D 231 -18.61 -35.33 -41.35
C SER D 231 -18.15 -36.79 -41.41
N ARG D 232 -17.10 -37.08 -42.16
CA ARG D 232 -16.74 -38.49 -42.37
C ARG D 232 -15.91 -39.05 -41.23
N SER D 233 -16.35 -40.21 -40.74
CA SER D 233 -15.59 -41.00 -39.79
C SER D 233 -14.92 -42.11 -40.60
N PHE D 234 -13.82 -42.65 -40.08
CA PHE D 234 -13.05 -43.65 -40.79
C PHE D 234 -12.81 -44.93 -39.99
N GLY D 235 -12.73 -46.05 -40.71
CA GLY D 235 -12.26 -47.29 -40.15
C GLY D 235 -11.00 -47.65 -40.93
N LEU D 236 -9.84 -47.45 -40.32
CA LEU D 236 -8.60 -47.60 -41.08
C LEU D 236 -7.87 -48.92 -40.98
N TYR D 237 -7.52 -49.46 -42.13
CA TYR D 237 -6.69 -50.65 -42.24
C TYR D 237 -5.68 -50.59 -43.38
N PHE D 238 -4.61 -51.34 -43.25
CA PHE D 238 -3.56 -51.45 -44.24
C PHE D 238 -3.71 -52.81 -44.93
N ALA D 239 -3.45 -52.86 -46.23
CA ALA D 239 -3.55 -54.08 -46.99
C ALA D 239 -2.68 -54.01 -48.24
N ASP D 240 -2.00 -55.12 -48.54
CA ASP D 240 -1.26 -55.29 -49.77
C ASP D 240 -2.26 -55.24 -50.91
N THR D 241 -1.91 -54.51 -51.99
CA THR D 241 -2.78 -54.42 -53.18
C THR D 241 -3.08 -55.77 -53.80
N ASP D 242 -2.21 -56.75 -53.58
CA ASP D 242 -2.43 -58.12 -54.06
C ASP D 242 -3.36 -58.93 -53.15
N ALA D 243 -3.56 -58.49 -51.92
CA ALA D 243 -4.43 -59.19 -50.99
C ALA D 243 -5.16 -58.22 -50.10
N ILE D 244 -6.09 -57.46 -50.68
CA ILE D 244 -6.79 -56.44 -49.92
C ILE D 244 -7.71 -57.07 -48.89
N ASP D 245 -7.90 -58.37 -48.99
CA ASP D 245 -8.75 -59.09 -48.05
C ASP D 245 -8.10 -59.23 -46.68
N THR D 246 -6.79 -59.04 -46.59
CA THR D 246 -6.06 -59.27 -45.35
C THR D 246 -5.41 -58.04 -44.70
N ARG D 247 -5.80 -57.77 -43.48
CA ARG D 247 -5.34 -56.60 -42.74
C ARG D 247 -3.96 -56.80 -42.14
N LEU D 248 -3.05 -55.88 -42.44
CA LEU D 248 -1.70 -55.91 -41.89
C LEU D 248 -1.67 -55.27 -40.50
N PRO D 249 -1.16 -55.99 -39.51
CA PRO D 249 -1.15 -55.41 -38.17
C PRO D 249 -0.16 -54.23 -38.03
N PHE D 250 -0.45 -53.36 -37.07
CA PHE D 250 0.40 -52.23 -36.77
C PHE D 250 0.25 -51.88 -35.29
N LYS D 251 0.92 -50.82 -34.83
CA LYS D 251 0.84 -50.41 -33.44
C LYS D 251 0.35 -48.97 -33.30
N VAL D 252 -0.58 -48.76 -32.37
CA VAL D 252 -1.00 -47.42 -31.99
C VAL D 252 -0.19 -46.99 -30.78
N ILE D 253 0.44 -45.83 -30.85
CA ILE D 253 1.25 -45.33 -29.73
C ILE D 253 0.69 -44.07 -29.04
N ALA D 254 -0.25 -43.39 -29.67
CA ALA D 254 -0.79 -42.17 -29.07
C ALA D 254 -2.26 -41.86 -29.39
N SER D 255 -2.93 -41.18 -28.46
CA SER D 255 -4.31 -40.74 -28.68
C SER D 255 -4.32 -39.23 -28.59
N ASP D 256 -5.50 -38.62 -28.51
CA ASP D 256 -5.60 -37.14 -28.53
C ASP D 256 -4.60 -36.43 -27.60
N SER D 257 -4.46 -36.93 -26.38
CA SER D 257 -3.73 -36.24 -25.33
C SER D 257 -2.31 -36.71 -25.11
N GLY D 258 -1.84 -37.62 -25.96
CA GLY D 258 -0.45 -38.03 -25.89
C GLY D 258 -0.31 -39.54 -25.89
N LEU D 259 0.89 -39.99 -25.56
CA LEU D 259 1.22 -41.40 -25.64
C LEU D 259 0.28 -42.28 -24.80
N LEU D 260 0.03 -43.49 -25.29
CA LEU D 260 -0.57 -44.51 -24.45
C LEU D 260 0.48 -45.01 -23.49
N GLU D 261 0.07 -45.86 -22.57
CA GLU D 261 1.00 -46.41 -21.58
C GLU D 261 1.85 -47.51 -22.25
N HIS D 262 1.21 -48.28 -23.13
CA HIS D 262 1.86 -49.35 -23.88
C HIS D 262 1.33 -49.33 -25.31
N PRO D 263 2.16 -49.70 -26.30
CA PRO D 263 1.66 -49.72 -27.69
C PRO D 263 0.52 -50.72 -27.83
N ALA D 264 -0.52 -50.38 -28.57
CA ALA D 264 -1.65 -51.29 -28.73
C ALA D 264 -1.68 -51.89 -30.12
N ASP D 265 -1.53 -53.19 -30.17
CA ASP D 265 -1.52 -53.92 -31.44
C ASP D 265 -2.92 -53.92 -32.03
N THR D 266 -3.02 -53.30 -33.20
CA THR D 266 -4.29 -53.08 -33.86
C THR D 266 -4.15 -53.42 -35.33
N SER D 267 -5.25 -53.79 -35.95
CA SER D 267 -5.26 -54.00 -37.38
C SER D 267 -6.38 -53.17 -38.01
N LEU D 268 -7.22 -52.63 -37.15
CA LEU D 268 -8.31 -51.75 -37.55
C LEU D 268 -8.39 -50.58 -36.58
N LEU D 269 -8.38 -49.38 -37.11
CA LEU D 269 -8.43 -48.18 -36.27
C LEU D 269 -9.68 -47.37 -36.59
N TYR D 270 -10.62 -47.29 -35.66
CA TYR D 270 -11.71 -46.34 -35.75
C TYR D 270 -11.20 -44.94 -35.44
N ILE D 271 -11.45 -43.99 -36.34
CA ILE D 271 -11.10 -42.59 -36.06
C ILE D 271 -12.22 -41.70 -36.58
N SER D 272 -12.65 -40.76 -35.73
CA SER D 272 -13.75 -39.84 -36.00
C SER D 272 -13.29 -38.39 -36.03
N MET D 273 -14.19 -37.48 -36.38
CA MET D 273 -13.82 -36.09 -36.52
C MET D 273 -13.16 -35.53 -35.24
N ALA D 274 -12.02 -34.88 -35.44
CA ALA D 274 -11.21 -34.20 -34.43
C ALA D 274 -10.27 -35.15 -33.67
N GLU D 275 -10.41 -36.44 -33.94
CA GLU D 275 -9.59 -37.46 -33.28
C GLU D 275 -8.21 -37.59 -33.86
N ARG D 276 -7.24 -37.77 -32.98
CA ARG D 276 -5.88 -37.97 -33.38
C ARG D 276 -5.32 -39.26 -32.81
N TYR D 277 -4.77 -40.11 -33.68
CA TYR D 277 -4.02 -41.25 -33.20
C TYR D 277 -2.70 -41.32 -33.93
N GLU D 278 -1.63 -41.66 -33.22
CA GLU D 278 -0.35 -41.88 -33.88
C GLU D 278 -0.05 -43.37 -33.95
N VAL D 279 0.37 -43.79 -35.13
CA VAL D 279 0.56 -45.18 -35.45
C VAL D 279 2.00 -45.39 -35.92
N VAL D 280 2.61 -46.49 -35.50
CA VAL D 280 3.86 -46.90 -36.13
C VAL D 280 3.59 -48.08 -37.04
N PHE D 281 3.96 -47.96 -38.31
CA PHE D 281 3.76 -49.06 -39.25
C PHE D 281 5.09 -49.57 -39.77
N ASP D 282 5.23 -50.89 -39.84
CA ASP D 282 6.50 -51.49 -40.17
C ASP D 282 6.50 -52.08 -41.57
N PHE D 283 7.09 -51.36 -42.52
CA PHE D 283 7.10 -51.81 -43.90
C PHE D 283 8.19 -52.86 -44.17
N SER D 284 9.02 -53.14 -43.16
CA SER D 284 10.04 -54.20 -43.26
C SER D 284 9.53 -55.45 -43.97
N ASP D 285 8.41 -55.96 -43.49
CA ASP D 285 7.89 -57.23 -44.00
C ASP D 285 7.27 -57.16 -45.40
N TYR D 286 7.33 -56.00 -46.04
CA TYR D 286 6.65 -55.82 -47.33
C TYR D 286 7.52 -55.20 -48.42
N ALA D 287 8.83 -55.35 -48.29
CA ALA D 287 9.76 -54.82 -49.29
C ALA D 287 9.27 -55.18 -50.68
N GLY D 288 9.26 -54.21 -51.58
CA GLY D 288 8.88 -54.45 -52.96
C GLY D 288 7.38 -54.43 -53.23
N LYS D 289 6.59 -54.41 -52.16
CA LYS D 289 5.15 -54.41 -52.30
C LYS D 289 4.53 -53.01 -52.40
N THR D 290 3.26 -52.93 -52.79
CA THR D 290 2.48 -51.71 -52.66
C THR D 290 1.40 -51.94 -51.59
N ILE D 291 1.43 -51.11 -50.55
CA ILE D 291 0.45 -51.19 -49.48
C ILE D 291 -0.60 -50.09 -49.67
N GLU D 292 -1.87 -50.47 -49.61
CA GLU D 292 -2.97 -49.52 -49.70
C GLU D 292 -3.57 -49.25 -48.32
N LEU D 293 -3.72 -47.99 -47.98
CA LEU D 293 -4.39 -47.60 -46.74
C LEU D 293 -5.86 -47.48 -47.11
N ARG D 294 -6.71 -48.27 -46.48
CA ARG D 294 -8.09 -48.36 -46.92
C ARG D 294 -9.06 -47.93 -45.84
N ASN D 295 -10.33 -47.80 -46.20
CA ASN D 295 -11.38 -47.36 -45.29
C ASN D 295 -12.56 -48.33 -45.25
N LEU D 296 -12.84 -48.88 -44.08
CA LEU D 296 -13.87 -49.88 -43.88
C LEU D 296 -15.22 -49.40 -44.45
N GLY D 297 -15.89 -50.26 -45.21
CA GLY D 297 -17.17 -49.93 -45.82
C GLY D 297 -18.37 -50.19 -44.94
N GLY D 298 -19.56 -50.02 -45.49
CA GLY D 298 -20.78 -50.28 -44.72
C GLY D 298 -20.97 -49.28 -43.59
N SER D 299 -20.62 -48.02 -43.87
CA SER D 299 -20.61 -46.97 -42.86
C SER D 299 -19.76 -47.37 -41.67
N ILE D 300 -18.47 -47.53 -41.89
CA ILE D 300 -17.54 -47.98 -40.83
C ILE D 300 -18.09 -49.20 -40.06
N GLY D 301 -18.32 -50.29 -40.79
CA GLY D 301 -18.69 -51.55 -40.20
C GLY D 301 -19.97 -51.50 -39.41
N GLY D 302 -20.76 -50.45 -39.62
CA GLY D 302 -22.03 -50.32 -38.91
C GLY D 302 -21.94 -49.48 -37.64
N ILE D 303 -20.77 -48.91 -37.37
CA ILE D 303 -20.62 -48.02 -36.21
C ILE D 303 -21.21 -46.67 -36.57
N GLY D 304 -21.06 -46.28 -37.84
CA GLY D 304 -21.48 -44.97 -38.28
C GLY D 304 -22.71 -45.02 -39.15
N THR D 305 -23.01 -43.92 -39.83
CA THR D 305 -24.09 -43.90 -40.84
C THR D 305 -23.62 -43.23 -42.12
N ASP D 306 -22.33 -42.90 -42.17
CA ASP D 306 -21.75 -42.26 -43.33
C ASP D 306 -22.14 -42.99 -44.63
N THR D 307 -22.41 -42.23 -45.68
CA THR D 307 -22.63 -42.78 -47.01
C THR D 307 -21.29 -43.17 -47.64
N ASP D 308 -21.24 -44.35 -48.26
CA ASP D 308 -20.03 -44.81 -48.92
C ASP D 308 -20.19 -44.62 -50.42
N TYR D 309 -19.14 -44.10 -51.07
CA TYR D 309 -19.16 -43.90 -52.52
C TYR D 309 -18.12 -44.77 -53.19
N ASP D 310 -18.19 -44.81 -54.52
CA ASP D 310 -17.28 -45.60 -55.34
C ASP D 310 -15.86 -45.70 -54.79
N ASN D 311 -15.29 -44.58 -54.36
CA ASN D 311 -13.87 -44.59 -54.02
C ASN D 311 -13.53 -44.19 -52.59
N THR D 312 -14.53 -44.01 -51.75
CA THR D 312 -14.26 -43.62 -50.37
C THR D 312 -13.79 -44.80 -49.53
N ASP D 313 -13.58 -45.94 -50.17
CA ASP D 313 -13.00 -47.09 -49.49
C ASP D 313 -11.48 -47.04 -49.57
N LYS D 314 -10.97 -46.10 -50.37
CA LYS D 314 -9.53 -45.97 -50.59
C LYS D 314 -8.97 -44.63 -50.08
N VAL D 315 -7.79 -44.67 -49.46
CA VAL D 315 -7.19 -43.48 -48.87
C VAL D 315 -5.94 -43.06 -49.62
N MET D 316 -4.91 -43.89 -49.57
CA MET D 316 -3.71 -43.65 -50.34
C MET D 316 -2.90 -44.93 -50.48
N ARG D 317 -1.78 -44.84 -51.19
CA ARG D 317 -0.90 -45.98 -51.38
C ARG D 317 0.55 -45.71 -50.99
N PHE D 318 1.17 -46.72 -50.42
CA PHE D 318 2.57 -46.66 -50.05
C PHE D 318 3.35 -47.63 -50.94
N VAL D 319 4.28 -47.12 -51.74
CA VAL D 319 5.09 -47.98 -52.60
C VAL D 319 6.40 -48.29 -51.84
N VAL D 320 6.59 -49.54 -51.46
CA VAL D 320 7.72 -49.92 -50.59
C VAL D 320 8.97 -50.30 -51.38
N ALA D 321 10.06 -49.59 -51.17
CA ALA D 321 11.32 -49.88 -51.87
C ALA D 321 11.81 -51.28 -51.54
N ASP D 322 12.78 -51.75 -52.30
CA ASP D 322 13.37 -53.04 -52.07
C ASP D 322 14.28 -53.01 -50.85
N ASP D 323 14.95 -51.89 -50.63
CA ASP D 323 15.85 -51.74 -49.49
C ASP D 323 15.78 -50.35 -48.88
N THR D 324 16.38 -50.20 -47.70
CA THR D 324 16.50 -48.88 -47.08
C THR D 324 17.84 -48.33 -47.48
N THR D 325 18.00 -47.03 -47.27
CA THR D 325 19.24 -46.36 -47.57
C THR D 325 20.15 -46.64 -46.39
N GLN D 326 19.63 -46.35 -45.20
CA GLN D 326 20.36 -46.54 -43.97
C GLN D 326 19.57 -47.49 -43.09
N PRO D 327 20.28 -48.14 -42.17
CA PRO D 327 19.65 -49.09 -41.23
C PRO D 327 18.67 -48.44 -40.25
N ASP D 328 17.47 -49.02 -40.14
CA ASP D 328 16.45 -48.55 -39.21
C ASP D 328 16.89 -48.80 -37.77
N THR D 329 17.22 -47.71 -37.07
CA THR D 329 17.73 -47.76 -35.69
C THR D 329 16.62 -47.59 -34.68
N SER D 330 15.45 -47.16 -35.15
CA SER D 330 14.35 -46.78 -34.28
C SER D 330 13.71 -47.99 -33.61
N VAL D 331 12.95 -47.75 -32.55
CA VAL D 331 12.25 -48.83 -31.86
C VAL D 331 10.84 -48.39 -31.45
N VAL D 332 10.00 -49.35 -31.08
CA VAL D 332 8.72 -49.04 -30.43
C VAL D 332 8.73 -49.74 -29.08
N PRO D 333 9.02 -48.99 -28.00
CA PRO D 333 9.20 -49.63 -26.68
C PRO D 333 7.88 -50.14 -26.11
N ALA D 334 7.94 -51.14 -25.24
CA ALA D 334 6.76 -51.73 -24.65
C ALA D 334 6.17 -50.78 -23.62
N ASN D 335 7.02 -49.92 -23.08
CA ASN D 335 6.60 -48.92 -22.10
C ASN D 335 6.82 -47.52 -22.65
N LEU D 336 5.73 -46.77 -22.80
CA LEU D 336 5.81 -45.47 -23.45
C LEU D 336 5.87 -44.31 -22.44
N ARG D 337 4.90 -44.27 -21.53
CA ARG D 337 4.92 -43.32 -20.43
C ARG D 337 3.93 -43.73 -19.33
N ASP D 338 4.04 -43.10 -18.16
CA ASP D 338 2.99 -43.20 -17.17
C ASP D 338 1.91 -42.19 -17.55
N VAL D 339 0.71 -42.69 -17.83
CA VAL D 339 -0.40 -41.81 -18.18
C VAL D 339 -1.01 -41.17 -16.94
N PRO D 340 -0.97 -39.83 -16.86
CA PRO D 340 -1.46 -39.06 -15.71
C PRO D 340 -2.99 -39.06 -15.64
N PHE D 341 -3.61 -40.18 -15.26
CA PHE D 341 -5.06 -40.27 -15.25
C PHE D 341 -5.65 -39.37 -14.18
N PRO D 342 -6.89 -38.89 -14.40
CA PRO D 342 -7.57 -38.11 -13.36
C PRO D 342 -7.74 -38.98 -12.12
N SER D 343 -7.66 -38.39 -10.94
CA SER D 343 -7.99 -39.13 -9.73
C SER D 343 -9.45 -39.58 -9.84
N PRO D 344 -9.69 -40.89 -9.78
CA PRO D 344 -11.02 -41.43 -10.11
C PRO D 344 -12.15 -40.95 -9.18
N THR D 345 -13.37 -40.93 -9.71
CA THR D 345 -14.55 -40.61 -8.92
C THR D 345 -15.68 -41.60 -9.20
N THR D 346 -16.64 -41.67 -8.28
CA THR D 346 -17.81 -42.53 -8.49
C THR D 346 -19.09 -41.75 -8.21
N ASN D 347 -18.97 -40.43 -8.22
CA ASN D 347 -20.15 -39.59 -8.20
C ASN D 347 -20.95 -39.78 -9.48
N THR D 348 -22.28 -39.85 -9.35
CA THR D 348 -23.17 -40.09 -10.48
C THR D 348 -22.82 -39.15 -11.61
N PRO D 349 -22.62 -39.71 -12.81
CA PRO D 349 -22.25 -38.91 -13.97
C PRO D 349 -23.35 -37.98 -14.43
N ARG D 350 -22.93 -36.81 -14.90
CA ARG D 350 -23.79 -35.81 -15.47
C ARG D 350 -24.22 -36.28 -16.85
N GLN D 351 -25.51 -36.26 -17.13
CA GLN D 351 -26.02 -36.78 -18.40
C GLN D 351 -26.20 -35.74 -19.52
N PHE D 352 -25.68 -36.08 -20.71
CA PHE D 352 -25.92 -35.24 -21.87
C PHE D 352 -26.45 -36.10 -22.99
N ARG D 353 -27.50 -35.59 -23.65
CA ARG D 353 -28.16 -36.28 -24.72
C ARG D 353 -27.95 -35.53 -26.02
N PHE D 354 -27.43 -36.23 -27.02
CA PHE D 354 -27.13 -35.61 -28.31
C PHE D 354 -28.12 -36.10 -29.32
N GLY D 355 -28.97 -35.19 -29.81
CA GLY D 355 -30.07 -35.62 -30.65
C GLY D 355 -30.73 -34.49 -31.40
N ARG D 356 -32.03 -34.65 -31.64
CA ARG D 356 -32.79 -33.73 -32.47
C ARG D 356 -33.92 -33.07 -31.68
N THR D 357 -34.08 -31.78 -31.89
CA THR D 357 -35.23 -31.04 -31.39
C THR D 357 -35.78 -30.32 -32.61
N GLY D 358 -36.86 -30.85 -33.17
CA GLY D 358 -37.35 -30.35 -34.44
C GLY D 358 -36.30 -30.57 -35.50
N PRO D 359 -36.01 -29.51 -36.28
CA PRO D 359 -35.00 -29.61 -37.34
C PRO D 359 -33.58 -29.31 -36.85
N THR D 360 -33.39 -29.13 -35.54
CA THR D 360 -32.10 -28.67 -35.03
C THR D 360 -31.35 -29.74 -34.23
N TRP D 361 -30.06 -29.88 -34.51
CA TRP D 361 -29.21 -30.77 -33.74
C TRP D 361 -28.94 -30.12 -32.39
N THR D 362 -29.22 -30.85 -31.31
CA THR D 362 -29.23 -30.25 -29.97
C THR D 362 -28.48 -31.10 -28.93
N ILE D 363 -28.19 -30.48 -27.79
CA ILE D 363 -27.62 -31.15 -26.63
C ILE D 363 -28.57 -30.91 -25.46
N ASN D 364 -29.18 -31.97 -24.97
CA ASN D 364 -30.27 -31.83 -24.00
C ASN D 364 -31.32 -30.81 -24.48
N GLY D 365 -31.63 -30.84 -25.76
CA GLY D 365 -32.69 -29.99 -26.30
C GLY D 365 -32.36 -28.52 -26.50
N VAL D 366 -31.10 -28.12 -26.29
CA VAL D 366 -30.73 -26.74 -26.51
C VAL D 366 -29.75 -26.59 -27.66
N ALA D 367 -29.85 -25.45 -28.33
CA ALA D 367 -28.97 -25.09 -29.44
C ALA D 367 -28.06 -23.99 -28.95
N PHE D 368 -26.85 -23.88 -29.51
CA PHE D 368 -25.90 -22.89 -29.03
C PHE D 368 -26.38 -21.45 -29.21
N ALA D 369 -27.14 -21.20 -30.25
CA ALA D 369 -27.64 -19.85 -30.53
C ALA D 369 -28.46 -19.33 -29.38
N ASP D 370 -28.98 -20.24 -28.55
CA ASP D 370 -29.80 -19.88 -27.40
C ASP D 370 -28.94 -19.39 -26.22
N VAL D 371 -28.63 -18.10 -26.21
CA VAL D 371 -27.69 -17.53 -25.25
C VAL D 371 -28.11 -17.77 -23.81
N GLN D 372 -29.41 -17.85 -23.58
CA GLN D 372 -29.93 -17.89 -22.22
C GLN D 372 -29.86 -19.28 -21.61
N ASN D 373 -29.76 -20.31 -22.47
CA ASN D 373 -29.81 -21.69 -21.99
C ASN D 373 -28.60 -22.58 -22.29
N ARG D 374 -27.62 -22.07 -23.02
CA ARG D 374 -26.54 -22.94 -23.50
C ARG D 374 -25.52 -23.31 -22.44
N LEU D 375 -25.53 -22.59 -21.33
CA LEU D 375 -24.62 -22.90 -20.22
C LEU D 375 -25.16 -24.06 -19.40
N LEU D 376 -24.73 -25.27 -19.73
CA LEU D 376 -25.37 -26.50 -19.25
C LEU D 376 -24.73 -27.10 -17.99
N ALA D 377 -23.69 -26.47 -17.48
CA ALA D 377 -22.96 -27.06 -16.36
C ALA D 377 -22.02 -26.09 -15.69
N ASN D 378 -22.06 -26.10 -14.37
CA ASN D 378 -21.08 -25.39 -13.56
C ASN D 378 -20.24 -26.41 -12.83
N VAL D 379 -18.93 -26.36 -13.04
CA VAL D 379 -18.04 -27.25 -12.34
C VAL D 379 -16.92 -26.50 -11.64
N PRO D 380 -16.85 -26.63 -10.32
CA PRO D 380 -15.78 -25.95 -9.58
C PRO D 380 -14.43 -26.42 -10.08
N VAL D 381 -13.55 -25.48 -10.43
CA VAL D 381 -12.17 -25.79 -10.81
C VAL D 381 -11.52 -26.75 -9.83
N GLY D 382 -10.90 -27.81 -10.34
CA GLY D 382 -10.21 -28.77 -9.50
C GLY D 382 -11.03 -30.03 -9.27
N THR D 383 -12.26 -30.02 -9.78
CA THR D 383 -13.19 -31.13 -9.60
C THR D 383 -13.01 -32.17 -10.72
N VAL D 384 -13.13 -33.44 -10.35
CA VAL D 384 -13.17 -34.54 -11.30
C VAL D 384 -14.63 -34.95 -11.45
N GLU D 385 -15.15 -34.95 -12.68
CA GLU D 385 -16.53 -35.40 -12.88
C GLU D 385 -16.58 -36.40 -14.00
N ARG D 386 -17.42 -37.43 -13.82
CA ARG D 386 -17.76 -38.29 -14.93
C ARG D 386 -18.95 -37.69 -15.69
N TRP D 387 -18.88 -37.72 -17.02
CA TRP D 387 -19.99 -37.30 -17.87
C TRP D 387 -20.45 -38.47 -18.71
N GLU D 388 -21.76 -38.64 -18.80
CA GLU D 388 -22.35 -39.74 -19.53
C GLU D 388 -22.93 -39.20 -20.84
N LEU D 389 -22.30 -39.55 -21.95
CA LEU D 389 -22.63 -38.96 -23.22
C LEU D 389 -23.54 -39.93 -23.95
N ILE D 390 -24.71 -39.45 -24.35
CA ILE D 390 -25.77 -40.33 -24.79
C ILE D 390 -26.23 -40.05 -26.21
N ASN D 391 -26.09 -41.05 -27.07
CA ASN D 391 -26.71 -41.07 -28.38
C ASN D 391 -27.70 -42.21 -28.44
N ALA D 392 -28.99 -41.90 -28.42
CA ALA D 392 -30.00 -42.96 -28.44
C ALA D 392 -30.45 -43.29 -29.87
N GLY D 393 -29.95 -42.55 -30.84
CA GLY D 393 -30.36 -42.76 -32.22
C GLY D 393 -29.57 -43.80 -33.00
N ASN D 394 -30.21 -44.33 -34.04
CA ASN D 394 -29.53 -45.19 -34.98
C ASN D 394 -29.22 -44.38 -36.23
N GLY D 395 -29.85 -43.21 -36.34
CA GLY D 395 -29.75 -42.40 -37.56
C GLY D 395 -28.62 -41.37 -37.60
N TRP D 396 -27.86 -41.26 -36.52
CA TRP D 396 -26.73 -40.34 -36.49
C TRP D 396 -25.64 -40.80 -35.51
N THR D 397 -24.40 -40.36 -35.71
CA THR D 397 -23.33 -40.60 -34.73
C THR D 397 -22.66 -39.28 -34.43
N HIS D 398 -21.98 -39.20 -33.29
CA HIS D 398 -21.45 -37.93 -32.81
C HIS D 398 -20.16 -38.07 -32.04
N PRO D 399 -19.08 -37.58 -32.63
CA PRO D 399 -17.78 -37.51 -31.94
C PRO D 399 -17.83 -36.30 -31.03
N ILE D 400 -17.92 -36.52 -29.71
CA ILE D 400 -18.11 -35.43 -28.76
C ILE D 400 -16.81 -34.85 -28.28
N HIS D 401 -16.73 -33.52 -28.30
CA HIS D 401 -15.52 -32.83 -27.88
C HIS D 401 -15.74 -31.92 -26.67
N ILE D 402 -14.88 -32.04 -25.67
CA ILE D 402 -14.98 -31.19 -24.50
C ILE D 402 -13.71 -30.36 -24.43
N HIS D 403 -13.85 -29.03 -24.40
CA HIS D 403 -12.71 -28.13 -24.37
C HIS D 403 -12.04 -28.17 -23.00
N LEU D 404 -10.83 -27.61 -22.91
CA LEU D 404 -10.09 -27.49 -21.66
C LEU D 404 -9.51 -28.81 -21.16
N VAL D 405 -10.34 -29.83 -21.07
CA VAL D 405 -9.98 -31.05 -20.35
C VAL D 405 -9.32 -32.12 -21.22
N ASP D 406 -8.54 -33.00 -20.58
CA ASP D 406 -8.26 -34.32 -21.12
C ASP D 406 -9.14 -35.30 -20.32
N PHE D 407 -9.62 -36.35 -20.95
CA PHE D 407 -10.46 -37.30 -20.22
C PHE D 407 -10.12 -38.76 -20.50
N LYS D 408 -10.49 -39.64 -19.56
CA LYS D 408 -10.35 -41.08 -19.74
C LYS D 408 -11.70 -41.71 -20.14
N VAL D 409 -11.68 -42.61 -21.11
CA VAL D 409 -12.91 -43.24 -21.52
C VAL D 409 -13.21 -44.39 -20.57
N ILE D 410 -14.33 -44.28 -19.88
CA ILE D 410 -14.69 -45.22 -18.82
C ILE D 410 -15.43 -46.43 -19.37
N SER D 411 -16.36 -46.19 -20.28
CA SER D 411 -17.15 -47.28 -20.82
C SER D 411 -17.96 -46.88 -22.04
N ARG D 412 -18.26 -47.89 -22.85
CA ARG D 412 -19.15 -47.72 -23.97
C ARG D 412 -20.10 -48.91 -24.00
N THR D 413 -21.39 -48.62 -24.09
CA THR D 413 -22.37 -49.64 -24.38
C THR D 413 -23.02 -49.32 -25.72
N SER D 414 -23.04 -50.29 -26.62
CA SER D 414 -23.76 -50.14 -27.87
C SER D 414 -25.12 -50.85 -27.86
N GLY D 415 -26.17 -50.10 -28.21
CA GLY D 415 -27.49 -50.69 -28.41
C GLY D 415 -27.53 -51.74 -29.50
N ASN D 416 -26.58 -51.68 -30.42
CA ASN D 416 -26.46 -52.69 -31.49
C ASN D 416 -25.46 -53.79 -31.12
N ASN D 417 -25.02 -53.79 -29.87
CA ASN D 417 -24.00 -54.72 -29.39
C ASN D 417 -22.72 -54.72 -30.22
N ALA D 418 -22.47 -53.65 -30.92
CA ALA D 418 -21.33 -53.50 -31.79
C ALA D 418 -19.93 -53.44 -31.17
N ARG D 419 -19.80 -52.76 -30.03
CA ARG D 419 -18.50 -52.63 -29.37
C ARG D 419 -18.53 -52.02 -27.97
N THR D 420 -17.41 -52.13 -27.27
CA THR D 420 -17.19 -51.51 -25.97
C THR D 420 -16.02 -50.53 -26.13
N VAL D 421 -15.23 -50.36 -25.08
CA VAL D 421 -14.07 -49.50 -25.16
C VAL D 421 -12.93 -50.19 -25.91
N MET D 422 -12.29 -49.47 -26.83
CA MET D 422 -11.17 -49.97 -27.62
C MET D 422 -9.82 -49.87 -26.89
N PRO D 423 -8.85 -50.67 -27.29
CA PRO D 423 -7.51 -50.64 -26.66
C PRO D 423 -6.75 -49.34 -26.91
N TYR D 424 -6.94 -48.71 -28.07
CA TYR D 424 -6.34 -47.39 -28.30
C TYR D 424 -7.10 -46.25 -27.58
N GLU D 425 -8.19 -46.56 -26.90
CA GLU D 425 -8.83 -45.57 -26.02
C GLU D 425 -8.41 -45.77 -24.56
N SER D 426 -7.27 -46.42 -24.34
CA SER D 426 -6.81 -46.74 -22.98
C SER D 426 -6.16 -45.56 -22.25
N GLY D 427 -5.80 -44.52 -22.98
CA GLY D 427 -5.06 -43.42 -22.42
C GLY D 427 -5.94 -42.22 -22.22
N LEU D 428 -5.47 -41.04 -22.63
CA LEU D 428 -6.21 -39.81 -22.45
C LEU D 428 -6.61 -39.18 -23.79
N LYS D 429 -7.84 -38.69 -23.85
CA LYS D 429 -8.44 -38.25 -25.10
C LYS D 429 -9.22 -36.95 -24.86
N ASP D 430 -9.56 -36.25 -25.93
CA ASP D 430 -10.45 -35.09 -25.79
C ASP D 430 -11.62 -35.09 -26.78
N VAL D 431 -11.71 -36.16 -27.56
CA VAL D 431 -12.89 -36.42 -28.37
C VAL D 431 -13.17 -37.91 -28.36
N VAL D 432 -14.44 -38.27 -28.29
CA VAL D 432 -14.82 -39.67 -28.22
C VAL D 432 -16.05 -39.88 -29.09
N TRP D 433 -16.03 -40.96 -29.85
CA TRP D 433 -17.04 -41.18 -30.87
C TRP D 433 -18.24 -41.95 -30.31
N LEU D 434 -19.40 -41.32 -30.30
CA LEU D 434 -20.65 -42.01 -29.99
C LEU D 434 -21.24 -42.57 -31.27
N GLY D 435 -21.01 -43.85 -31.52
CA GLY D 435 -21.60 -44.51 -32.67
C GLY D 435 -23.09 -44.77 -32.52
N ARG D 436 -23.68 -45.43 -33.51
CA ARG D 436 -25.10 -45.71 -33.48
C ARG D 436 -25.48 -46.30 -32.12
N ARG D 437 -26.42 -45.65 -31.45
CA ARG D 437 -26.96 -46.16 -30.19
C ARG D 437 -25.92 -46.44 -29.12
N GLU D 438 -24.86 -45.65 -29.08
CA GLU D 438 -23.88 -45.77 -28.00
C GLU D 438 -24.05 -44.68 -26.94
N THR D 439 -23.89 -45.07 -25.68
CA THR D 439 -23.68 -44.11 -24.61
C THR D 439 -22.30 -44.41 -24.05
N VAL D 440 -21.51 -43.35 -23.86
CA VAL D 440 -20.14 -43.47 -23.39
C VAL D 440 -19.99 -42.66 -22.12
N VAL D 441 -19.21 -43.16 -21.17
CA VAL D 441 -18.89 -42.39 -19.96
C VAL D 441 -17.42 -41.93 -19.97
N VAL D 442 -17.19 -40.66 -19.68
CA VAL D 442 -15.82 -40.14 -19.68
C VAL D 442 -15.55 -39.51 -18.33
N GLU D 443 -14.29 -39.48 -17.94
CA GLU D 443 -13.91 -38.94 -16.63
C GLU D 443 -12.84 -37.89 -16.84
N ALA D 444 -13.11 -36.67 -16.39
CA ALA D 444 -12.18 -35.57 -16.64
C ALA D 444 -11.90 -34.74 -15.39
N HIS D 445 -10.68 -34.21 -15.31
CA HIS D 445 -10.33 -33.24 -14.28
C HIS D 445 -10.53 -31.81 -14.84
N TYR D 446 -11.54 -31.13 -14.32
CA TYR D 446 -11.83 -29.77 -14.73
C TYR D 446 -10.86 -28.79 -14.07
N ALA D 447 -9.67 -28.69 -14.65
CA ALA D 447 -8.56 -27.97 -14.07
C ALA D 447 -7.64 -27.60 -15.20
N PRO D 448 -6.71 -26.65 -14.97
CA PRO D 448 -6.57 -25.98 -13.68
C PRO D 448 -6.99 -24.52 -13.77
N PHE D 449 -7.71 -24.14 -14.84
CA PHE D 449 -8.02 -22.73 -15.10
C PHE D 449 -9.51 -22.47 -15.13
N PRO D 450 -9.96 -21.42 -14.44
CA PRO D 450 -11.38 -21.09 -14.49
C PRO D 450 -11.77 -20.40 -15.78
N GLY D 451 -12.96 -20.70 -16.31
CA GLY D 451 -13.46 -19.98 -17.45
C GLY D 451 -14.71 -20.60 -18.05
N VAL D 452 -15.29 -19.92 -19.03
CA VAL D 452 -16.41 -20.47 -19.79
C VAL D 452 -15.84 -21.09 -21.05
N TYR D 453 -16.22 -22.34 -21.28
CA TYR D 453 -15.64 -23.18 -22.32
C TYR D 453 -16.74 -23.93 -23.07
N MET D 454 -16.48 -24.23 -24.35
CA MET D 454 -17.38 -25.05 -25.17
C MET D 454 -17.23 -26.57 -25.03
N PHE D 455 -18.32 -27.25 -25.34
CA PHE D 455 -18.28 -28.66 -25.63
C PHE D 455 -19.39 -28.97 -26.64
N HIS D 456 -19.15 -29.91 -27.55
CA HIS D 456 -20.04 -30.07 -28.70
C HIS D 456 -19.73 -31.36 -29.47
N CYS D 457 -20.57 -31.67 -30.45
CA CYS D 457 -20.21 -32.68 -31.42
C CYS D 457 -19.23 -32.08 -32.43
N HIS D 458 -18.28 -32.86 -32.90
CA HIS D 458 -17.30 -32.33 -33.86
C HIS D 458 -17.63 -32.66 -35.32
N ASN D 459 -18.79 -33.24 -35.56
CA ASN D 459 -19.37 -33.20 -36.89
C ASN D 459 -19.72 -31.74 -37.13
N LEU D 460 -18.94 -31.05 -37.98
CA LEU D 460 -19.11 -29.62 -38.17
C LEU D 460 -20.51 -29.21 -38.62
N ILE D 461 -21.16 -30.03 -39.42
CA ILE D 461 -22.51 -29.73 -39.85
C ILE D 461 -23.45 -29.75 -38.63
N HIS D 462 -23.29 -30.75 -37.78
CA HIS D 462 -24.12 -30.82 -36.58
C HIS D 462 -23.80 -29.66 -35.66
N GLU D 463 -22.50 -29.39 -35.50
CA GLU D 463 -22.00 -28.31 -34.67
C GLU D 463 -22.62 -26.97 -35.05
N ASP D 464 -22.69 -26.69 -36.35
CA ASP D 464 -23.25 -25.43 -36.84
C ASP D 464 -24.76 -25.32 -36.76
N HIS D 465 -25.48 -26.42 -36.62
CA HIS D 465 -26.94 -26.33 -36.59
C HIS D 465 -27.62 -27.35 -35.66
N ASP D 466 -27.36 -27.32 -34.36
CA ASP D 466 -26.58 -26.30 -33.66
C ASP D 466 -26.10 -26.99 -32.37
N MET D 467 -25.44 -28.14 -32.55
CA MET D 467 -25.15 -29.06 -31.46
C MET D 467 -23.92 -28.65 -30.64
N MET D 468 -24.05 -27.53 -29.95
CA MET D 468 -22.93 -26.96 -29.23
C MET D 468 -23.48 -26.32 -27.97
N ALA D 469 -22.73 -26.43 -26.88
CA ALA D 469 -23.12 -25.84 -25.60
C ALA D 469 -21.88 -25.40 -24.80
N ALA D 470 -22.09 -24.97 -23.55
CA ALA D 470 -21.02 -24.37 -22.76
C ALA D 470 -20.99 -24.88 -21.34
N PHE D 471 -19.81 -24.89 -20.74
CA PHE D 471 -19.72 -25.09 -19.30
C PHE D 471 -18.85 -24.01 -18.63
N ASN D 472 -19.05 -23.84 -17.33
CA ASN D 472 -18.27 -22.87 -16.59
C ASN D 472 -17.46 -23.59 -15.51
N ALA D 473 -16.14 -23.55 -15.63
CA ALA D 473 -15.26 -24.01 -14.57
C ALA D 473 -15.06 -22.84 -13.60
N THR D 474 -15.74 -22.91 -12.46
CA THR D 474 -15.87 -21.80 -11.53
C THR D 474 -14.84 -21.79 -10.40
N VAL D 475 -14.56 -20.60 -9.85
CA VAL D 475 -13.76 -20.44 -8.62
C VAL D 475 -14.46 -19.41 -7.74
N LEU D 476 -14.10 -19.37 -6.46
CA LEU D 476 -14.63 -18.37 -5.53
C LEU D 476 -13.91 -17.04 -5.73
N PRO D 477 -14.57 -15.92 -5.38
CA PRO D 477 -14.01 -14.61 -5.71
C PRO D 477 -12.67 -14.30 -5.04
N ASP D 478 -12.30 -15.07 -4.02
CA ASP D 478 -11.01 -14.87 -3.37
C ASP D 478 -9.86 -15.65 -4.02
N TYR D 479 -10.14 -16.31 -5.15
CA TYR D 479 -9.18 -17.21 -5.80
C TYR D 479 -7.92 -16.48 -6.31
N GLY D 480 -8.12 -15.32 -6.91
CA GLY D 480 -7.00 -14.54 -7.41
C GLY D 480 -6.55 -14.93 -8.81
N TYR D 481 -5.23 -14.97 -9.02
CA TYR D 481 -4.68 -15.32 -10.32
C TYR D 481 -5.29 -14.50 -11.47
N ASN D 482 -5.71 -13.27 -11.20
CA ASN D 482 -6.30 -12.46 -12.25
C ASN D 482 -7.48 -13.17 -12.92
N ALA D 483 -8.13 -14.08 -12.18
CA ALA D 483 -9.27 -14.82 -12.71
C ALA D 483 -10.32 -13.89 -13.34
N THR D 484 -10.48 -12.70 -12.76
CA THR D 484 -11.52 -11.78 -13.22
C THR D 484 -11.38 -11.35 -14.69
N VAL D 485 -10.15 -11.28 -15.18
CA VAL D 485 -9.96 -10.88 -16.58
C VAL D 485 -9.77 -12.07 -17.53
N PHE D 486 -9.80 -13.28 -16.98
CA PHE D 486 -9.58 -14.49 -17.77
C PHE D 486 -10.74 -15.49 -17.88
N VAL D 487 -11.86 -15.21 -17.22
CA VAL D 487 -13.01 -16.12 -17.22
C VAL D 487 -14.00 -15.90 -18.37
N ASP D 488 -14.16 -14.66 -18.79
CA ASP D 488 -15.11 -14.34 -19.84
C ASP D 488 -14.43 -14.32 -21.20
N PRO D 489 -14.88 -15.19 -22.12
CA PRO D 489 -14.21 -15.29 -23.43
C PRO D 489 -14.31 -14.00 -24.27
N MET D 490 -15.31 -13.18 -24.02
CA MET D 490 -15.49 -11.95 -24.79
C MET D 490 -14.76 -10.76 -24.18
N GLU D 491 -13.98 -11.02 -23.13
CA GLU D 491 -13.28 -9.97 -22.39
C GLU D 491 -12.63 -8.99 -23.36
N GLU D 492 -13.06 -7.74 -23.30
CA GLU D 492 -12.65 -6.70 -24.25
C GLU D 492 -11.14 -6.56 -24.36
N LEU D 493 -10.47 -6.74 -23.23
CA LEU D 493 -9.02 -6.64 -23.15
C LEU D 493 -8.34 -7.51 -24.22
N TRP D 494 -8.98 -8.63 -24.56
CA TRP D 494 -8.37 -9.61 -25.44
C TRP D 494 -9.01 -9.69 -26.84
N GLN D 495 -9.94 -8.78 -27.13
CA GLN D 495 -10.65 -8.80 -28.41
C GLN D 495 -9.72 -8.50 -29.59
N ALA D 496 -10.19 -8.87 -30.77
CA ALA D 496 -9.57 -8.52 -32.04
C ALA D 496 -9.33 -7.02 -32.18
N ARG D 497 -8.44 -6.66 -33.11
CA ARG D 497 -8.10 -5.27 -33.39
C ARG D 497 -7.94 -5.03 -34.89
N PRO D 498 -8.36 -3.85 -35.35
CA PRO D 498 -8.17 -3.54 -36.78
C PRO D 498 -6.72 -3.21 -37.06
N TYR D 499 -6.31 -3.41 -38.32
CA TYR D 499 -4.95 -3.12 -38.79
C TYR D 499 -5.11 -2.64 -40.22
N GLU D 500 -4.09 -1.97 -40.73
CA GLU D 500 -4.02 -1.60 -42.13
C GLU D 500 -3.05 -2.56 -42.80
N LEU D 501 -3.39 -3.00 -44.00
CA LEU D 501 -2.54 -3.94 -44.72
C LEU D 501 -1.12 -3.42 -44.96
N GLY D 502 -0.97 -2.12 -45.17
CA GLY D 502 0.33 -1.54 -45.35
C GLY D 502 1.22 -1.74 -44.13
N GLU D 503 0.62 -1.63 -42.96
CA GLU D 503 1.29 -1.86 -41.69
C GLU D 503 1.80 -3.29 -41.65
N PHE D 504 0.95 -4.21 -42.08
CA PHE D 504 1.30 -5.62 -41.98
C PHE D 504 2.43 -6.00 -42.92
N GLN D 505 2.33 -5.57 -44.17
CA GLN D 505 3.33 -5.94 -45.16
C GLN D 505 4.66 -5.27 -44.89
N ALA D 506 4.60 -4.07 -44.30
CA ALA D 506 5.79 -3.29 -44.02
C ALA D 506 6.38 -3.66 -42.66
N GLN D 507 5.67 -4.51 -41.94
CA GLN D 507 6.08 -4.89 -40.60
C GLN D 507 6.41 -3.65 -39.77
N SER D 508 5.54 -2.63 -39.87
CA SER D 508 5.67 -1.39 -39.11
C SER D 508 4.34 -1.10 -38.44
N GLY D 509 4.25 -0.02 -37.65
CA GLY D 509 3.02 0.25 -36.93
C GLY D 509 2.77 -0.81 -35.87
N GLN D 510 1.57 -1.37 -35.82
CA GLN D 510 1.22 -2.41 -34.84
C GLN D 510 2.07 -3.65 -35.02
N PHE D 511 2.78 -3.72 -36.13
CA PHE D 511 3.57 -4.90 -36.42
C PHE D 511 5.05 -4.59 -36.31
N SER D 512 5.40 -3.45 -35.74
CA SER D 512 6.83 -3.11 -35.59
C SER D 512 7.38 -3.99 -34.48
N VAL D 513 8.70 -4.15 -34.45
CA VAL D 513 9.32 -4.96 -33.39
C VAL D 513 8.88 -4.40 -32.04
N GLN D 514 9.03 -3.10 -31.89
CA GLN D 514 8.76 -2.49 -30.60
C GLN D 514 7.30 -2.63 -30.17
N ALA D 515 6.36 -2.50 -31.10
CA ALA D 515 4.94 -2.55 -30.74
C ALA D 515 4.51 -3.97 -30.39
N VAL D 516 5.03 -4.95 -31.11
CA VAL D 516 4.76 -6.34 -30.83
C VAL D 516 5.35 -6.64 -29.46
N THR D 517 6.54 -6.12 -29.20
CA THR D 517 7.23 -6.36 -27.94
C THR D 517 6.45 -5.82 -26.74
N GLU D 518 6.02 -4.56 -26.84
CA GLU D 518 5.26 -3.96 -25.75
C GLU D 518 3.98 -4.72 -25.54
N ARG D 519 3.26 -5.05 -26.59
CA ARG D 519 1.97 -5.74 -26.43
C ARG D 519 2.05 -7.12 -25.76
N ILE D 520 3.02 -7.92 -26.17
CA ILE D 520 3.23 -9.23 -25.60
C ILE D 520 3.69 -9.16 -24.14
N GLN D 521 4.60 -8.25 -23.86
CA GLN D 521 5.12 -8.08 -22.52
C GLN D 521 3.98 -7.70 -21.59
N THR D 522 3.07 -6.90 -22.09
CA THR D 522 1.92 -6.45 -21.30
C THR D 522 0.96 -7.62 -21.02
N MET D 523 0.62 -8.39 -22.06
CA MET D 523 -0.15 -9.63 -21.89
C MET D 523 0.49 -10.52 -20.83
N ALA D 524 1.81 -10.66 -20.91
CA ALA D 524 2.58 -11.51 -20.02
C ALA D 524 2.38 -11.14 -18.55
N GLU D 525 2.35 -9.84 -18.29
CA GLU D 525 2.26 -9.35 -16.92
C GLU D 525 1.00 -9.83 -16.22
N TYR D 526 -0.04 -10.17 -16.99
CA TYR D 526 -1.27 -10.71 -16.40
C TYR D 526 -1.11 -12.12 -15.88
N ARG D 527 -0.01 -12.77 -16.27
CA ARG D 527 0.32 -14.11 -15.78
C ARG D 527 -0.81 -15.15 -15.92
N PRO D 528 -1.36 -15.30 -17.13
CA PRO D 528 -2.55 -16.13 -17.39
C PRO D 528 -2.38 -17.62 -17.08
N TYR D 529 -1.16 -18.12 -17.06
CA TYR D 529 -0.97 -19.56 -16.91
C TYR D 529 -0.25 -19.97 -15.62
N ALA D 530 -0.07 -19.03 -14.72
CA ALA D 530 0.68 -19.26 -13.50
C ALA D 530 0.12 -20.40 -12.64
N ALA D 531 -1.18 -20.64 -12.68
CA ALA D 531 -1.78 -21.72 -11.90
C ALA D 531 -1.26 -23.11 -12.30
N ALA D 532 -0.78 -23.25 -13.52
CA ALA D 532 -0.11 -24.49 -13.91
C ALA D 532 1.35 -24.50 -13.44
N ASP D 533 1.74 -23.46 -12.70
CA ASP D 533 3.10 -23.25 -12.21
C ASP D 533 4.16 -23.39 -13.31
C1 NAG E . 14.78 43.87 29.81
C2 NAG E . 15.52 44.53 30.97
C3 NAG E . 14.66 45.55 31.72
C4 NAG E . 13.89 46.48 30.77
C5 NAG E . 13.15 45.56 29.81
C6 NAG E . 12.12 46.22 28.92
C7 NAG E . 17.23 43.36 32.20
C8 NAG E . 17.59 42.34 33.25
N2 NAG E . 15.94 43.54 31.95
O3 NAG E . 15.43 46.25 32.68
O4 NAG E . 12.98 47.25 31.53
O5 NAG E . 14.10 44.85 29.05
O6 NAG E . 12.81 46.90 27.91
O7 NAG E . 18.11 43.95 31.59
C1 NAG E . 13.23 48.68 31.44
C2 NAG E . 11.92 49.20 32.02
C3 NAG E . 11.96 50.70 32.17
C4 NAG E . 13.16 51.13 32.99
C5 NAG E . 14.42 50.52 32.39
C6 NAG E . 15.65 50.79 33.26
C7 NAG E . 9.84 48.07 31.51
C8 NAG E . 8.82 47.74 30.45
N2 NAG E . 10.84 48.87 31.13
O3 NAG E . 10.75 51.11 32.76
O4 NAG E . 13.24 52.54 33.02
O5 NAG E . 14.31 49.12 32.26
O6 NAG E . 15.51 50.10 34.48
O7 NAG E . 9.75 47.61 32.65
C1 NAG F . -2.68 46.41 34.65
C2 NAG F . -4.02 46.51 33.91
C3 NAG F . -5.07 47.26 34.74
C4 NAG F . -5.23 46.65 36.13
C5 NAG F . -3.84 46.49 36.78
C6 NAG F . -3.91 45.71 38.08
C7 NAG F . -3.58 46.70 31.47
C8 NAG F . -3.35 47.71 30.36
N2 NAG F . -3.86 47.23 32.66
O3 NAG F . -6.32 47.31 34.06
O4 NAG F . -6.01 47.55 36.90
O5 NAG F . -2.89 45.86 35.95
O6 NAG F . -4.20 44.36 37.80
O7 NAG F . -3.50 45.50 31.24
C1 NAG F . -7.10 46.93 37.64
C2 NAG F . -7.41 47.96 38.73
C3 NAG F . -8.66 47.62 39.52
C4 NAG F . -9.81 47.29 38.59
C5 NAG F . -9.33 46.21 37.64
C6 NAG F . -10.45 45.64 36.79
C7 NAG F . -5.43 49.14 39.47
C8 NAG F . -4.20 49.21 40.34
N2 NAG F . -6.28 48.13 39.63
O3 NAG F . -9.03 48.68 40.36
O4 NAG F . -10.95 46.86 39.31
O5 NAG F . -8.27 46.74 36.87
O6 NAG F . -10.20 45.91 35.42
O7 NAG F . -5.63 50.02 38.62
C1 NAG G . -22.83 17.17 6.61
C2 NAG G . -21.79 16.72 5.59
C3 NAG G . -22.28 15.56 4.73
C4 NAG G . -22.95 14.46 5.54
C5 NAG G . -23.98 15.10 6.44
C6 NAG G . -24.75 14.05 7.24
C7 NAG G . -20.18 18.27 4.71
C8 NAG G . -19.83 19.36 3.72
N2 NAG G . -21.43 17.80 4.69
O3 NAG G . -21.21 15.06 3.96
O4 NAG G . -23.62 13.56 4.68
O5 NAG G . -23.36 16.03 7.29
O6 NAG G . -25.71 14.68 8.06
O7 NAG G . -19.35 17.83 5.50
C1 NAG G . -23.14 12.21 4.83
C2 NAG G . -24.21 11.51 3.98
C3 NAG G . -23.89 10.04 3.81
C4 NAG G . -22.44 9.83 3.38
C5 NAG G . -21.48 10.65 4.22
C6 NAG G . -20.07 10.62 3.64
C7 NAG G . -26.52 12.21 4.08
C8 NAG G . -27.76 12.24 4.92
N2 NAG G . -25.47 11.63 4.65
O3 NAG G . -24.78 9.50 2.87
O4 NAG G . -22.12 8.46 3.48
O5 NAG G . -21.88 12.00 4.24
O6 NAG G . -20.10 11.27 2.39
O7 NAG G . -26.49 12.72 2.96
C1 NAG H . -38.35 11.88 -1.52
C2 NAG H . -39.77 11.50 -1.04
C3 NAG H . -40.52 10.62 -2.05
C4 NAG H . -40.47 11.20 -3.45
C5 NAG H . -39.03 11.57 -3.79
C6 NAG H . -38.93 12.23 -5.16
C7 NAG H . -39.76 11.28 1.41
C8 NAG H . -39.67 10.28 2.54
N2 NAG H . -39.67 10.75 0.19
O3 NAG H . -41.86 10.42 -1.63
O4 NAG H . -40.93 10.20 -4.34
O5 NAG H . -38.44 12.42 -2.82
O6 NAG H . -39.42 13.56 -5.12
O7 NAG H . -39.90 12.48 1.62
C1 NAG H . -41.97 10.68 -5.24
C2 NAG H . -41.88 9.68 -6.40
C3 NAG H . -42.97 9.95 -7.43
C4 NAG H . -44.32 9.95 -6.75
C5 NAG H . -44.29 10.94 -5.62
C6 NAG H . -45.66 11.01 -4.95
C7 NAG H . -39.66 8.82 -6.73
C8 NAG H . -38.34 8.87 -7.46
N2 NAG H . -40.57 9.73 -7.04
O3 NAG H . -42.94 8.98 -8.47
O4 NAG H . -45.34 10.29 -7.66
O5 NAG H . -43.27 10.61 -4.69
O6 NAG H . -45.71 12.04 -4.00
O7 NAG H . -39.87 7.95 -5.87
C1 NAG I . 26.50 -42.72 -21.73
C2 NAG I . 25.70 -44.03 -21.82
C3 NAG I . 26.55 -45.22 -22.26
C4 NAG I . 27.43 -44.88 -23.47
C5 NAG I . 28.17 -43.58 -23.13
C6 NAG I . 29.22 -43.16 -24.16
C7 NAG I . 23.88 -44.49 -20.34
C8 NAG I . 23.41 -44.89 -18.96
N2 NAG I . 25.18 -44.36 -20.51
O3 NAG I . 25.69 -46.31 -22.50
O4 NAG I . 28.34 -45.93 -23.72
O5 NAG I . 27.23 -42.55 -22.92
O6 NAG I . 28.61 -42.32 -25.10
O7 NAG I . 23.09 -44.27 -21.26
C1 NAG I . 28.22 -46.42 -25.07
C2 NAG I . 29.51 -47.23 -25.15
C3 NAG I . 29.53 -48.19 -26.33
C4 NAG I . 28.21 -48.97 -26.41
C5 NAG I . 27.08 -47.95 -26.46
C6 NAG I . 25.70 -48.61 -26.60
C7 NAG I . 31.62 -46.31 -24.40
C8 NAG I . 32.66 -45.26 -24.64
N2 NAG I . 30.62 -46.34 -25.29
O3 NAG I . 30.61 -49.08 -26.16
O4 NAG I . 28.17 -49.82 -27.54
O5 NAG I . 27.10 -47.26 -25.24
O6 NAG I . 25.42 -49.31 -25.41
O7 NAG I . 31.68 -47.07 -23.44
C1 NAG J . 43.71 -48.86 -20.52
C2 NAG J . 45.09 -48.28 -20.87
C3 NAG J . 46.15 -49.38 -21.04
C4 NAG J . 46.13 -50.40 -19.90
C5 NAG J . 44.71 -50.85 -19.63
C6 NAG J . 44.66 -51.75 -18.40
C7 NAG J . 44.77 -46.25 -22.27
C8 NAG J . 44.71 -45.74 -23.68
N2 NAG J . 45.02 -47.56 -22.13
O3 NAG J . 47.44 -48.83 -21.17
O4 NAG J . 46.88 -51.52 -20.33
O5 NAG J . 43.84 -49.75 -19.44
O6 NAG J . 44.87 -51.00 -17.22
O7 NAG J . 44.63 -45.47 -21.33
C1 NAG J . 47.87 -51.96 -19.38
C2 NAG J . 48.17 -53.41 -19.81
C3 NAG J . 49.37 -54.00 -19.06
C4 NAG J . 50.55 -53.02 -19.06
C5 NAG J . 50.00 -51.72 -18.49
C6 NAG J . 51.08 -50.74 -18.06
C7 NAG J . 46.21 -54.56 -20.66
C8 NAG J . 44.95 -55.35 -20.41
N2 NAG J . 47.02 -54.28 -19.64
O3 NAG J . 49.75 -55.22 -19.64
O4 NAG J . 51.59 -53.55 -18.24
O5 NAG J . 49.05 -51.19 -19.40
O6 NAG J . 51.24 -49.72 -19.01
O7 NAG J . 46.44 -54.16 -21.80
C1 NAG K . -18.49 -18.38 -14.63
C2 NAG K . -19.47 -17.19 -14.76
C3 NAG K . -18.95 -15.90 -14.14
C4 NAG K . -18.37 -16.13 -12.74
C5 NAG K . -17.42 -17.34 -12.76
C6 NAG K . -16.91 -17.65 -11.35
C7 NAG K . -21.03 -17.07 -16.55
C8 NAG K . -21.39 -16.61 -17.94
N2 NAG K . -19.79 -16.89 -16.15
O3 NAG K . -20.01 -14.98 -14.09
O4 NAG K . -17.64 -14.98 -12.35
O5 NAG K . -18.05 -18.49 -13.29
O6 NAG K . -15.73 -18.43 -11.41
O7 NAG K . -21.86 -17.60 -15.82
C1 NAG K . -18.14 -14.46 -11.10
C2 NAG K . -17.06 -13.43 -10.75
C3 NAG K . -17.46 -12.58 -9.57
C4 NAG K . -18.84 -11.97 -9.79
C5 NAG K . -19.81 -13.12 -10.08
C6 NAG K . -21.22 -12.62 -10.33
C7 NAG K . -14.76 -13.97 -11.19
C8 NAG K . -13.56 -14.72 -10.75
N2 NAG K . -15.84 -14.14 -10.46
O3 NAG K . -16.49 -11.55 -9.39
O4 NAG K . -19.25 -11.21 -8.68
O5 NAG K . -19.39 -13.81 -11.23
O6 NAG K . -21.18 -11.75 -11.45
O7 NAG K . -14.73 -13.24 -12.19
C1 NAG L . -2.60 -9.45 -12.60
C2 NAG L . -1.25 -9.73 -11.96
C3 NAG L . -0.49 -8.45 -11.60
C4 NAG L . -0.41 -7.48 -12.76
C5 NAG L . -1.82 -7.28 -13.35
C6 NAG L . -1.82 -6.36 -14.58
C7 NAG L . -1.50 -11.81 -10.66
C8 NAG L . -1.78 -12.40 -9.31
N2 NAG L . -1.45 -10.48 -10.72
O3 NAG L . 0.81 -8.72 -11.07
O4 NAG L . 0.04 -6.26 -12.23
O5 NAG L . -2.48 -8.49 -13.65
O6 NAG L . -1.21 -6.96 -15.71
O7 NAG L . -1.32 -12.56 -11.63
C1 NAG L . 1.13 -5.70 -12.97
C2 NAG L . 1.07 -4.20 -12.68
C3 NAG L . 2.23 -3.50 -13.37
C4 NAG L . 3.52 -4.13 -12.88
C5 NAG L . 3.49 -5.61 -13.21
C6 NAG L . 4.80 -6.30 -12.84
C7 NAG L . -1.14 -3.36 -12.20
C8 NAG L . -2.48 -2.83 -12.67
N2 NAG L . -0.21 -3.65 -13.11
O3 NAG L . 2.23 -2.11 -13.14
O4 NAG L . 4.64 -3.53 -13.50
O5 NAG L . 2.39 -6.20 -12.54
O6 NAG L . 4.89 -7.57 -13.43
O7 NAG L . -0.91 -3.50 -11.01
CU CU M . 25.26 20.41 25.65
CU CU N . 14.85 26.00 29.50
CU CU O . 12.52 21.86 28.46
CU CU P . 11.46 25.59 27.28
CU CU Q . -17.50 42.02 12.31
CU CU R . -25.77 34.89 6.56
CU CU S . -29.00 38.55 7.12
CU CU T . -29.60 34.69 8.19
CU CU U . 15.38 -27.57 -3.76
CU CU V . 25.77 -34.09 -6.09
CU CU W . 27.94 -31.27 -2.76
CU CU X . 29.23 -32.07 -6.63
CU CU Y . -23.19 -34.94 -34.24
CU CU Z . -14.81 -26.79 -30.06
CU CU AA . -11.46 -29.16 -32.81
CU CU BA . -11.15 -28.25 -28.80
#